data_5NKM
#
_entry.id   5NKM
#
_cell.length_a   111.085
_cell.length_b   111.085
_cell.length_c   374.474
_cell.angle_alpha   90.000
_cell.angle_beta   90.000
_cell.angle_gamma   120.000
#
_symmetry.space_group_name_H-M   'P 32 2 1'
#
loop_
_entity.id
_entity.type
_entity.pdbx_description
1 polymer 'Protein smg-8'
2 polymer 'Protein smg-9'
3 polymer 'Protein smg-9'
4 polymer 'Protein smg-8'
5 non-polymer 1,2-ETHANEDIOL
6 non-polymer 2-AMINO-2-HYDROXYMETHYL-PROPANE-1,3-DIOL
7 non-polymer DI(HYDROXYETHYL)ETHER
8 water water
#
loop_
_entity_poly.entity_id
_entity_poly.type
_entity_poly.pdbx_seq_one_letter_code
_entity_poly.pdbx_strand_id
1 'polypeptide(L)'
;(MSE)DIAKWVEHARTCYSTQLDTKIKVIGVIGKDYPDHGKGDNINCYLRENVFPVAATEDETCTIRGHFSEDDQILFLV
(MSE)NGVDDVANIRKCLKSNPKSNYFDA(MSE)AESECQQIR(MSE)LHFLFISCHFIIIFEQTSRIDLEL(MSE)RFL
KKVNSARIQLRKKINQRLVASDLRDVSFNNRILSSAESEGR(MSE)VVPRLLIAFQRNNIRPDVNPGKKLQRELYEKLEK
NLDNQFSDILKLYDLIDCGASSLCQLNETIPVVHLLNPKIVKRDIIGE(MSE)FEIL(MSE)ADAENTKISGNAGTLPSN
NSFVKFLEDNFRSEKNEISLENVIEL(MSE)NCLQCVLDGDLEEKHEKTAIQTFIKRIQNDH(MSE)EEARRLYTNAQRP
GERRGADRFKDSEKPVKIRSKEEHL(MSE)RFNEATHYIDSVVGVNSREALSQLQAQCNE(MSE)WQSD(MSE)RHHHHH
H
;
A,C
2 'polypeptide(L)'
;(MSE)KESVRFLTDFGEISDAISDLLTSSPNFNVISAIGPQGAGKSTLLS(MSE)LAGNNSRQ(MSE)YREYVFRPVSRE
ANEQSRHQTIQIDIYIVNHQIFLDCQP(MSE)YSFSI(MSE)EGLPKVRGGRFDDSTA(MSE)SDTLRLTAFLLYVSHTV
LVVSETHYDKVIIDTLRVAEQIRPYLAIFRPKLAIDRKTNLVFIKTKASSIDLAPTVIREREELLRLSFQDSRWLKVSQE
PFKTLIVLEEIRVRREHLFEEGDEPDEAASLNEFDEQIAELREELQKNREDFTVETAA(MSE)DEKKWLD(MSE)CREVI
RDKTLHKTLKEYQRA(MSE)TDGVRTHFDNGFH
;
B
3 'polypeptide(L)'
;(MSE)KESVRFLTDFGEISDAISDLLTSSPNFNVISAIGPQGAGKSTLLS(MSE)LAGNNSRQ(MSE)YREYVFRPVSRE
ANEQSRHQTIQIDIYIVNHQIFLDCQP(MSE)YSFSI(MSE)EGLPKVRGGRFDDSTA(MSE)SDTLRLTAFLLYVSHTV
LVVSETHYDKVIIDTLRVAEQIRPYLAIFRPKLAIDRKTNLVFIKTKASSIDLAPTVIREREELLRLSFQDSRWLKVSQE
PFKTLIVLEEIRVRREHLFEEGDEPDEAASLNEFDEQIAELREELQKNREDFTVETAA(MSE)DEKKWLD(MSE)CREVI
RDKTLHKTLKEYQRA(MSE)T
;
D,F
4 'polypeptide(L)'
;(MSE)DIAKWVEHARTCYSTQLDTKIKVIGVIGKDYPDHGKGDNINCYLRENVFPVAATEDETCTIRGHFSEDDQILFLV
(MSE)NGVDDVANIRKCLKSNPKSNYFDA(MSE)AESECQQIR(MSE)LHFLFISCHFIIIFEQTSRIDLEL(MSE)RFL
KKVNSARIQLRKKINQRLVASDLRDVSFNNRILSSAESEGR(MSE)VVPRLLIAFQRNNIRPDVNPGKKLQRELYEKLEK
NLDNQFSDILKLYDLIDCGASSLCQLNETIPVVHLLNPKIVKRDIIGE(MSE)FEIL(MSE)ADAENTKISGNAGTLPSN
NSFVKFLEDNFRSEKNEISLENVIEL(MSE)NCLQCVLDGDLEEKHEKTAIQTFIKRIQNDH(MSE)EEARRLYTNAQRP
GERRGADRFKDSEKPVKIRSKEEHL(MSE)RFNEATHYIDSVVGVNSREALSQLQAQCNE(MSE)WQ
;
E
#
# COMPACT_ATOMS: atom_id res chain seq x y z
N ASP A 2 17.85 24.51 -38.58
CA ASP A 2 16.97 23.35 -38.54
C ASP A 2 17.76 22.07 -38.61
N ILE A 3 17.45 21.13 -37.71
CA ILE A 3 18.23 19.89 -37.64
C ILE A 3 18.08 19.09 -38.92
N ALA A 4 16.92 19.17 -39.59
CA ALA A 4 16.74 18.47 -40.85
C ALA A 4 17.73 18.96 -41.91
N LYS A 5 17.95 20.28 -41.97
CA LYS A 5 18.92 20.83 -42.90
C LYS A 5 20.34 20.66 -42.40
N TRP A 6 20.53 20.56 -41.08
CA TRP A 6 21.86 20.45 -40.51
C TRP A 6 22.56 19.18 -40.97
N VAL A 7 21.81 18.09 -41.08
CA VAL A 7 22.39 16.80 -41.44
C VAL A 7 22.93 16.80 -42.87
N GLU A 8 22.18 17.38 -43.81
CA GLU A 8 22.57 17.27 -45.21
C GLU A 8 23.98 17.80 -45.48
N HIS A 9 24.41 18.83 -44.76
CA HIS A 9 25.71 19.43 -45.02
C HIS A 9 26.72 19.23 -43.89
N ALA A 10 26.31 18.64 -42.77
CA ALA A 10 27.20 18.52 -41.62
C ALA A 10 28.41 17.66 -41.93
N ARG A 11 28.27 16.68 -42.81
CA ARG A 11 29.38 15.75 -43.04
C ARG A 11 30.57 16.48 -43.65
N THR A 12 30.30 17.51 -44.46
CA THR A 12 31.37 18.25 -45.14
C THR A 12 31.80 19.50 -44.38
N CYS A 13 30.87 20.16 -43.67
CA CYS A 13 31.25 21.36 -42.93
C CYS A 13 32.21 21.03 -41.79
N TYR A 14 32.08 19.85 -41.20
CA TYR A 14 32.96 19.38 -40.14
C TYR A 14 33.75 18.16 -40.60
N SER A 15 34.13 18.15 -41.87
CA SER A 15 34.84 17.01 -42.45
C SER A 15 36.11 16.69 -41.66
N THR A 16 36.67 17.68 -40.97
CA THR A 16 37.90 17.49 -40.23
C THR A 16 37.68 16.97 -38.82
N GLN A 17 36.43 16.95 -38.35
CA GLN A 17 36.13 16.57 -36.97
C GLN A 17 35.12 15.42 -36.92
N LEU A 18 35.15 14.52 -37.91
CA LEU A 18 34.18 13.44 -37.92
C LEU A 18 34.46 12.39 -36.84
N ASP A 19 35.69 12.34 -36.33
CA ASP A 19 36.07 11.39 -35.29
C ASP A 19 36.04 12.01 -33.90
N THR A 20 35.78 13.31 -33.79
CA THR A 20 35.72 13.97 -32.49
C THR A 20 34.59 13.40 -31.65
N LYS A 21 34.87 13.18 -30.37
CA LYS A 21 33.88 12.67 -29.41
C LYS A 21 33.15 13.86 -28.79
N ILE A 22 31.82 13.82 -28.78
CA ILE A 22 30.99 14.95 -28.37
C ILE A 22 29.86 14.48 -27.47
N LYS A 23 29.10 15.44 -26.94
CA LYS A 23 27.82 15.21 -26.29
C LYS A 23 26.73 15.93 -27.06
N VAL A 24 25.49 15.46 -26.89
CA VAL A 24 24.30 16.08 -27.46
C VAL A 24 23.45 16.57 -26.31
N ILE A 25 23.14 17.87 -26.31
CA ILE A 25 22.42 18.52 -25.21
C ILE A 25 21.11 19.09 -25.75
N GLY A 26 20.00 18.70 -25.14
CA GLY A 26 18.70 19.22 -25.49
C GLY A 26 18.32 20.41 -24.63
N VAL A 27 17.47 21.29 -25.18
CA VAL A 27 17.12 22.54 -24.51
C VAL A 27 15.62 22.77 -24.67
N ILE A 28 14.93 22.95 -23.55
CA ILE A 28 13.49 23.21 -23.53
C ILE A 28 13.27 24.56 -22.84
N GLY A 29 12.58 25.46 -23.53
CA GLY A 29 12.28 26.76 -22.96
C GLY A 29 11.23 27.47 -23.79
N LYS A 30 10.84 28.65 -23.30
CA LYS A 30 9.87 29.50 -23.97
C LYS A 30 10.48 30.87 -24.27
N ASP A 31 10.01 31.49 -25.35
CA ASP A 31 10.43 32.83 -25.68
C ASP A 31 9.73 33.85 -24.79
N TYR A 32 10.44 34.94 -24.51
CA TYR A 32 9.89 36.04 -23.74
C TYR A 32 10.36 37.35 -24.36
N PRO A 33 9.78 38.49 -23.97
CA PRO A 33 10.25 39.77 -24.53
C PRO A 33 11.73 39.99 -24.20
N ASP A 34 12.53 40.17 -25.24
CA ASP A 34 13.96 40.44 -25.09
C ASP A 34 14.68 39.30 -24.37
N HIS A 35 14.20 38.07 -24.55
CA HIS A 35 14.86 36.91 -23.92
C HIS A 35 14.34 35.64 -24.60
N GLY A 36 15.16 35.07 -25.47
CA GLY A 36 14.82 33.82 -26.12
C GLY A 36 15.18 32.60 -25.29
N LYS A 37 14.70 31.45 -25.76
CA LYS A 37 14.93 30.19 -25.05
C LYS A 37 16.41 29.99 -24.73
N GLY A 38 17.25 30.05 -25.76
CA GLY A 38 18.65 29.69 -25.63
C GLY A 38 19.55 30.87 -25.32
N ASP A 39 19.00 31.94 -24.76
CA ASP A 39 19.82 33.10 -24.42
C ASP A 39 20.84 32.76 -23.33
N ASN A 40 20.50 31.85 -22.41
CA ASN A 40 21.49 31.40 -21.44
C ASN A 40 22.50 30.43 -22.04
N ILE A 41 22.10 29.63 -23.02
CA ILE A 41 23.04 28.68 -23.62
C ILE A 41 23.94 29.36 -24.65
N ASN A 42 23.39 30.23 -25.49
CA ASN A 42 24.27 30.99 -26.37
C ASN A 42 25.20 31.90 -25.55
N CYS A 43 24.74 32.31 -24.36
CA CYS A 43 25.61 33.03 -23.44
C CYS A 43 26.72 32.14 -22.91
N TYR A 44 26.46 30.84 -22.81
CA TYR A 44 27.51 29.89 -22.46
C TYR A 44 28.53 29.75 -23.58
N LEU A 45 28.06 29.83 -24.83
CA LEU A 45 28.94 29.84 -25.99
C LEU A 45 29.57 31.20 -26.24
N ARG A 46 29.11 32.25 -25.55
CA ARG A 46 29.58 33.60 -25.81
C ARG A 46 29.46 33.94 -27.29
N GLU A 47 28.35 33.50 -27.88
CA GLU A 47 28.05 33.75 -29.29
C GLU A 47 26.55 33.68 -29.44
N ASN A 48 25.91 34.79 -29.80
CA ASN A 48 24.46 34.82 -29.91
C ASN A 48 24.02 33.97 -31.09
N VAL A 49 23.86 32.66 -30.85
CA VAL A 49 23.51 31.72 -31.90
C VAL A 49 22.00 31.66 -32.12
N PHE A 50 21.23 31.55 -31.04
CA PHE A 50 19.80 31.38 -31.21
C PHE A 50 19.08 32.72 -31.07
N PRO A 51 17.94 32.90 -31.72
CA PRO A 51 17.30 34.22 -31.77
C PRO A 51 16.58 34.58 -30.49
N VAL A 52 16.28 35.88 -30.37
CA VAL A 52 15.44 36.36 -29.26
C VAL A 52 14.04 35.78 -29.39
N ALA A 53 13.57 35.58 -30.61
CA ALA A 53 12.25 35.01 -30.86
C ALA A 53 12.31 34.23 -32.15
N ALA A 54 11.78 33.01 -32.14
CA ALA A 54 11.78 32.18 -33.33
C ALA A 54 10.87 32.81 -34.38
N THR A 55 11.37 32.90 -35.61
CA THR A 55 10.57 33.42 -36.72
C THR A 55 9.63 32.33 -37.24
N GLU A 56 8.74 32.74 -38.14
CA GLU A 56 7.75 31.80 -38.67
C GLU A 56 8.43 30.61 -39.35
N ASP A 57 9.52 30.86 -40.07
CA ASP A 57 10.21 29.77 -40.75
C ASP A 57 10.86 28.79 -39.77
N GLU A 58 11.07 29.21 -38.53
CA GLU A 58 11.75 28.39 -37.53
C GLU A 58 10.80 27.70 -36.57
N THR A 59 9.49 27.90 -36.70
CA THR A 59 8.54 27.33 -35.74
C THR A 59 8.48 25.81 -35.89
N CYS A 60 8.22 25.14 -34.77
CA CYS A 60 8.04 23.69 -34.74
C CYS A 60 9.22 22.97 -35.40
N THR A 61 10.42 23.39 -35.03
CA THR A 61 11.63 22.74 -35.50
C THR A 61 12.63 22.67 -34.37
N ILE A 62 13.48 21.65 -34.40
CA ILE A 62 14.64 21.59 -33.52
C ILE A 62 15.77 22.33 -34.20
N ARG A 63 16.40 23.26 -33.49
CA ARG A 63 17.46 24.08 -34.03
C ARG A 63 18.78 23.62 -33.41
N GLY A 64 19.70 23.18 -34.26
CA GLY A 64 20.96 22.62 -33.82
C GLY A 64 22.12 23.56 -34.10
N HIS A 65 23.04 23.62 -33.15
CA HIS A 65 24.30 24.33 -33.34
C HIS A 65 25.39 23.51 -32.67
N PHE A 66 26.45 23.21 -33.41
CA PHE A 66 27.57 22.43 -32.91
C PHE A 66 28.69 23.38 -32.53
N SER A 67 29.01 23.42 -31.23
CA SER A 67 30.16 24.19 -30.75
C SER A 67 31.40 23.32 -30.87
N GLU A 68 32.35 23.73 -31.71
CA GLU A 68 33.53 22.91 -31.95
C GLU A 68 34.49 22.96 -30.77
N ASP A 69 34.55 24.10 -30.07
CA ASP A 69 35.46 24.22 -28.92
C ASP A 69 34.97 23.37 -27.75
N ASP A 70 33.66 23.30 -27.54
CA ASP A 70 33.09 22.59 -26.41
C ASP A 70 32.75 21.14 -26.74
N GLN A 71 32.82 20.75 -28.01
CA GLN A 71 32.46 19.40 -28.43
C GLN A 71 31.05 19.05 -27.96
N ILE A 72 30.11 19.96 -28.22
CA ILE A 72 28.72 19.82 -27.82
C ILE A 72 27.83 20.19 -28.99
N LEU A 73 26.85 19.35 -29.29
CA LEU A 73 25.78 19.68 -30.22
C LEU A 73 24.55 20.06 -29.41
N PHE A 74 24.19 21.34 -29.43
CA PHE A 74 23.03 21.83 -28.70
C PHE A 74 21.79 21.70 -29.57
N LEU A 75 20.68 21.29 -28.97
CA LEU A 75 19.39 21.18 -29.63
C LEU A 75 18.38 22.01 -28.86
N VAL A 76 17.94 23.10 -29.47
CA VAL A 76 16.93 23.99 -28.89
C VAL A 76 15.63 23.75 -29.63
N ASN A 78 11.88 24.69 -30.80
CA ASN A 78 10.86 25.72 -31.02
C ASN A 78 9.50 25.05 -30.93
N GLY A 79 8.80 25.30 -29.82
CA GLY A 79 7.60 24.58 -29.48
C GLY A 79 6.33 25.34 -29.79
N VAL A 80 5.23 24.88 -29.17
CA VAL A 80 3.91 25.43 -29.44
C VAL A 80 3.72 26.82 -28.87
N ASP A 81 4.56 27.23 -27.90
CA ASP A 81 4.36 28.48 -27.19
C ASP A 81 4.96 29.70 -27.90
N ASP A 82 5.70 29.50 -28.98
CA ASP A 82 6.28 30.64 -29.69
C ASP A 82 5.19 31.52 -30.28
N VAL A 83 5.34 32.83 -30.12
CA VAL A 83 4.35 33.76 -30.66
C VAL A 83 4.15 33.51 -32.14
N ALA A 84 5.24 33.24 -32.86
CA ALA A 84 5.15 33.04 -34.30
C ALA A 84 4.41 31.77 -34.65
N ASN A 85 4.45 30.76 -33.78
CA ASN A 85 3.72 29.52 -34.06
C ASN A 85 2.22 29.70 -33.83
N ILE A 86 1.85 30.42 -32.76
CA ILE A 86 0.44 30.66 -32.50
C ILE A 86 -0.15 31.53 -33.59
N ARG A 87 0.60 32.53 -34.05
CA ARG A 87 0.16 33.33 -35.20
C ARG A 87 -0.02 32.45 -36.43
N LYS A 88 0.97 31.62 -36.73
CA LYS A 88 0.91 30.79 -37.94
C LYS A 88 -0.28 29.84 -37.90
N CYS A 89 -0.52 29.20 -36.76
CA CYS A 89 -1.57 28.19 -36.67
C CYS A 89 -2.96 28.79 -36.85
N LEU A 90 -3.23 29.88 -36.14
CA LEU A 90 -4.56 30.49 -36.13
C LEU A 90 -4.83 31.40 -37.34
N LYS A 91 -3.87 31.59 -38.25
CA LYS A 91 -4.10 32.36 -39.46
C LYS A 91 -4.05 31.54 -40.74
N SER A 92 -3.59 30.30 -40.69
CA SER A 92 -3.46 29.51 -41.92
C SER A 92 -4.80 29.37 -42.62
N ASN A 93 -5.86 29.07 -41.87
CA ASN A 93 -7.19 28.98 -42.46
C ASN A 93 -8.23 29.24 -41.38
N PRO A 94 -8.79 30.46 -41.31
CA PRO A 94 -9.87 30.72 -40.34
C PRO A 94 -11.14 29.92 -40.59
N LYS A 95 -11.24 29.19 -41.70
CA LYS A 95 -12.38 28.30 -41.91
C LYS A 95 -12.26 27.02 -41.10
N SER A 96 -11.16 26.84 -40.37
CA SER A 96 -10.99 25.72 -39.46
C SER A 96 -11.43 26.17 -38.07
N ASN A 97 -10.92 25.53 -37.03
CA ASN A 97 -11.24 25.91 -35.66
C ASN A 97 -9.97 25.88 -34.82
N TYR A 98 -10.09 26.42 -33.60
CA TYR A 98 -8.95 26.55 -32.71
C TYR A 98 -8.33 25.19 -32.39
N PHE A 99 -9.18 24.18 -32.13
CA PHE A 99 -8.68 22.90 -31.66
C PHE A 99 -7.88 22.19 -32.74
N ASP A 100 -8.44 22.05 -33.94
CA ASP A 100 -7.71 21.41 -35.03
C ASP A 100 -6.51 22.23 -35.47
N ALA A 101 -6.51 23.54 -35.21
CA ALA A 101 -5.38 24.38 -35.63
C ALA A 101 -4.18 24.17 -34.72
N ALA A 103 -3.77 21.64 -32.61
CA ALA A 103 -3.47 20.21 -32.46
C ALA A 103 -2.22 19.81 -33.24
N GLU A 104 -2.09 20.29 -34.48
CA GLU A 104 -0.99 19.86 -35.32
C GLU A 104 0.36 20.24 -34.71
N SER A 105 0.48 21.47 -34.18
CA SER A 105 1.72 21.88 -33.54
C SER A 105 1.94 21.13 -32.23
N GLU A 106 0.86 20.81 -31.51
CA GLU A 106 0.99 20.00 -30.31
C GLU A 106 1.61 18.64 -30.63
N CYS A 107 1.16 18.01 -31.71
CA CYS A 107 1.71 16.70 -32.09
C CYS A 107 3.19 16.80 -32.44
N GLN A 108 3.57 17.86 -33.16
CA GLN A 108 4.97 18.02 -33.54
C GLN A 108 5.85 18.26 -32.32
N GLN A 109 5.33 18.94 -31.30
CA GLN A 109 6.11 19.13 -30.08
C GLN A 109 6.29 17.82 -29.33
N ILE A 110 5.32 16.91 -29.43
CA ILE A 110 5.49 15.57 -28.88
C ILE A 110 6.54 14.80 -29.67
N ARG A 111 6.50 14.90 -31.01
CA ARG A 111 7.49 14.22 -31.84
C ARG A 111 8.89 14.71 -31.55
N LEU A 113 10.04 16.39 -28.74
CA LEU A 113 10.44 15.99 -27.41
C LEU A 113 10.83 14.52 -27.39
N HIS A 114 10.06 13.68 -28.09
CA HIS A 114 10.46 12.29 -28.27
C HIS A 114 11.83 12.20 -28.93
N PHE A 115 12.07 13.06 -29.93
CA PHE A 115 13.37 13.10 -30.59
C PHE A 115 14.50 13.37 -29.60
N LEU A 116 14.34 14.39 -28.75
CA LEU A 116 15.40 14.77 -27.84
C LEU A 116 15.63 13.71 -26.77
N PHE A 117 14.54 13.23 -26.15
CA PHE A 117 14.68 12.35 -24.99
C PHE A 117 15.20 10.96 -25.33
N ILE A 118 15.48 10.67 -26.60
CA ILE A 118 16.12 9.42 -26.99
C ILE A 118 17.48 9.64 -27.63
N SER A 119 18.00 10.87 -27.59
CA SER A 119 19.24 11.17 -28.30
C SER A 119 20.11 12.22 -27.63
N CYS A 120 19.84 12.62 -26.38
CA CYS A 120 20.65 13.61 -25.69
C CYS A 120 21.23 13.02 -24.41
N HIS A 121 22.49 13.33 -24.13
CA HIS A 121 23.09 12.94 -22.87
C HIS A 121 22.44 13.68 -21.70
N PHE A 122 22.19 14.97 -21.88
CA PHE A 122 21.48 15.78 -20.89
C PHE A 122 20.42 16.61 -21.58
N ILE A 123 19.33 16.86 -20.87
CA ILE A 123 18.31 17.80 -21.29
C ILE A 123 18.08 18.78 -20.15
N ILE A 124 18.08 20.07 -20.47
CA ILE A 124 17.90 21.12 -19.47
C ILE A 124 16.62 21.87 -19.79
N ILE A 125 15.76 22.02 -18.79
CA ILE A 125 14.54 22.79 -18.90
C ILE A 125 14.80 24.18 -18.32
N PHE A 126 14.53 25.21 -19.12
CA PHE A 126 14.55 26.57 -18.63
C PHE A 126 13.14 27.02 -18.32
N GLU A 127 12.93 27.54 -17.11
CA GLU A 127 11.63 27.97 -16.66
C GLU A 127 11.79 29.29 -15.92
N GLN A 128 10.88 30.23 -16.17
CA GLN A 128 10.98 31.56 -15.59
C GLN A 128 9.92 31.85 -14.53
N THR A 129 8.90 31.01 -14.38
CA THR A 129 7.78 31.34 -13.51
C THR A 129 8.11 31.17 -12.03
N SER A 130 9.04 30.29 -11.69
CA SER A 130 9.43 29.90 -10.33
C SER A 130 8.63 28.69 -9.86
N ARG A 131 7.56 28.33 -10.53
CA ARG A 131 6.84 27.09 -10.28
C ARG A 131 7.07 26.12 -11.43
N ILE A 132 7.06 24.83 -11.11
CA ILE A 132 7.32 23.82 -12.13
C ILE A 132 6.15 23.77 -13.10
N ASP A 133 6.45 23.78 -14.39
CA ASP A 133 5.43 23.82 -15.43
C ASP A 133 4.80 22.45 -15.56
N LEU A 134 3.57 22.28 -15.07
CA LEU A 134 2.90 20.99 -15.17
C LEU A 134 2.41 20.70 -16.58
N GLU A 135 2.13 21.74 -17.38
CA GLU A 135 1.78 21.51 -18.77
C GLU A 135 2.92 20.82 -19.51
N LEU A 136 4.16 21.19 -19.19
CA LEU A 136 5.30 20.47 -19.74
C LEU A 136 5.29 19.01 -19.27
N ARG A 138 2.79 17.22 -18.33
CA ARG A 138 1.74 16.51 -19.05
C ARG A 138 2.20 16.18 -20.47
N PHE A 139 2.92 17.10 -21.10
CA PHE A 139 3.49 16.82 -22.41
C PHE A 139 4.46 15.65 -22.35
N LEU A 140 5.39 15.68 -21.37
CA LEU A 140 6.38 14.62 -21.27
C LEU A 140 5.73 13.26 -21.04
N LYS A 141 4.59 13.23 -20.32
CA LYS A 141 3.90 11.97 -20.11
C LYS A 141 3.33 11.44 -21.42
N LYS A 142 2.78 12.32 -22.26
CA LYS A 142 2.35 11.92 -23.59
C LYS A 142 3.54 11.55 -24.47
N VAL A 143 4.67 12.22 -24.29
CA VAL A 143 5.88 11.84 -25.02
C VAL A 143 6.30 10.43 -24.63
N ASN A 144 6.40 10.17 -23.32
CA ASN A 144 6.80 8.84 -22.86
C ASN A 144 5.83 7.78 -23.36
N SER A 145 4.54 8.10 -23.47
CA SER A 145 3.58 7.12 -23.96
C SER A 145 3.79 6.82 -25.44
N ALA A 146 3.92 7.87 -26.26
CA ALA A 146 4.21 7.66 -27.68
C ALA A 146 5.52 6.90 -27.85
N ARG A 147 6.52 7.20 -27.01
CA ARG A 147 7.80 6.50 -27.10
C ARG A 147 7.61 5.00 -26.93
N ILE A 148 6.75 4.58 -25.99
CA ILE A 148 6.61 3.16 -25.69
C ILE A 148 5.97 2.41 -26.85
N GLN A 149 5.10 3.07 -27.63
CA GLN A 149 4.45 2.39 -28.75
C GLN A 149 5.25 2.46 -30.05
N LEU A 150 6.24 3.34 -30.14
CA LEU A 150 7.08 3.40 -31.33
C LEU A 150 8.51 2.95 -31.09
N ARG A 151 8.86 2.55 -29.87
CA ARG A 151 10.23 2.12 -29.61
C ARG A 151 10.62 0.94 -30.49
N LYS A 152 9.70 -0.02 -30.67
CA LYS A 152 10.03 -1.21 -31.45
C LYS A 152 10.32 -0.85 -32.90
N LYS A 153 9.52 0.04 -33.49
CA LYS A 153 9.77 0.43 -34.88
C LYS A 153 11.01 1.30 -34.99
N ILE A 154 11.21 2.21 -34.05
CA ILE A 154 12.40 3.07 -34.06
C ILE A 154 13.67 2.24 -33.89
N ASN A 155 13.62 1.22 -33.01
CA ASN A 155 14.79 0.37 -32.82
C ASN A 155 15.17 -0.34 -34.11
N GLN A 156 14.16 -0.74 -34.89
CA GLN A 156 14.42 -1.33 -36.19
C GLN A 156 15.21 -0.38 -37.09
N ARG A 157 14.94 0.92 -36.97
CA ARG A 157 15.64 1.90 -37.79
C ARG A 157 17.05 2.18 -37.27
N LEU A 158 17.26 2.06 -35.95
CA LEU A 158 18.62 2.14 -35.42
C LEU A 158 19.46 0.95 -35.89
N VAL A 159 18.84 -0.21 -36.07
CA VAL A 159 19.54 -1.37 -36.58
C VAL A 159 19.83 -1.20 -38.07
N ALA A 160 18.85 -0.71 -38.82
CA ALA A 160 19.02 -0.56 -40.27
C ALA A 160 20.09 0.48 -40.60
N SER A 161 20.12 1.59 -39.86
CA SER A 161 21.12 2.63 -40.06
C SER A 161 22.47 2.28 -39.45
N ASP A 162 22.59 1.13 -38.77
CA ASP A 162 23.86 0.65 -38.24
C ASP A 162 24.38 1.53 -37.09
N LEU A 163 23.48 1.86 -36.17
CA LEU A 163 23.83 2.61 -34.96
C LEU A 163 23.48 1.88 -33.67
N ARG A 164 22.85 0.70 -33.75
CA ARG A 164 22.33 0.08 -32.54
C ARG A 164 23.45 -0.39 -31.62
N ASP A 165 24.61 -0.75 -32.18
CA ASP A 165 25.74 -1.24 -31.39
C ASP A 165 26.76 -0.14 -31.11
N VAL A 166 26.36 1.12 -31.22
CA VAL A 166 27.23 2.26 -30.96
C VAL A 166 26.93 2.77 -29.56
N SER A 167 27.96 2.82 -28.71
CA SER A 167 27.76 3.26 -27.35
C SER A 167 27.59 4.78 -27.33
N PHE A 168 26.67 5.25 -26.48
CA PHE A 168 26.43 6.67 -26.29
C PHE A 168 27.24 7.24 -25.13
N ASN A 169 27.58 6.40 -24.16
CA ASN A 169 28.39 6.77 -23.00
C ASN A 169 28.80 5.46 -22.34
N ASN A 170 29.31 5.54 -21.11
CA ASN A 170 29.82 4.36 -20.46
C ASN A 170 28.72 3.48 -19.89
N ARG A 171 27.50 3.98 -19.77
CA ARG A 171 26.44 3.21 -19.14
C ARG A 171 25.93 2.13 -20.07
N ILE A 172 25.66 0.97 -19.51
CA ILE A 172 25.12 -0.18 -20.24
C ILE A 172 23.62 -0.23 -19.98
N LEU A 173 22.85 -0.56 -21.01
CA LEU A 173 21.40 -0.68 -20.89
C LEU A 173 20.96 -2.02 -21.46
N SER A 174 19.99 -2.64 -20.79
CA SER A 174 19.40 -3.88 -21.28
C SER A 174 18.64 -3.62 -22.59
N SER A 175 18.30 -4.71 -23.26
CA SER A 175 17.55 -4.60 -24.51
C SER A 175 16.22 -3.89 -24.33
N ALA A 176 15.61 -4.03 -23.15
CA ALA A 176 14.33 -3.36 -22.92
C ALA A 176 14.53 -1.88 -22.59
N GLU A 177 15.55 -1.57 -21.80
CA GLU A 177 15.84 -0.17 -21.47
C GLU A 177 16.25 0.62 -22.70
N SER A 178 16.95 0.00 -23.65
CA SER A 178 17.53 0.69 -24.79
C SER A 178 16.66 0.63 -26.04
N GLU A 179 15.59 -0.16 -26.06
CA GLU A 179 14.79 -0.31 -27.26
C GLU A 179 14.28 1.05 -27.72
N GLY A 180 14.58 1.40 -28.97
CA GLY A 180 14.07 2.62 -29.56
C GLY A 180 14.83 3.87 -29.18
N ARG A 181 15.79 3.79 -28.26
CA ARG A 181 16.51 4.94 -27.77
C ARG A 181 18.00 4.66 -27.76
N VAL A 183 19.90 6.39 -25.25
CA VAL A 183 20.32 6.85 -23.94
C VAL A 183 19.10 7.17 -23.10
N VAL A 184 19.23 7.10 -21.79
CA VAL A 184 18.25 7.65 -20.86
C VAL A 184 18.78 9.00 -20.40
N PRO A 185 18.30 10.12 -20.95
CA PRO A 185 18.94 11.40 -20.64
C PRO A 185 18.82 11.78 -19.17
N ARG A 186 19.81 12.54 -18.71
CA ARG A 186 19.81 13.09 -17.37
C ARG A 186 19.21 14.49 -17.43
N LEU A 187 18.13 14.71 -16.68
CA LEU A 187 17.30 15.89 -16.82
C LEU A 187 17.73 16.96 -15.83
N LEU A 188 17.88 18.19 -16.31
CA LEU A 188 18.22 19.34 -15.49
C LEU A 188 17.16 20.42 -15.68
N ILE A 189 17.07 21.32 -14.71
CA ILE A 189 16.11 22.42 -14.79
C ILE A 189 16.76 23.65 -14.17
N ALA A 190 16.64 24.79 -14.85
CA ALA A 190 17.16 26.06 -14.38
C ALA A 190 16.01 27.04 -14.24
N PHE A 191 15.87 27.62 -13.05
CA PHE A 191 14.79 28.55 -12.77
C PHE A 191 15.32 29.98 -12.80
N GLN A 192 14.62 30.85 -13.53
CA GLN A 192 14.98 32.25 -13.61
C GLN A 192 14.32 33.01 -12.46
N ARG A 193 15.01 34.04 -11.98
CA ARG A 193 14.50 34.85 -10.88
C ARG A 193 14.76 36.33 -11.14
N LEU A 210 20.16 31.62 2.49
CA LEU A 210 18.93 30.85 2.46
C LEU A 210 18.63 30.30 1.08
N TYR A 211 19.50 30.62 0.11
CA TYR A 211 19.34 30.13 -1.25
C TYR A 211 19.45 28.62 -1.32
N GLU A 212 20.23 28.01 -0.42
CA GLU A 212 20.43 26.56 -0.46
C GLU A 212 19.16 25.81 -0.09
N LYS A 213 18.37 26.36 0.85
CA LYS A 213 17.14 25.69 1.27
C LYS A 213 16.12 25.62 0.14
N LEU A 214 16.13 26.60 -0.78
CA LEU A 214 15.16 26.61 -1.86
C LEU A 214 15.51 25.60 -2.95
N GLU A 215 16.81 25.41 -3.22
CA GLU A 215 17.20 24.43 -4.22
C GLU A 215 16.86 23.01 -3.77
N LYS A 216 17.15 22.68 -2.50
CA LYS A 216 16.81 21.35 -1.99
C LYS A 216 15.30 21.13 -2.04
N ASN A 217 14.52 22.17 -1.77
CA ASN A 217 13.06 22.03 -1.79
C ASN A 217 12.56 21.78 -3.22
N LEU A 218 13.05 22.56 -4.18
CA LEU A 218 12.64 22.36 -5.57
C LEU A 218 13.17 21.05 -6.12
N ASP A 219 14.34 20.62 -5.64
CA ASP A 219 14.84 19.30 -6.03
C ASP A 219 13.88 18.20 -5.60
N ASN A 220 13.36 18.29 -4.37
CA ASN A 220 12.38 17.32 -3.91
C ASN A 220 11.10 17.40 -4.72
N GLN A 221 10.57 18.62 -4.90
CA GLN A 221 9.39 18.80 -5.74
C GLN A 221 9.63 18.23 -7.13
N PHE A 222 10.72 18.66 -7.79
CA PHE A 222 11.00 18.22 -9.14
C PHE A 222 10.97 16.71 -9.26
N SER A 223 11.71 16.02 -8.39
CA SER A 223 11.72 14.56 -8.41
C SER A 223 10.33 14.00 -8.10
N ASP A 224 9.63 14.59 -7.12
CA ASP A 224 8.30 14.09 -6.77
C ASP A 224 7.35 14.21 -7.95
N ILE A 225 7.37 15.35 -8.63
CA ILE A 225 6.49 15.55 -9.78
C ILE A 225 6.86 14.57 -10.89
N LEU A 226 8.16 14.44 -11.18
CA LEU A 226 8.60 13.50 -12.21
C LEU A 226 8.16 12.08 -11.89
N LYS A 227 8.24 11.69 -10.62
CA LYS A 227 7.75 10.39 -10.21
C LYS A 227 6.23 10.29 -10.37
N LEU A 228 5.53 11.38 -10.06
CA LEU A 228 4.08 11.36 -10.08
C LEU A 228 3.54 11.15 -11.49
N TYR A 229 4.26 11.63 -12.51
CA TYR A 229 3.93 11.39 -13.90
C TYR A 229 4.63 10.14 -14.46
N ASP A 230 5.26 9.34 -13.61
CA ASP A 230 5.91 8.10 -14.04
C ASP A 230 6.98 8.37 -15.11
N LEU A 231 7.75 9.44 -14.91
CA LEU A 231 8.81 9.80 -15.84
C LEU A 231 10.18 9.34 -15.36
N ILE A 232 10.32 9.03 -14.06
CA ILE A 232 11.55 8.47 -13.51
C ILE A 232 11.18 7.36 -12.53
N ASP A 233 12.18 6.54 -12.22
CA ASP A 233 11.99 5.36 -11.37
C ASP A 233 10.93 4.42 -11.92
N CYS A 234 11.04 4.10 -13.22
CA CYS A 234 10.12 3.16 -13.86
C CYS A 234 10.86 2.15 -14.73
N GLY A 235 12.17 1.99 -14.54
CA GLY A 235 12.90 1.01 -15.31
C GLY A 235 12.89 1.35 -16.78
N ALA A 236 12.60 0.36 -17.62
CA ALA A 236 12.60 0.58 -19.07
C ALA A 236 11.50 1.53 -19.51
N SER A 237 10.47 1.73 -18.69
CA SER A 237 9.38 2.64 -19.02
C SER A 237 9.67 4.09 -18.65
N SER A 238 10.81 4.36 -18.03
CA SER A 238 11.16 5.73 -17.69
C SER A 238 11.47 6.52 -18.95
N LEU A 239 11.21 7.83 -18.88
CA LEU A 239 11.57 8.73 -19.97
C LEU A 239 12.96 9.32 -19.79
N CYS A 240 13.39 9.52 -18.56
CA CYS A 240 14.66 10.18 -18.28
C CYS A 240 15.14 9.73 -16.90
N GLN A 241 16.17 10.40 -16.40
CA GLN A 241 16.69 10.10 -15.07
C GLN A 241 17.31 11.37 -14.50
N LEU A 242 17.61 11.32 -13.21
CA LEU A 242 18.22 12.43 -12.50
C LEU A 242 19.56 11.99 -11.94
N ASN A 243 20.46 12.96 -11.77
CA ASN A 243 21.75 12.68 -11.17
C ASN A 243 21.57 12.06 -9.79
N GLU A 244 22.60 11.37 -9.34
CA GLU A 244 22.55 10.77 -8.01
C GLU A 244 22.96 11.77 -6.94
N THR A 245 23.96 12.61 -7.23
CA THR A 245 24.44 13.59 -6.26
C THR A 245 24.64 14.96 -6.88
N ILE A 246 25.02 15.00 -8.16
CA ILE A 246 25.33 16.29 -8.80
C ILE A 246 24.05 17.12 -8.91
N PRO A 247 24.10 18.41 -8.61
CA PRO A 247 22.86 19.21 -8.63
C PRO A 247 22.06 19.00 -9.90
N VAL A 248 20.72 18.97 -9.74
CA VAL A 248 19.81 18.88 -10.86
C VAL A 248 19.07 20.19 -11.09
N VAL A 249 18.82 20.98 -10.05
CA VAL A 249 18.11 22.26 -10.17
C VAL A 249 19.13 23.37 -9.98
N HIS A 250 18.96 24.45 -10.74
CA HIS A 250 19.80 25.63 -10.62
C HIS A 250 18.95 26.89 -10.60
N LEU A 251 19.38 27.87 -9.80
CA LEU A 251 18.72 29.15 -9.70
C LEU A 251 19.56 30.19 -10.42
N LEU A 252 19.10 30.63 -11.59
CA LEU A 252 19.83 31.63 -12.36
C LEU A 252 19.71 32.98 -11.66
N ASN A 253 20.77 33.77 -11.73
CA ASN A 253 20.76 35.09 -11.15
C ASN A 253 19.95 36.04 -12.03
N PRO A 254 19.45 37.15 -11.46
CA PRO A 254 18.67 38.11 -12.25
C PRO A 254 19.51 38.83 -13.29
N ASN A 289 31.14 32.14 -13.34
CA ASN A 289 29.72 32.15 -13.66
C ASN A 289 29.01 30.97 -13.01
N SER A 290 28.05 31.27 -12.13
CA SER A 290 27.39 30.21 -11.36
C SER A 290 26.75 29.18 -12.27
N PHE A 291 26.17 29.61 -13.39
CA PHE A 291 25.46 28.69 -14.27
C PHE A 291 26.43 27.84 -15.09
N VAL A 292 27.59 28.39 -15.47
CA VAL A 292 28.58 27.60 -16.18
C VAL A 292 29.08 26.46 -15.29
N LYS A 293 29.32 26.75 -14.01
CA LYS A 293 29.74 25.69 -13.09
C LYS A 293 28.66 24.62 -12.95
N PHE A 294 27.39 25.03 -12.97
CA PHE A 294 26.29 24.07 -12.88
C PHE A 294 26.33 23.09 -14.05
N LEU A 295 26.64 23.58 -15.25
CA LEU A 295 26.69 22.70 -16.42
C LEU A 295 27.98 21.90 -16.48
N GLU A 296 29.10 22.51 -16.08
CA GLU A 296 30.38 21.80 -16.14
C GLU A 296 30.40 20.63 -15.19
N ASP A 297 29.89 20.81 -13.97
CA ASP A 297 29.82 19.70 -13.03
C ASP A 297 29.03 18.54 -13.63
N ASN A 298 27.98 18.84 -14.41
CA ASN A 298 27.21 17.81 -15.08
C ASN A 298 27.99 17.22 -16.26
N PHE A 299 28.45 18.08 -17.17
CA PHE A 299 29.10 17.60 -18.38
C PHE A 299 30.38 16.83 -18.06
N ARG A 300 31.19 17.33 -17.12
CA ARG A 300 32.46 16.69 -16.81
C ARG A 300 32.32 15.42 -15.98
N SER A 301 31.10 15.03 -15.63
CA SER A 301 30.89 13.74 -14.98
C SER A 301 30.78 12.57 -15.95
N GLU A 302 30.90 12.84 -17.25
CA GLU A 302 30.70 11.82 -18.27
C GLU A 302 31.73 12.02 -19.37
N LYS A 303 32.53 11.00 -19.64
CA LYS A 303 33.57 11.09 -20.67
C LYS A 303 32.94 10.96 -22.05
N ASN A 304 33.28 11.89 -22.95
CA ASN A 304 32.78 11.84 -24.31
C ASN A 304 33.10 10.49 -24.96
N GLU A 305 32.13 9.95 -25.70
CA GLU A 305 32.26 8.61 -26.24
C GLU A 305 31.88 8.56 -27.72
N ILE A 306 30.67 9.05 -28.04
CA ILE A 306 30.12 8.91 -29.38
C ILE A 306 30.74 9.96 -30.31
N SER A 307 31.07 9.54 -31.52
CA SER A 307 31.69 10.42 -32.49
C SER A 307 30.66 11.28 -33.19
N LEU A 308 31.10 12.46 -33.64
CA LEU A 308 30.24 13.33 -34.42
C LEU A 308 29.69 12.61 -35.66
N GLU A 309 30.49 11.73 -36.26
CA GLU A 309 30.03 11.02 -37.44
C GLU A 309 28.80 10.18 -37.14
N ASN A 310 28.79 9.50 -35.99
CA ASN A 310 27.62 8.69 -35.63
C ASN A 310 26.45 9.56 -35.19
N VAL A 311 26.72 10.70 -34.54
CA VAL A 311 25.65 11.63 -34.19
C VAL A 311 24.97 12.14 -35.46
N ILE A 312 25.76 12.47 -36.49
CA ILE A 312 25.18 12.95 -37.75
C ILE A 312 24.26 11.88 -38.33
N GLU A 313 24.74 10.64 -38.43
CA GLU A 313 23.91 9.56 -38.93
C GLU A 313 22.70 9.34 -38.04
N LEU A 314 22.82 9.65 -36.75
CA LEU A 314 21.69 9.49 -35.84
C LEU A 314 20.61 10.53 -36.10
N ASN A 316 20.10 11.87 -38.93
CA ASN A 316 19.50 11.42 -40.19
C ASN A 316 18.53 10.27 -39.94
N CYS A 317 18.93 9.31 -39.10
CA CYS A 317 18.08 8.14 -38.84
C CYS A 317 16.78 8.55 -38.16
N LEU A 318 16.85 9.44 -37.18
CA LEU A 318 15.68 9.78 -36.36
C LEU A 318 14.77 10.81 -37.01
N GLN A 319 14.97 11.15 -38.27
CA GLN A 319 14.05 12.07 -38.94
C GLN A 319 12.67 11.45 -39.13
N CYS A 320 12.59 10.12 -39.17
CA CYS A 320 11.30 9.46 -39.29
C CYS A 320 10.42 9.75 -38.09
N VAL A 321 11.03 10.04 -36.93
CA VAL A 321 10.26 10.43 -35.76
C VAL A 321 9.61 11.79 -35.98
N LEU A 322 10.38 12.75 -36.51
CA LEU A 322 9.83 14.08 -36.76
C LEU A 322 8.85 14.07 -37.93
N ASP A 323 9.04 13.17 -38.89
CA ASP A 323 8.15 13.07 -40.04
C ASP A 323 6.92 12.22 -39.75
N GLY A 324 6.89 11.52 -38.62
CA GLY A 324 5.76 10.67 -38.29
C GLY A 324 5.57 9.49 -39.22
N ASP A 325 6.65 9.02 -39.85
CA ASP A 325 6.54 7.92 -40.81
C ASP A 325 6.17 6.61 -40.14
N LEU A 326 6.32 6.49 -38.82
CA LEU A 326 6.07 5.25 -38.11
C LEU A 326 4.75 5.26 -37.36
N GLU A 327 3.98 6.34 -37.45
CA GLU A 327 2.74 6.46 -36.70
C GLU A 327 1.57 5.96 -37.53
N GLU A 328 0.52 5.51 -36.84
CA GLU A 328 -0.70 5.13 -37.53
C GLU A 328 -1.41 6.37 -38.08
N LYS A 329 -1.90 6.26 -39.32
CA LYS A 329 -2.50 7.41 -39.97
C LYS A 329 -3.76 7.85 -39.22
N HIS A 330 -3.94 9.16 -39.13
CA HIS A 330 -5.16 9.74 -38.58
C HIS A 330 -5.30 9.48 -37.08
N GLU A 331 -4.33 9.94 -36.30
CA GLU A 331 -4.42 9.89 -34.84
C GLU A 331 -4.76 11.28 -34.33
N LYS A 332 -5.73 11.35 -33.42
CA LYS A 332 -6.20 12.62 -32.89
C LYS A 332 -5.78 12.77 -31.43
N THR A 333 -5.64 14.02 -31.00
CA THR A 333 -5.30 14.31 -29.61
C THR A 333 -6.50 14.04 -28.71
N ALA A 334 -6.26 14.15 -27.41
CA ALA A 334 -7.33 13.89 -26.45
C ALA A 334 -8.46 14.90 -26.60
N ILE A 335 -8.11 16.17 -26.82
CA ILE A 335 -9.14 17.20 -26.95
C ILE A 335 -9.94 17.01 -28.24
N GLN A 336 -9.26 16.64 -29.33
CA GLN A 336 -9.98 16.41 -30.58
C GLN A 336 -10.97 15.25 -30.44
N THR A 337 -10.54 14.16 -29.79
CA THR A 337 -11.46 13.05 -29.58
C THR A 337 -12.60 13.44 -28.66
N PHE A 338 -12.30 14.28 -27.65
CA PHE A 338 -13.37 14.80 -26.80
C PHE A 338 -14.38 15.60 -27.62
N ILE A 339 -13.88 16.50 -28.47
CA ILE A 339 -14.78 17.29 -29.32
C ILE A 339 -15.61 16.35 -30.18
N LYS A 340 -14.96 15.45 -30.91
CA LYS A 340 -15.69 14.61 -31.85
C LYS A 340 -16.71 13.73 -31.14
N ARG A 341 -16.43 13.32 -29.89
CA ARG A 341 -17.38 12.45 -29.18
C ARG A 341 -18.62 13.22 -28.77
N ILE A 342 -18.46 14.41 -28.19
CA ILE A 342 -19.62 15.17 -27.73
C ILE A 342 -20.47 15.60 -28.91
N GLN A 343 -19.86 15.89 -30.07
CA GLN A 343 -20.65 16.25 -31.24
C GLN A 343 -21.35 15.04 -31.83
N ASN A 344 -20.73 13.86 -31.75
CA ASN A 344 -21.42 12.64 -32.17
C ASN A 344 -22.61 12.35 -31.26
N ASP A 345 -22.47 12.65 -29.96
CA ASP A 345 -23.61 12.51 -29.06
C ASP A 345 -24.64 13.60 -29.32
N HIS A 346 -24.20 14.84 -29.50
CA HIS A 346 -25.13 15.94 -29.77
C HIS A 346 -25.94 15.67 -31.03
N GLU A 348 -26.57 12.54 -32.30
CA GLU A 348 -27.42 11.40 -32.01
C GLU A 348 -28.62 11.80 -31.16
N GLU A 349 -28.46 12.79 -30.29
CA GLU A 349 -29.58 13.28 -29.49
C GLU A 349 -30.51 14.14 -30.34
N ALA A 350 -29.96 15.00 -31.20
CA ALA A 350 -30.80 15.82 -32.06
C ALA A 350 -31.68 14.97 -32.98
N ARG A 351 -31.15 13.83 -33.45
CA ARG A 351 -31.97 12.92 -34.23
C ARG A 351 -33.05 12.27 -33.37
N ARG A 352 -32.78 12.12 -32.06
CA ARG A 352 -33.80 11.60 -31.15
C ARG A 352 -34.97 12.56 -31.00
N LEU A 353 -34.71 13.87 -31.07
CA LEU A 353 -35.80 14.84 -30.94
C LEU A 353 -36.75 14.79 -32.13
N TYR A 354 -36.23 14.67 -33.35
CA TYR A 354 -37.11 14.64 -34.51
C TYR A 354 -38.11 13.50 -34.42
N THR A 355 -37.71 12.38 -33.85
CA THR A 355 -38.59 11.23 -33.67
C THR A 355 -39.66 11.52 -32.61
N LYS A 381 -47.25 13.59 -38.77
CA LYS A 381 -46.46 13.51 -39.99
C LYS A 381 -46.36 14.88 -40.67
N GLU A 382 -47.49 15.59 -40.75
CA GLU A 382 -47.50 16.87 -41.43
C GLU A 382 -46.53 17.85 -40.79
N GLU A 383 -46.49 17.90 -39.46
CA GLU A 383 -45.60 18.80 -38.73
C GLU A 383 -44.17 18.26 -38.74
N HIS A 384 -43.62 18.12 -39.95
CA HIS A 384 -42.21 17.74 -40.08
C HIS A 384 -41.30 18.92 -39.81
N LEU A 385 -41.72 20.13 -40.20
CA LEU A 385 -40.96 21.33 -39.88
C LEU A 385 -40.98 21.61 -38.38
N ARG A 387 -41.08 19.34 -35.80
CA ARG A 387 -40.09 18.48 -35.16
C ARG A 387 -38.70 18.63 -35.76
N PHE A 388 -38.60 19.17 -36.98
CA PHE A 388 -37.29 19.42 -37.57
C PHE A 388 -36.63 20.65 -36.97
N ASN A 389 -37.42 21.66 -36.60
CA ASN A 389 -36.86 22.92 -36.13
C ASN A 389 -36.40 22.82 -34.69
N GLU A 390 -37.13 22.06 -33.86
CA GLU A 390 -36.74 21.92 -32.46
C GLU A 390 -35.36 21.26 -32.33
N ALA A 391 -35.03 20.35 -33.25
CA ALA A 391 -33.70 19.74 -33.24
C ALA A 391 -32.62 20.75 -33.60
N THR A 392 -32.87 21.58 -34.61
CA THR A 392 -31.90 22.63 -34.97
C THR A 392 -31.65 23.57 -33.80
N HIS A 393 -32.70 23.93 -33.06
CA HIS A 393 -32.52 24.79 -31.91
C HIS A 393 -31.60 24.14 -30.88
N TYR A 394 -31.63 22.81 -30.79
CA TYR A 394 -30.70 22.10 -29.91
C TYR A 394 -29.27 22.20 -30.43
N ILE A 395 -29.05 21.81 -31.68
CA ILE A 395 -27.70 21.81 -32.24
C ILE A 395 -27.11 23.22 -32.25
N ASP A 396 -27.95 24.23 -32.45
CA ASP A 396 -27.49 25.60 -32.37
C ASP A 396 -27.27 26.07 -30.94
N SER A 397 -27.69 25.27 -29.95
CA SER A 397 -27.52 25.61 -28.55
C SER A 397 -26.26 25.03 -27.93
N VAL A 398 -25.76 23.91 -28.47
CA VAL A 398 -24.77 23.11 -27.77
C VAL A 398 -23.48 22.92 -28.55
N VAL A 399 -23.50 23.02 -29.88
CA VAL A 399 -22.33 22.74 -30.69
C VAL A 399 -21.54 24.02 -30.87
N GLY A 400 -20.26 23.98 -30.53
CA GLY A 400 -19.41 25.16 -30.59
C GLY A 400 -18.59 25.23 -31.87
N VAL A 401 -17.88 24.16 -32.18
CA VAL A 401 -17.04 24.12 -33.37
C VAL A 401 -17.75 23.31 -34.46
N ASN A 402 -17.47 23.68 -35.71
CA ASN A 402 -18.10 23.04 -36.86
C ASN A 402 -19.62 23.11 -36.81
N SER A 403 -20.15 24.13 -36.14
CA SER A 403 -21.61 24.23 -35.97
C SER A 403 -22.30 24.36 -37.32
N ARG A 404 -21.72 25.15 -38.23
CA ARG A 404 -22.33 25.31 -39.55
C ARG A 404 -22.44 23.97 -40.27
N GLU A 405 -21.35 23.19 -40.28
CA GLU A 405 -21.41 21.87 -40.92
C GLU A 405 -22.31 20.92 -40.15
N ALA A 406 -22.39 21.06 -38.82
CA ALA A 406 -23.24 20.19 -38.03
C ALA A 406 -24.71 20.41 -38.37
N LEU A 407 -25.13 21.67 -38.47
CA LEU A 407 -26.51 21.95 -38.81
C LEU A 407 -26.85 21.45 -40.20
N SER A 408 -25.96 21.66 -41.17
CA SER A 408 -26.22 21.20 -42.53
C SER A 408 -26.30 19.68 -42.59
N GLN A 409 -25.47 18.98 -41.79
CA GLN A 409 -25.46 17.53 -41.83
C GLN A 409 -26.72 16.94 -41.21
N LEU A 410 -27.19 17.51 -40.10
CA LEU A 410 -28.37 16.94 -39.44
C LEU A 410 -29.62 17.13 -40.28
N GLN A 411 -29.88 18.35 -40.74
CA GLN A 411 -31.09 18.60 -41.52
C GLN A 411 -31.12 17.75 -42.78
N ALA A 412 -29.94 17.45 -43.36
CA ALA A 412 -29.90 16.45 -44.42
C ALA A 412 -30.36 15.11 -43.90
N GLN A 413 -30.04 14.80 -42.64
CA GLN A 413 -30.50 13.56 -42.02
C GLN A 413 -31.99 13.62 -41.74
N CYS A 414 -32.49 14.78 -41.29
CA CYS A 414 -33.90 14.92 -40.98
C CYS A 414 -34.76 14.88 -42.23
N ASN A 415 -34.32 15.57 -43.28
CA ASN A 415 -35.05 15.53 -44.55
C ASN A 415 -35.09 14.11 -45.12
N GLU A 416 -34.05 13.33 -44.89
CA GLU A 416 -34.05 11.94 -45.35
C GLU A 416 -35.12 11.13 -44.61
N TRP A 418 -37.60 12.43 -43.05
CA TRP A 418 -38.87 13.09 -43.33
C TRP A 418 -39.46 12.69 -44.68
N GLN A 419 -38.71 11.95 -45.50
CA GLN A 419 -39.27 11.34 -46.70
C GLN A 419 -39.73 9.91 -46.44
N SER A 420 -39.02 9.17 -45.60
CA SER A 420 -39.40 7.82 -45.24
C SER A 420 -39.79 7.74 -43.77
N LYS B 2 -21.26 43.02 3.98
CA LYS B 2 -19.98 43.51 4.47
C LYS B 2 -18.78 42.86 3.78
N GLU B 3 -18.85 41.56 3.52
CA GLU B 3 -17.75 40.83 2.93
C GLU B 3 -18.32 39.73 2.05
N SER B 4 -17.44 38.94 1.44
CA SER B 4 -17.88 37.86 0.58
C SER B 4 -18.57 36.77 1.39
N VAL B 5 -19.35 35.96 0.67
CA VAL B 5 -20.05 34.81 1.22
C VAL B 5 -19.85 33.67 0.22
N ARG B 6 -19.96 32.44 0.70
CA ARG B 6 -19.78 31.30 -0.19
C ARG B 6 -21.03 31.09 -1.04
N PHE B 7 -20.84 31.01 -2.35
CA PHE B 7 -21.93 30.84 -3.29
C PHE B 7 -22.43 29.40 -3.32
N LEU B 8 -21.57 28.44 -3.03
CA LEU B 8 -21.92 27.03 -3.04
C LEU B 8 -21.86 26.48 -1.63
N THR B 9 -22.61 25.41 -1.41
CA THR B 9 -22.52 24.60 -0.21
C THR B 9 -21.91 23.25 -0.60
N ASP B 10 -22.15 22.22 0.21
CA ASP B 10 -21.51 20.94 -0.04
C ASP B 10 -21.89 20.40 -1.42
N PHE B 11 -20.95 19.70 -2.05
CA PHE B 11 -21.17 19.02 -3.31
C PHE B 11 -21.56 20.00 -4.43
N GLY B 12 -21.06 21.23 -4.35
CA GLY B 12 -21.26 22.18 -5.43
C GLY B 12 -22.68 22.65 -5.63
N GLU B 13 -23.53 22.51 -4.62
CA GLU B 13 -24.89 23.03 -4.69
C GLU B 13 -24.90 24.52 -4.30
N ILE B 14 -25.80 25.27 -4.93
CA ILE B 14 -25.96 26.68 -4.55
C ILE B 14 -26.38 26.78 -3.09
N SER B 15 -25.70 27.65 -2.36
CA SER B 15 -26.04 27.87 -0.97
C SER B 15 -27.50 28.32 -0.86
N ASP B 16 -28.15 27.90 0.23
CA ASP B 16 -29.54 28.28 0.48
C ASP B 16 -29.68 29.76 0.84
N ALA B 17 -28.58 30.43 1.17
CA ALA B 17 -28.62 31.80 1.68
C ALA B 17 -28.49 32.87 0.60
N ILE B 18 -28.34 32.48 -0.67
CA ILE B 18 -28.04 33.47 -1.70
C ILE B 18 -29.29 34.19 -2.16
N SER B 19 -30.41 33.47 -2.30
CA SER B 19 -31.62 34.09 -2.81
C SER B 19 -32.07 35.27 -1.97
N ASP B 20 -31.86 35.22 -0.65
CA ASP B 20 -32.29 36.29 0.22
C ASP B 20 -31.45 37.57 0.06
N LEU B 21 -30.27 37.47 -0.53
CA LEU B 21 -29.41 38.63 -0.74
C LEU B 21 -29.63 39.31 -2.08
N LEU B 22 -30.55 38.81 -2.89
CA LEU B 22 -30.77 39.33 -4.22
C LEU B 22 -32.01 40.22 -4.21
N THR B 23 -31.91 41.38 -4.87
CA THR B 23 -33.05 42.28 -4.94
C THR B 23 -33.95 41.82 -6.08
N SER B 24 -34.67 42.74 -6.71
CA SER B 24 -35.63 42.36 -7.74
C SER B 24 -35.52 43.27 -8.96
N SER B 25 -34.36 43.89 -9.18
CA SER B 25 -34.25 44.75 -10.34
C SER B 25 -33.71 43.98 -11.54
N PRO B 26 -34.12 44.39 -12.75
CA PRO B 26 -33.54 43.83 -13.97
C PRO B 26 -32.18 44.40 -14.31
N ASN B 27 -31.70 45.40 -13.56
CA ASN B 27 -30.42 46.05 -13.83
C ASN B 27 -29.38 45.47 -12.89
N PHE B 28 -28.69 44.42 -13.35
CA PHE B 28 -27.62 43.81 -12.57
C PHE B 28 -26.50 43.36 -13.50
N ASN B 29 -25.30 43.29 -12.95
CA ASN B 29 -24.10 42.97 -13.70
C ASN B 29 -23.33 41.89 -12.96
N VAL B 30 -22.96 40.83 -13.68
CA VAL B 30 -22.28 39.67 -13.11
C VAL B 30 -20.86 39.64 -13.64
N ILE B 31 -19.88 39.78 -12.75
CA ILE B 31 -18.47 39.72 -13.08
C ILE B 31 -17.84 38.58 -12.29
N SER B 32 -17.16 37.68 -12.99
CA SER B 32 -16.47 36.58 -12.36
C SER B 32 -14.97 36.71 -12.57
N ALA B 33 -14.21 36.07 -11.68
CA ALA B 33 -12.75 36.09 -11.75
C ALA B 33 -12.23 34.66 -11.64
N ILE B 34 -11.34 34.30 -12.56
CA ILE B 34 -10.73 32.98 -12.57
C ILE B 34 -9.24 33.15 -12.81
N GLY B 35 -8.48 32.13 -12.42
CA GLY B 35 -7.06 32.12 -12.67
C GLY B 35 -6.26 31.33 -11.66
N PRO B 36 -4.95 31.18 -11.92
CA PRO B 36 -4.09 30.42 -11.00
C PRO B 36 -4.02 31.05 -9.61
N GLN B 37 -3.33 30.38 -8.69
CA GLN B 37 -3.40 30.76 -7.28
C GLN B 37 -2.64 32.06 -7.00
N GLY B 38 -1.48 32.25 -7.63
CA GLY B 38 -0.60 33.33 -7.21
C GLY B 38 -0.96 34.71 -7.74
N ALA B 39 -1.81 34.78 -8.77
CA ALA B 39 -2.02 36.06 -9.46
C ALA B 39 -2.67 37.11 -8.56
N GLY B 40 -3.37 36.70 -7.50
CA GLY B 40 -3.99 37.67 -6.61
C GLY B 40 -5.26 38.29 -7.14
N LYS B 41 -6.11 37.51 -7.80
CA LYS B 41 -7.37 38.04 -8.30
C LYS B 41 -8.32 38.40 -7.18
N SER B 42 -8.28 37.67 -6.06
CA SER B 42 -9.19 37.93 -4.95
C SER B 42 -9.03 39.37 -4.46
N THR B 43 -7.80 39.84 -4.32
CA THR B 43 -7.59 41.22 -3.91
C THR B 43 -7.97 42.18 -5.03
N LEU B 44 -7.68 41.82 -6.28
CA LEU B 44 -8.01 42.68 -7.41
C LEU B 44 -9.52 42.78 -7.61
N LEU B 45 -10.22 41.65 -7.55
CA LEU B 45 -11.67 41.67 -7.75
C LEU B 45 -12.37 42.50 -6.67
N SER B 46 -11.85 42.46 -5.43
CA SER B 46 -12.44 43.26 -4.37
C SER B 46 -12.24 44.75 -4.61
N LEU B 48 -12.29 46.24 -7.40
CA LEU B 48 -13.39 46.56 -8.29
C LEU B 48 -14.74 46.50 -7.58
N ALA B 49 -14.83 45.74 -6.49
CA ALA B 49 -16.07 45.64 -5.73
C ALA B 49 -16.34 46.87 -4.88
N GLY B 50 -15.30 47.55 -4.39
CA GLY B 50 -15.53 48.74 -3.60
C GLY B 50 -14.35 49.25 -2.79
N ASN B 51 -13.38 48.38 -2.50
CA ASN B 51 -12.28 48.79 -1.62
C ASN B 51 -11.49 49.93 -2.24
N ASN B 52 -10.84 50.72 -1.37
CA ASN B 52 -10.33 52.05 -1.73
C ASN B 52 -8.89 52.19 -1.24
N SER B 53 -7.96 51.68 -2.06
CA SER B 53 -6.53 51.89 -1.91
C SER B 53 -6.05 51.36 -0.56
N ARG B 54 -5.51 52.20 0.33
CA ARG B 54 -4.85 51.76 1.56
C ARG B 54 -5.84 51.43 2.69
N GLN B 55 -6.74 50.50 2.42
CA GLN B 55 -7.66 50.02 3.44
C GLN B 55 -7.11 48.70 4.00
N TYR B 57 -6.11 45.13 5.22
CA TYR B 57 -6.39 43.84 4.59
C TYR B 57 -7.57 43.14 5.25
N ARG B 58 -7.78 43.35 6.55
CA ARG B 58 -8.91 42.76 7.24
C ARG B 58 -10.24 43.21 6.67
N GLU B 59 -10.29 44.39 6.04
CA GLU B 59 -11.51 44.95 5.50
C GLU B 59 -11.78 44.57 4.05
N TYR B 60 -10.88 43.82 3.40
CA TYR B 60 -11.11 43.43 2.02
C TYR B 60 -12.31 42.51 1.91
N VAL B 61 -13.01 42.62 0.78
CA VAL B 61 -14.27 41.91 0.60
C VAL B 61 -14.04 40.47 0.20
N PHE B 62 -13.03 40.19 -0.60
CA PHE B 62 -12.66 38.82 -0.96
C PHE B 62 -11.32 38.51 -0.31
N ARG B 63 -11.37 37.69 0.74
CA ARG B 63 -10.16 37.21 1.43
C ARG B 63 -10.19 35.69 1.43
N PRO B 64 -9.43 35.03 0.55
CA PRO B 64 -9.42 33.56 0.58
C PRO B 64 -8.86 33.00 1.88
N VAL B 65 -9.41 31.87 2.29
CA VAL B 65 -9.01 31.21 3.53
C VAL B 65 -8.04 30.07 3.22
N GLN B 76 -14.54 21.27 1.48
CA GLN B 76 -15.36 21.42 0.29
C GLN B 76 -14.50 21.31 -0.97
N THR B 77 -15.03 20.59 -1.97
CA THR B 77 -14.24 20.31 -3.17
C THR B 77 -14.11 21.57 -4.04
N ILE B 78 -15.23 22.18 -4.39
CA ILE B 78 -15.26 23.36 -5.25
C ILE B 78 -15.97 24.47 -4.51
N GLN B 79 -15.55 25.71 -4.78
CA GLN B 79 -16.16 26.83 -4.08
C GLN B 79 -16.03 28.10 -4.91
N ILE B 80 -17.06 28.94 -4.79
CA ILE B 80 -17.11 30.27 -5.40
C ILE B 80 -17.59 31.24 -4.35
N ASP B 81 -16.97 32.42 -4.30
CA ASP B 81 -17.38 33.47 -3.37
C ASP B 81 -18.26 34.48 -4.09
N ILE B 82 -19.30 34.92 -3.39
CA ILE B 82 -20.31 35.81 -3.93
C ILE B 82 -20.28 37.11 -3.14
N TYR B 83 -20.39 38.23 -3.84
CA TYR B 83 -20.50 39.52 -3.19
C TYR B 83 -21.25 40.47 -4.10
N ILE B 84 -22.12 41.28 -3.51
CA ILE B 84 -23.04 42.13 -4.26
C ILE B 84 -23.16 43.50 -3.60
N VAL B 85 -22.98 44.56 -4.38
CA VAL B 85 -23.33 45.91 -4.00
C VAL B 85 -24.03 46.56 -5.18
N ASN B 86 -25.10 47.30 -4.90
CA ASN B 86 -25.80 48.07 -5.93
C ASN B 86 -26.06 47.21 -7.17
N HIS B 87 -26.66 46.05 -6.96
CA HIS B 87 -27.04 45.17 -8.06
C HIS B 87 -25.85 44.74 -8.90
N GLN B 88 -24.65 44.76 -8.33
CA GLN B 88 -23.43 44.33 -9.02
C GLN B 88 -22.96 43.03 -8.38
N ILE B 89 -23.01 41.94 -9.13
CA ILE B 89 -22.70 40.62 -8.61
C ILE B 89 -21.26 40.25 -8.99
N PHE B 90 -20.45 39.95 -7.98
CA PHE B 90 -19.06 39.58 -8.17
C PHE B 90 -18.86 38.14 -7.68
N LEU B 91 -18.31 37.31 -8.55
CA LEU B 91 -18.09 35.89 -8.25
C LEU B 91 -16.60 35.62 -8.29
N ASP B 92 -16.04 35.13 -7.19
CA ASP B 92 -14.61 34.85 -7.09
C ASP B 92 -14.41 33.34 -7.03
N CYS B 93 -14.04 32.76 -8.17
CA CYS B 93 -13.80 31.34 -8.26
C CYS B 93 -12.54 30.92 -7.53
N GLN B 94 -12.53 29.69 -7.02
CA GLN B 94 -11.31 29.14 -6.48
C GLN B 94 -10.27 29.00 -7.59
N PRO B 95 -8.98 29.19 -7.29
CA PRO B 95 -7.97 29.16 -8.35
C PRO B 95 -7.98 27.85 -9.13
N TYR B 97 -6.11 24.54 -11.07
CA TYR B 97 -5.02 23.60 -10.83
C TYR B 97 -4.64 22.87 -12.11
N ASP B 114 -5.43 13.96 -7.56
CA ASP B 114 -5.20 13.46 -8.91
C ASP B 114 -5.21 14.62 -9.91
N ASP B 115 -4.28 14.56 -10.88
CA ASP B 115 -4.25 15.57 -11.93
C ASP B 115 -5.54 15.55 -12.74
N SER B 116 -6.07 14.35 -13.01
CA SER B 116 -7.26 14.24 -13.85
C SER B 116 -8.47 14.93 -13.21
N THR B 117 -8.67 14.72 -11.91
CA THR B 117 -9.84 15.31 -11.26
C THR B 117 -9.68 16.82 -11.12
N ALA B 118 -8.45 17.31 -10.96
CA ALA B 118 -8.23 18.75 -10.86
C ALA B 118 -8.57 19.45 -12.17
N SER B 120 -10.90 18.32 -14.29
CA SER B 120 -12.35 18.22 -14.44
C SER B 120 -13.08 19.22 -13.53
N ASP B 121 -12.57 19.44 -12.32
CA ASP B 121 -13.18 20.40 -11.42
C ASP B 121 -12.94 21.83 -11.88
N THR B 122 -11.70 22.16 -12.26
CA THR B 122 -11.40 23.48 -12.77
C THR B 122 -12.24 23.80 -14.00
N LEU B 123 -12.47 22.80 -14.86
CA LEU B 123 -13.25 23.03 -16.07
C LEU B 123 -14.73 23.19 -15.75
N ARG B 124 -15.23 22.45 -14.77
CA ARG B 124 -16.63 22.55 -14.40
C ARG B 124 -16.96 23.95 -13.89
N LEU B 125 -16.12 24.50 -13.02
CA LEU B 125 -16.35 25.84 -12.50
C LEU B 125 -16.20 26.88 -13.60
N THR B 126 -15.23 26.69 -14.49
CA THR B 126 -15.00 27.66 -15.55
C THR B 126 -16.19 27.71 -16.50
N ALA B 127 -16.68 26.55 -16.93
CA ALA B 127 -17.83 26.51 -17.82
C ALA B 127 -19.07 27.13 -17.15
N PHE B 128 -19.22 26.94 -15.84
CA PHE B 128 -20.37 27.49 -15.15
C PHE B 128 -20.31 29.01 -15.11
N LEU B 129 -19.14 29.58 -14.80
CA LEU B 129 -19.03 31.02 -14.67
C LEU B 129 -19.09 31.72 -16.02
N LEU B 130 -18.65 31.05 -17.08
CA LEU B 130 -18.80 31.62 -18.42
C LEU B 130 -20.27 31.79 -18.78
N TYR B 131 -21.11 30.83 -18.39
CA TYR B 131 -22.51 30.85 -18.77
C TYR B 131 -23.34 31.82 -17.95
N VAL B 132 -22.94 32.09 -16.70
CA VAL B 132 -23.74 32.90 -15.79
C VAL B 132 -23.23 34.32 -15.67
N SER B 133 -22.09 34.65 -16.27
CA SER B 133 -21.48 35.95 -16.12
C SER B 133 -21.70 36.79 -17.38
N HIS B 134 -21.76 38.11 -17.19
CA HIS B 134 -21.69 39.02 -18.33
C HIS B 134 -20.25 39.11 -18.84
N THR B 135 -19.31 39.35 -17.94
CA THR B 135 -17.90 39.39 -18.27
C THR B 135 -17.11 38.60 -17.23
N VAL B 136 -16.11 37.85 -17.69
CA VAL B 136 -15.23 37.06 -16.84
C VAL B 136 -13.83 37.64 -16.92
N LEU B 137 -13.26 37.98 -15.77
CA LEU B 137 -11.87 38.42 -15.69
C LEU B 137 -10.98 37.18 -15.59
N VAL B 138 -10.02 37.07 -16.51
CA VAL B 138 -9.08 35.95 -16.53
C VAL B 138 -7.75 36.51 -16.00
N VAL B 139 -7.49 36.28 -14.71
CA VAL B 139 -6.37 36.89 -14.02
C VAL B 139 -5.24 35.87 -13.94
N SER B 140 -4.04 36.29 -14.31
CA SER B 140 -2.88 35.40 -14.33
C SER B 140 -1.63 36.25 -14.35
N GLU B 141 -0.50 35.60 -14.07
CA GLU B 141 0.81 36.21 -14.21
C GLU B 141 1.50 35.81 -15.51
N THR B 142 0.83 35.09 -16.40
CA THR B 142 1.49 34.46 -17.53
C THR B 142 0.70 34.62 -18.82
N HIS B 143 0.25 35.82 -19.13
CA HIS B 143 -0.40 36.05 -20.42
C HIS B 143 0.66 36.54 -21.40
N TYR B 144 0.66 35.98 -22.62
CA TYR B 144 -0.25 34.95 -23.12
C TYR B 144 0.07 33.54 -22.60
N ASP B 145 -0.95 32.78 -22.18
CA ASP B 145 -0.77 31.42 -21.66
C ASP B 145 -1.66 30.47 -22.43
N LYS B 146 -1.06 29.55 -23.19
CA LYS B 146 -1.86 28.65 -24.02
C LYS B 146 -2.74 27.74 -23.18
N VAL B 147 -2.22 27.25 -22.05
CA VAL B 147 -2.99 26.31 -21.25
C VAL B 147 -4.23 26.99 -20.70
N ILE B 148 -4.11 28.27 -20.31
CA ILE B 148 -5.27 29.02 -19.87
C ILE B 148 -6.27 29.16 -21.03
N ILE B 149 -5.76 29.45 -22.22
CA ILE B 149 -6.61 29.59 -23.39
C ILE B 149 -7.24 28.25 -23.76
N ASP B 150 -6.46 27.18 -23.66
CA ASP B 150 -7.01 25.84 -23.87
C ASP B 150 -8.17 25.57 -22.93
N THR B 151 -8.04 25.98 -21.67
CA THR B 151 -9.10 25.72 -20.70
C THR B 151 -10.38 26.47 -21.06
N LEU B 152 -10.25 27.72 -21.52
CA LEU B 152 -11.43 28.52 -21.82
C LEU B 152 -12.21 27.96 -23.00
N ARG B 153 -11.51 27.62 -24.09
CA ARG B 153 -12.20 27.14 -25.28
C ARG B 153 -12.76 25.74 -25.11
N VAL B 154 -12.20 24.95 -24.20
CA VAL B 154 -12.81 23.65 -23.89
C VAL B 154 -14.02 23.86 -22.99
N ALA B 155 -13.92 24.76 -22.01
CA ALA B 155 -15.06 25.07 -21.16
C ALA B 155 -16.22 25.63 -21.98
N GLU B 156 -15.93 26.32 -23.07
CA GLU B 156 -17.00 26.85 -23.92
C GLU B 156 -17.93 25.75 -24.42
N GLN B 157 -17.42 24.55 -24.61
CA GLN B 157 -18.20 23.46 -25.18
C GLN B 157 -19.03 22.72 -24.13
N ILE B 158 -18.84 23.04 -22.85
CA ILE B 158 -19.61 22.42 -21.77
C ILE B 158 -20.87 23.26 -21.60
N ARG B 159 -21.93 22.86 -22.31
CA ARG B 159 -23.12 23.69 -22.42
C ARG B 159 -24.34 22.95 -21.88
N PRO B 160 -25.26 23.65 -21.22
CA PRO B 160 -26.56 23.05 -20.92
C PRO B 160 -27.56 23.36 -22.03
N TYR B 161 -28.72 22.70 -21.95
CA TYR B 161 -29.85 22.97 -22.83
C TYR B 161 -30.98 23.50 -21.95
N LEU B 162 -31.16 24.82 -21.94
CA LEU B 162 -32.25 25.44 -21.17
C LEU B 162 -33.28 26.10 -22.08
N ALA B 163 -33.80 25.33 -23.05
CA ALA B 163 -34.81 25.88 -23.96
C ALA B 163 -36.16 26.05 -23.28
N ILE B 164 -36.47 25.23 -22.28
CA ILE B 164 -37.73 25.37 -21.56
C ILE B 164 -37.71 26.50 -20.55
N PHE B 165 -36.53 27.02 -20.23
CA PHE B 165 -36.41 28.10 -19.24
C PHE B 165 -37.15 29.34 -19.69
N ARG B 166 -37.80 30.01 -18.73
CA ARG B 166 -38.63 31.19 -18.98
C ARG B 166 -38.25 32.22 -17.92
N PRO B 167 -37.66 33.37 -18.30
CA PRO B 167 -37.72 33.98 -19.63
C PRO B 167 -36.68 33.43 -20.60
N LYS B 168 -37.12 33.30 -21.85
CA LYS B 168 -36.29 32.72 -22.90
C LYS B 168 -34.91 33.37 -22.90
N LEU B 169 -33.89 32.54 -23.07
CA LEU B 169 -32.51 32.98 -22.93
C LEU B 169 -31.88 33.17 -24.29
N ALA B 170 -30.97 34.14 -24.38
CA ALA B 170 -30.27 34.41 -25.62
C ALA B 170 -29.37 33.23 -25.95
N ILE B 171 -29.59 32.63 -27.12
CA ILE B 171 -28.85 31.42 -27.47
C ILE B 171 -27.51 31.73 -28.12
N ASP B 172 -27.40 32.83 -28.86
CA ASP B 172 -26.15 33.23 -29.48
C ASP B 172 -25.36 34.20 -28.61
N ARG B 173 -25.72 34.31 -27.33
CA ARG B 173 -25.05 35.21 -26.41
C ARG B 173 -23.56 34.88 -26.31
N LYS B 174 -22.74 35.94 -26.28
CA LYS B 174 -21.30 35.82 -26.09
C LYS B 174 -20.90 36.45 -24.76
N THR B 175 -20.08 35.75 -24.00
CA THR B 175 -19.55 36.25 -22.74
C THR B 175 -18.24 37.01 -22.96
N ASN B 176 -18.13 38.17 -22.33
CA ASN B 176 -16.94 39.00 -22.49
C ASN B 176 -15.82 38.50 -21.59
N LEU B 177 -14.60 38.47 -22.14
CA LEU B 177 -13.41 38.09 -21.41
C LEU B 177 -12.42 39.25 -21.38
N VAL B 178 -11.91 39.55 -20.19
CA VAL B 178 -10.88 40.57 -20.02
C VAL B 178 -9.70 39.88 -19.33
N PHE B 179 -8.61 39.71 -20.07
CA PHE B 179 -7.41 39.10 -19.52
C PHE B 179 -6.58 40.13 -18.78
N ILE B 180 -6.19 39.79 -17.55
CA ILE B 180 -5.48 40.71 -16.66
C ILE B 180 -4.17 40.04 -16.26
N LYS B 181 -3.04 40.67 -16.61
CA LYS B 181 -1.72 40.19 -16.22
C LYS B 181 -1.26 41.01 -15.02
N THR B 182 -1.22 40.38 -13.86
CA THR B 182 -0.89 41.05 -12.61
C THR B 182 0.56 40.79 -12.25
N LYS B 183 1.05 41.56 -11.28
CA LYS B 183 2.43 41.43 -10.80
C LYS B 183 3.40 41.43 -11.97
N ALA B 184 3.17 42.36 -12.90
CA ALA B 184 3.89 42.38 -14.17
C ALA B 184 5.15 43.23 -14.06
N SER B 185 6.04 43.05 -15.03
CA SER B 185 7.32 43.73 -15.07
C SER B 185 7.25 44.94 -15.99
N SER B 186 8.38 45.65 -16.07
CA SER B 186 8.41 46.88 -16.87
C SER B 186 8.22 46.56 -18.35
N ILE B 187 8.78 45.45 -18.83
CA ILE B 187 8.66 45.12 -20.24
C ILE B 187 7.28 44.58 -20.58
N ASP B 188 6.54 44.08 -19.59
CA ASP B 188 5.15 43.70 -19.81
C ASP B 188 4.27 44.92 -20.09
N LEU B 189 4.69 46.11 -19.68
CA LEU B 189 3.93 47.33 -19.94
C LEU B 189 4.25 47.94 -21.30
N ALA B 190 5.27 47.46 -21.99
CA ALA B 190 5.62 47.99 -23.30
C ALA B 190 4.44 47.84 -24.25
N PRO B 191 3.94 48.94 -24.86
CA PRO B 191 2.80 48.79 -25.77
C PRO B 191 3.03 47.76 -26.86
N THR B 192 4.27 47.62 -27.33
CA THR B 192 4.57 46.65 -28.38
C THR B 192 4.40 45.21 -27.87
N VAL B 193 4.64 44.97 -26.58
CA VAL B 193 4.45 43.63 -26.04
C VAL B 193 2.97 43.36 -25.79
N ILE B 194 2.23 44.36 -25.32
CA ILE B 194 0.80 44.19 -25.11
C ILE B 194 0.09 43.94 -26.45
N ARG B 195 0.49 44.67 -27.48
CA ARG B 195 -0.13 44.47 -28.80
C ARG B 195 0.14 43.07 -29.31
N GLU B 196 1.38 42.59 -29.18
CA GLU B 196 1.71 41.24 -29.62
C GLU B 196 0.86 40.20 -28.88
N ARG B 197 0.71 40.36 -27.57
CA ARG B 197 -0.05 39.39 -26.79
C ARG B 197 -1.55 39.52 -27.05
N GLU B 198 -2.06 40.75 -27.17
CA GLU B 198 -3.48 40.93 -27.47
C GLU B 198 -3.86 40.30 -28.80
N GLU B 199 -2.98 40.36 -29.79
CA GLU B 199 -3.27 39.75 -31.09
C GLU B 199 -3.51 38.26 -30.91
N LEU B 200 -2.64 37.59 -30.16
CA LEU B 200 -2.82 36.16 -29.91
C LEU B 200 -4.16 35.90 -29.21
N LEU B 201 -4.52 36.76 -28.26
CA LEU B 201 -5.80 36.60 -27.56
C LEU B 201 -6.97 36.75 -28.52
N ARG B 202 -6.91 37.72 -29.43
CA ARG B 202 -7.99 37.89 -30.40
C ARG B 202 -8.03 36.72 -31.38
N LEU B 203 -6.88 36.15 -31.74
CA LEU B 203 -6.86 34.99 -32.60
C LEU B 203 -7.44 33.76 -31.90
N SER B 204 -7.31 33.69 -30.57
CA SER B 204 -7.76 32.53 -29.82
C SER B 204 -9.27 32.43 -29.73
N PHE B 205 -9.99 33.51 -30.00
CA PHE B 205 -11.44 33.53 -29.87
C PHE B 205 -12.14 33.98 -31.14
N GLN B 206 -11.43 34.06 -32.26
CA GLN B 206 -12.04 34.52 -33.51
C GLN B 206 -13.09 33.54 -34.04
N ASP B 207 -12.96 32.26 -33.70
CA ASP B 207 -13.95 31.25 -34.09
C ASP B 207 -14.89 30.87 -32.95
N SER B 208 -14.74 31.50 -31.78
CA SER B 208 -15.57 31.17 -30.63
C SER B 208 -17.02 31.57 -30.87
N ARG B 209 -17.95 30.76 -30.34
CA ARG B 209 -19.37 31.01 -30.50
C ARG B 209 -19.98 31.77 -29.34
N TRP B 210 -19.58 31.47 -28.11
CA TRP B 210 -20.17 32.06 -26.92
C TRP B 210 -19.18 32.82 -26.06
N LEU B 211 -17.94 33.00 -26.54
CA LEU B 211 -16.96 33.86 -25.89
C LEU B 211 -16.53 34.95 -26.85
N LYS B 212 -15.96 36.02 -26.30
CA LYS B 212 -15.49 37.12 -27.11
C LYS B 212 -14.47 37.93 -26.33
N VAL B 213 -13.59 38.62 -27.08
CA VAL B 213 -12.67 39.58 -26.51
C VAL B 213 -12.83 40.89 -27.27
N SER B 214 -12.52 41.99 -26.61
CA SER B 214 -12.61 43.29 -27.25
C SER B 214 -11.64 43.37 -28.42
N GLN B 215 -12.10 43.99 -29.51
CA GLN B 215 -11.25 44.21 -30.67
C GLN B 215 -10.55 45.57 -30.62
N GLU B 216 -10.71 46.31 -29.51
CA GLU B 216 -10.09 47.60 -29.33
C GLU B 216 -8.72 47.44 -28.66
N PRO B 217 -7.66 48.02 -29.21
CA PRO B 217 -6.33 47.84 -28.60
C PRO B 217 -6.33 48.24 -27.13
N PHE B 218 -5.56 47.50 -26.32
CA PHE B 218 -5.33 47.77 -24.91
C PHE B 218 -6.59 47.59 -24.06
N LYS B 219 -7.65 47.00 -24.60
CA LYS B 219 -8.84 46.69 -23.81
C LYS B 219 -9.05 45.20 -23.58
N THR B 220 -8.25 44.34 -24.23
CA THR B 220 -8.34 42.90 -24.05
C THR B 220 -7.36 42.40 -23.01
N LEU B 221 -6.14 42.94 -23.01
CA LEU B 221 -5.11 42.54 -22.05
C LEU B 221 -4.77 43.76 -21.21
N ILE B 222 -5.11 43.69 -19.93
CA ILE B 222 -4.84 44.73 -18.95
C ILE B 222 -3.66 44.27 -18.12
N VAL B 223 -2.67 45.13 -17.93
CA VAL B 223 -1.44 44.77 -17.22
C VAL B 223 -1.29 45.72 -16.03
N LEU B 224 -1.02 45.14 -14.86
CA LEU B 224 -0.83 45.90 -13.63
C LEU B 224 0.48 45.46 -12.99
N GLU B 225 1.10 46.36 -12.24
CA GLU B 225 2.41 46.12 -11.63
C GLU B 225 2.28 46.09 -10.11
N GLU B 226 2.66 44.95 -9.52
CA GLU B 226 2.86 44.80 -8.08
C GLU B 226 2.79 43.32 -7.71
N LEU B 247 -0.34 55.12 -5.50
CA LEU B 247 -1.51 54.78 -4.71
C LEU B 247 -2.78 55.27 -5.40
N ASN B 248 -3.08 56.57 -5.24
CA ASN B 248 -4.27 57.12 -5.85
C ASN B 248 -4.26 56.94 -7.37
N GLU B 249 -3.08 56.99 -7.99
CA GLU B 249 -2.99 56.75 -9.42
C GLU B 249 -3.40 55.32 -9.77
N PHE B 250 -3.22 54.37 -8.86
CA PHE B 250 -3.60 52.99 -9.14
C PHE B 250 -5.12 52.84 -9.18
N ASP B 251 -5.82 53.44 -8.22
CA ASP B 251 -7.26 53.30 -8.15
C ASP B 251 -7.95 53.96 -9.33
N GLU B 252 -7.34 55.01 -9.89
CA GLU B 252 -7.91 55.63 -11.08
C GLU B 252 -8.08 54.61 -12.19
N GLN B 253 -7.14 53.66 -12.31
CA GLN B 253 -7.31 52.59 -13.29
C GLN B 253 -8.46 51.67 -12.90
N ILE B 254 -8.57 51.34 -11.61
CA ILE B 254 -9.65 50.47 -11.16
C ILE B 254 -11.00 51.13 -11.43
N ALA B 255 -11.09 52.44 -11.19
CA ALA B 255 -12.33 53.15 -11.51
C ALA B 255 -12.58 53.16 -13.01
N GLU B 256 -11.53 53.39 -13.79
CA GLU B 256 -11.68 53.36 -15.25
C GLU B 256 -11.98 51.96 -15.75
N LEU B 257 -11.27 50.95 -15.22
CA LEU B 257 -11.56 49.57 -15.62
C LEU B 257 -12.96 49.16 -15.17
N ARG B 258 -13.33 49.52 -13.94
CA ARG B 258 -14.68 49.22 -13.44
C ARG B 258 -15.74 49.79 -14.37
N GLU B 259 -15.51 50.98 -14.92
CA GLU B 259 -16.50 51.57 -15.83
C GLU B 259 -16.55 50.81 -17.16
N GLU B 260 -15.39 50.35 -17.65
CA GLU B 260 -15.38 49.64 -18.93
C GLU B 260 -16.07 48.29 -18.82
N LEU B 261 -16.07 47.68 -17.64
CA LEU B 261 -16.70 46.37 -17.45
C LEU B 261 -18.21 46.43 -17.46
N GLN B 262 -18.80 47.62 -17.58
CA GLN B 262 -20.24 47.77 -17.76
C GLN B 262 -20.62 47.95 -19.22
N LYS B 263 -19.64 48.13 -20.10
CA LYS B 263 -19.89 48.40 -21.52
C LYS B 263 -20.29 47.14 -22.28
N ASN B 264 -19.29 46.32 -22.64
CA ASN B 264 -19.49 45.20 -23.55
C ASN B 264 -20.17 44.04 -22.83
N ARG B 265 -21.45 44.22 -22.54
CA ARG B 265 -22.30 43.17 -21.97
C ARG B 265 -23.36 42.74 -22.97
N GLU B 266 -23.81 41.49 -22.82
CA GLU B 266 -24.92 40.95 -23.59
C GLU B 266 -25.84 40.22 -22.63
N ASP B 267 -27.11 40.63 -22.60
CA ASP B 267 -28.05 40.09 -21.63
C ASP B 267 -28.29 38.60 -21.85
N PHE B 268 -28.61 37.91 -20.75
CA PHE B 268 -28.96 36.49 -20.84
C PHE B 268 -30.31 36.28 -21.50
N THR B 269 -31.18 37.28 -21.47
CA THR B 269 -32.54 37.15 -21.98
C THR B 269 -32.64 37.60 -23.44
N VAL B 270 -33.64 37.04 -24.13
CA VAL B 270 -34.00 37.55 -25.45
C VAL B 270 -34.64 38.93 -25.32
N GLU B 271 -35.47 39.13 -24.30
CA GLU B 271 -36.13 40.41 -24.06
C GLU B 271 -35.27 41.28 -23.15
N THR B 272 -35.28 42.58 -23.41
CA THR B 272 -34.58 43.51 -22.54
C THR B 272 -35.23 43.49 -21.17
N ALA B 273 -34.41 43.43 -20.12
CA ALA B 273 -34.88 43.59 -18.74
C ALA B 273 -35.94 42.55 -18.38
N ALA B 274 -35.88 41.37 -18.98
CA ALA B 274 -36.85 40.32 -18.70
C ALA B 274 -36.44 39.44 -17.53
N ASP B 276 -34.88 38.95 -13.75
CA ASP B 276 -34.52 39.50 -12.46
C ASP B 276 -33.28 38.81 -11.92
N GLU B 277 -32.61 39.46 -10.96
CA GLU B 277 -31.40 38.86 -10.42
C GLU B 277 -31.71 37.58 -9.65
N LYS B 278 -32.92 37.48 -9.10
CA LYS B 278 -33.32 36.21 -8.50
C LYS B 278 -33.62 35.16 -9.57
N LYS B 279 -34.19 35.57 -10.70
CA LYS B 279 -34.35 34.64 -11.80
C LYS B 279 -33.00 34.25 -12.39
N TRP B 280 -31.98 35.10 -12.20
CA TRP B 280 -30.62 34.73 -12.57
C TRP B 280 -30.12 33.59 -11.67
N LEU B 281 -30.45 33.64 -10.39
CA LEU B 281 -30.09 32.54 -9.50
C LEU B 281 -30.82 31.27 -9.88
N ASP B 282 -32.05 31.39 -10.39
CA ASP B 282 -32.75 30.21 -10.88
C ASP B 282 -32.09 29.63 -12.12
N CYS B 284 -28.87 29.79 -12.63
CA CYS B 284 -27.68 29.14 -12.11
C CYS B 284 -27.98 27.73 -11.61
N ARG B 285 -29.13 27.54 -10.99
CA ARG B 285 -29.50 26.21 -10.53
C ARG B 285 -29.80 25.28 -11.70
N GLU B 286 -30.33 25.83 -12.80
CA GLU B 286 -30.71 24.99 -13.94
C GLU B 286 -29.50 24.58 -14.78
N VAL B 287 -28.43 25.38 -14.81
CA VAL B 287 -27.23 24.95 -15.52
C VAL B 287 -26.54 23.80 -14.78
N ILE B 288 -26.36 23.95 -13.47
CA ILE B 288 -25.69 22.91 -12.69
C ILE B 288 -26.51 21.63 -12.66
N ARG B 289 -27.80 21.72 -12.96
CA ARG B 289 -28.65 20.54 -12.98
C ARG B 289 -28.79 19.91 -14.36
N ASP B 290 -28.52 20.66 -15.43
CA ASP B 290 -28.83 20.17 -16.77
C ASP B 290 -28.09 18.89 -17.07
N LYS B 291 -28.81 17.92 -17.64
CA LYS B 291 -28.27 16.59 -17.88
C LYS B 291 -27.30 16.54 -19.06
N THR B 292 -27.58 17.26 -20.14
CA THR B 292 -26.66 17.27 -21.28
C THR B 292 -25.31 17.83 -20.88
N LEU B 293 -25.30 18.87 -20.03
CA LEU B 293 -24.05 19.40 -19.52
C LEU B 293 -23.30 18.33 -18.73
N HIS B 294 -24.02 17.58 -17.89
CA HIS B 294 -23.39 16.53 -17.11
C HIS B 294 -22.79 15.46 -18.02
N LYS B 295 -23.52 15.07 -19.06
CA LYS B 295 -23.04 14.02 -19.97
C LYS B 295 -21.76 14.46 -20.67
N THR B 296 -21.69 15.72 -21.09
CA THR B 296 -20.50 16.20 -21.81
C THR B 296 -19.31 16.35 -20.88
N LEU B 297 -19.54 16.74 -19.62
CA LEU B 297 -18.44 16.78 -18.66
C LEU B 297 -17.82 15.40 -18.49
N LYS B 298 -18.66 14.36 -18.36
CA LYS B 298 -18.13 13.02 -18.13
C LYS B 298 -17.30 12.54 -19.31
N GLU B 299 -17.76 12.81 -20.54
CA GLU B 299 -16.98 12.41 -21.71
C GLU B 299 -15.65 13.14 -21.76
N TYR B 300 -15.58 14.34 -21.16
CA TYR B 300 -14.30 15.03 -21.04
C TYR B 300 -13.39 14.31 -20.06
N GLN B 301 -13.93 13.96 -18.90
CA GLN B 301 -13.15 13.22 -17.91
C GLN B 301 -12.61 11.93 -18.50
N ARG B 302 -13.41 11.25 -19.33
CA ARG B 302 -12.95 10.04 -19.99
C ARG B 302 -11.84 10.34 -21.00
N ALA B 303 -11.99 11.43 -21.77
CA ALA B 303 -10.99 11.75 -22.76
C ALA B 303 -9.64 12.08 -22.14
N THR B 305 -8.46 10.73 -19.14
CA THR B 305 -7.87 9.54 -18.54
C THR B 305 -7.43 8.53 -19.59
N ASP B 306 -8.18 8.42 -20.68
CA ASP B 306 -7.90 7.44 -21.73
C ASP B 306 -6.46 7.58 -22.23
N ASP C 2 -47.75 1.35 6.35
CA ASP C 2 -46.93 0.44 5.57
C ASP C 2 -46.67 1.02 4.18
N ILE C 3 -45.40 0.96 3.75
CA ILE C 3 -45.06 1.59 2.47
C ILE C 3 -45.81 0.92 1.32
N ALA C 4 -46.10 -0.36 1.43
CA ALA C 4 -46.86 -1.04 0.38
C ALA C 4 -48.25 -0.42 0.22
N LYS C 5 -48.90 -0.09 1.34
CA LYS C 5 -50.21 0.54 1.28
C LYS C 5 -50.12 2.03 0.95
N TRP C 6 -48.99 2.68 1.26
CA TRP C 6 -48.88 4.12 1.05
C TRP C 6 -48.99 4.46 -0.43
N VAL C 7 -48.41 3.64 -1.31
CA VAL C 7 -48.47 3.92 -2.73
C VAL C 7 -49.91 3.88 -3.22
N GLU C 8 -50.67 2.88 -2.77
CA GLU C 8 -52.09 2.79 -3.11
C GLU C 8 -52.84 4.04 -2.67
N HIS C 9 -52.32 4.71 -1.65
CA HIS C 9 -52.97 5.87 -1.04
C HIS C 9 -52.34 7.20 -1.44
N ALA C 10 -51.13 7.19 -2.00
CA ALA C 10 -50.50 8.42 -2.44
C ALA C 10 -51.05 8.90 -3.78
N ARG C 11 -51.44 7.97 -4.66
CA ARG C 11 -51.79 8.32 -6.03
C ARG C 11 -53.04 9.19 -6.10
N THR C 12 -54.03 8.91 -5.26
CA THR C 12 -55.27 9.67 -5.27
C THR C 12 -55.32 10.75 -4.21
N CYS C 13 -54.67 10.54 -3.06
CA CYS C 13 -54.69 11.55 -2.00
C CYS C 13 -53.96 12.82 -2.42
N TYR C 14 -52.93 12.71 -3.25
CA TYR C 14 -52.15 13.84 -3.73
C TYR C 14 -52.30 14.02 -5.24
N SER C 15 -53.49 13.73 -5.76
CA SER C 15 -53.72 13.76 -7.20
C SER C 15 -53.39 15.12 -7.82
N THR C 16 -53.55 16.21 -7.06
CA THR C 16 -53.32 17.54 -7.61
C THR C 16 -51.89 18.05 -7.43
N GLN C 17 -51.07 17.36 -6.65
CA GLN C 17 -49.73 17.82 -6.29
C GLN C 17 -48.67 16.79 -6.69
N LEU C 18 -48.89 16.13 -7.83
CA LEU C 18 -47.97 15.09 -8.28
C LEU C 18 -46.63 15.63 -8.74
N ASP C 19 -46.56 16.93 -9.06
CA ASP C 19 -45.32 17.55 -9.51
C ASP C 19 -44.53 18.21 -8.38
N THR C 20 -45.03 18.17 -7.16
CA THR C 20 -44.29 18.76 -6.05
C THR C 20 -42.94 18.05 -5.90
N LYS C 21 -41.90 18.86 -5.70
CA LYS C 21 -40.55 18.33 -5.51
C LYS C 21 -40.32 18.08 -4.03
N ILE C 22 -39.83 16.89 -3.69
CA ILE C 22 -39.74 16.45 -2.31
C ILE C 22 -38.41 15.74 -2.08
N LYS C 23 -38.16 15.41 -0.82
CA LYS C 23 -37.08 14.53 -0.42
C LYS C 23 -37.65 13.30 0.26
N VAL C 24 -36.87 12.23 0.26
CA VAL C 24 -37.18 10.99 0.96
C VAL C 24 -36.12 10.81 2.02
N ILE C 25 -36.55 10.73 3.29
CA ILE C 25 -35.64 10.67 4.42
C ILE C 25 -35.88 9.36 5.15
N GLY C 26 -34.83 8.56 5.30
CA GLY C 26 -34.90 7.31 6.03
C GLY C 26 -34.44 7.47 7.47
N VAL C 27 -34.98 6.62 8.34
CA VAL C 27 -34.71 6.67 9.77
C VAL C 27 -34.52 5.25 10.28
N ILE C 28 -33.41 5.03 10.97
CA ILE C 28 -33.07 3.74 11.56
C ILE C 28 -32.95 3.96 13.06
N GLY C 29 -33.69 3.17 13.85
CA GLY C 29 -33.66 3.33 15.28
C GLY C 29 -34.26 2.13 15.98
N LYS C 30 -34.24 2.20 17.32
CA LYS C 30 -34.74 1.14 18.17
C LYS C 30 -35.85 1.69 19.07
N ASP C 31 -36.81 0.83 19.43
CA ASP C 31 -37.84 1.20 20.38
C ASP C 31 -37.30 1.14 21.81
N TYR C 32 -37.79 2.04 22.65
CA TYR C 32 -37.44 2.03 24.07
C TYR C 32 -38.66 2.37 24.91
N PRO C 33 -38.60 2.15 26.22
CA PRO C 33 -39.74 2.51 27.08
C PRO C 33 -40.04 4.00 27.01
N ASP C 34 -41.27 4.32 26.63
CA ASP C 34 -41.72 5.71 26.53
C ASP C 34 -40.89 6.51 25.53
N HIS C 35 -40.38 5.84 24.49
CA HIS C 35 -39.62 6.52 23.46
C HIS C 35 -39.48 5.63 22.23
N GLY C 36 -40.28 5.87 21.20
CA GLY C 36 -40.19 5.11 19.98
C GLY C 36 -39.14 5.65 19.02
N LYS C 37 -38.88 4.87 17.96
CA LYS C 37 -37.87 5.25 16.98
C LYS C 37 -38.07 6.67 16.50
N GLY C 38 -39.27 6.97 16.01
CA GLY C 38 -39.53 8.24 15.35
C GLY C 38 -40.04 9.33 16.28
N ASP C 39 -39.81 9.19 17.58
CA ASP C 39 -40.22 10.24 18.50
C ASP C 39 -39.48 11.54 18.21
N ASN C 40 -38.24 11.46 17.72
CA ASN C 40 -37.53 12.65 17.31
C ASN C 40 -38.10 13.20 16.01
N ILE C 41 -38.64 12.31 15.17
CA ILE C 41 -39.27 12.76 13.92
C ILE C 41 -40.65 13.32 14.21
N ASN C 42 -41.40 12.69 15.13
CA ASN C 42 -42.68 13.25 15.54
C ASN C 42 -42.50 14.62 16.17
N CYS C 43 -41.39 14.83 16.87
CA CYS C 43 -41.09 16.15 17.42
C CYS C 43 -40.77 17.15 16.32
N TYR C 44 -40.16 16.70 15.23
CA TYR C 44 -39.89 17.59 14.11
C TYR C 44 -41.18 17.94 13.38
N LEU C 45 -42.09 16.97 13.24
CA LEU C 45 -43.41 17.22 12.67
C LEU C 45 -44.38 17.81 13.68
N ARG C 46 -44.04 17.75 14.97
CA ARG C 46 -44.98 18.11 16.05
C ARG C 46 -46.33 17.43 15.83
N GLU C 47 -46.26 16.16 15.45
CA GLU C 47 -47.44 15.33 15.21
C GLU C 47 -47.04 13.90 15.48
N ASN C 48 -47.66 13.29 16.49
CA ASN C 48 -47.30 11.92 16.87
C ASN C 48 -47.72 10.95 15.77
N VAL C 49 -46.85 10.79 14.77
CA VAL C 49 -47.17 9.95 13.62
C VAL C 49 -46.83 8.49 13.89
N PHE C 50 -45.65 8.24 14.40
CA PHE C 50 -45.21 6.87 14.58
C PHE C 50 -45.44 6.42 16.01
N PRO C 51 -45.67 5.13 16.26
CA PRO C 51 -46.05 4.69 17.61
C PRO C 51 -44.84 4.64 18.54
N VAL C 52 -45.15 4.58 19.84
CA VAL C 52 -44.11 4.37 20.84
C VAL C 52 -43.48 2.99 20.67
N ALA C 53 -44.26 2.02 20.24
CA ALA C 53 -43.78 0.65 20.06
C ALA C 53 -44.51 0.01 18.90
N ALA C 54 -43.75 -0.63 18.01
CA ALA C 54 -44.34 -1.26 16.84
C ALA C 54 -45.21 -2.44 17.26
N THR C 55 -46.42 -2.51 16.73
CA THR C 55 -47.30 -3.63 16.98
C THR C 55 -46.93 -4.79 16.05
N GLU C 56 -47.53 -5.96 16.31
CA GLU C 56 -47.20 -7.14 15.53
C GLU C 56 -47.46 -6.91 14.05
N ASP C 57 -48.57 -6.25 13.72
CA ASP C 57 -48.90 -5.99 12.32
C ASP C 57 -47.91 -5.02 11.66
N GLU C 58 -47.17 -4.25 12.46
CA GLU C 58 -46.23 -3.26 11.94
C GLU C 58 -44.80 -3.76 11.92
N THR C 59 -44.54 -4.98 12.37
CA THR C 59 -43.18 -5.50 12.44
C THR C 59 -42.62 -5.76 11.03
N CYS C 60 -41.31 -5.59 10.90
CA CYS C 60 -40.59 -5.90 9.67
C CYS C 60 -41.22 -5.20 8.46
N THR C 61 -41.55 -3.93 8.63
CA THR C 61 -42.08 -3.11 7.54
C THR C 61 -41.48 -1.72 7.61
N ILE C 62 -41.42 -1.06 6.47
CA ILE C 62 -41.06 0.35 6.40
C ILE C 62 -42.32 1.18 6.59
N ARG C 63 -42.24 2.18 7.45
CA ARG C 63 -43.37 3.03 7.81
C ARG C 63 -43.22 4.37 7.13
N GLY C 64 -44.18 4.72 6.28
CA GLY C 64 -44.12 5.95 5.49
C GLY C 64 -45.12 6.99 5.98
N HIS C 65 -44.66 8.24 6.05
CA HIS C 65 -45.51 9.39 6.29
C HIS C 65 -44.99 10.56 5.47
N PHE C 66 -45.86 11.18 4.67
CA PHE C 66 -45.49 12.30 3.83
C PHE C 66 -45.94 13.59 4.52
N SER C 67 -44.97 14.40 4.95
CA SER C 67 -45.26 15.70 5.54
C SER C 67 -45.39 16.73 4.43
N GLU C 68 -46.59 17.30 4.31
CA GLU C 68 -46.84 18.29 3.27
C GLU C 68 -46.22 19.64 3.59
N ASP C 69 -46.07 19.98 4.87
CA ASP C 69 -45.44 21.26 5.23
C ASP C 69 -43.97 21.26 4.85
N ASP C 70 -43.29 20.14 5.07
CA ASP C 70 -41.86 20.05 4.80
C ASP C 70 -41.54 19.46 3.43
N GLN C 71 -42.53 18.93 2.72
CA GLN C 71 -42.30 18.27 1.45
C GLN C 71 -41.26 17.15 1.60
N ILE C 72 -41.48 16.32 2.61
CA ILE C 72 -40.57 15.22 2.95
C ILE C 72 -41.39 13.96 3.15
N LEU C 73 -40.95 12.87 2.54
CA LEU C 73 -41.50 11.55 2.80
C LEU C 73 -40.55 10.83 3.75
N PHE C 74 -40.99 10.63 4.99
CA PHE C 74 -40.19 9.95 6.00
C PHE C 74 -40.44 8.45 5.94
N LEU C 75 -39.37 7.67 6.12
CA LEU C 75 -39.42 6.21 6.12
C LEU C 75 -38.81 5.71 7.42
N VAL C 76 -39.63 5.12 8.28
CA VAL C 76 -39.17 4.54 9.54
C VAL C 76 -39.17 3.02 9.40
N ASN C 78 -39.21 -0.61 10.87
CA ASN C 78 -39.49 -1.51 11.99
C ASN C 78 -38.65 -2.77 11.79
N GLY C 79 -37.58 -2.90 12.57
CA GLY C 79 -36.57 -3.91 12.35
C GLY C 79 -36.70 -5.10 13.28
N VAL C 80 -35.60 -5.86 13.37
CA VAL C 80 -35.59 -7.10 14.13
C VAL C 80 -35.60 -6.86 15.63
N ASP C 81 -35.25 -5.67 16.08
CA ASP C 81 -35.08 -5.41 17.51
C ASP C 81 -36.39 -5.07 18.21
N ASP C 82 -37.49 -4.90 17.47
CA ASP C 82 -38.76 -4.56 18.10
C ASP C 82 -39.22 -5.68 19.02
N VAL C 83 -39.73 -5.29 20.20
CA VAL C 83 -40.24 -6.26 21.17
C VAL C 83 -41.25 -7.17 20.52
N ALA C 84 -42.14 -6.62 19.69
CA ALA C 84 -43.20 -7.42 19.09
C ALA C 84 -42.64 -8.40 18.07
N ASN C 85 -41.52 -8.07 17.43
CA ASN C 85 -40.94 -8.99 16.45
C ASN C 85 -40.24 -10.16 17.13
N ILE C 86 -39.49 -9.89 18.20
CA ILE C 86 -38.81 -10.95 18.92
C ILE C 86 -39.82 -11.85 19.62
N ARG C 87 -40.87 -11.25 20.21
CA ARG C 87 -41.96 -12.04 20.75
C ARG C 87 -42.62 -12.86 19.65
N LYS C 88 -42.87 -12.24 18.50
CA LYS C 88 -43.46 -12.94 17.36
C LYS C 88 -42.59 -14.11 16.93
N CYS C 89 -41.28 -13.90 16.84
CA CYS C 89 -40.39 -14.92 16.30
C CYS C 89 -40.29 -16.11 17.24
N LEU C 90 -40.06 -15.86 18.54
CA LEU C 90 -39.79 -16.94 19.48
C LEU C 90 -41.05 -17.64 19.98
N LYS C 91 -42.24 -17.20 19.55
CA LYS C 91 -43.47 -17.89 19.90
C LYS C 91 -44.17 -18.51 18.70
N SER C 92 -43.73 -18.20 17.48
CA SER C 92 -44.40 -18.72 16.29
C SER C 92 -44.45 -20.25 16.31
N ASN C 93 -43.35 -20.89 16.72
CA ASN C 93 -43.29 -22.35 16.80
C ASN C 93 -42.26 -22.73 17.85
N PRO C 94 -42.68 -23.08 19.07
CA PRO C 94 -41.71 -23.55 20.08
C PRO C 94 -41.06 -24.87 19.72
N LYS C 95 -41.55 -25.57 18.70
CA LYS C 95 -40.91 -26.78 18.20
C LYS C 95 -39.73 -26.49 17.27
N SER C 96 -39.47 -25.23 16.96
CA SER C 96 -38.34 -24.84 16.13
C SER C 96 -37.15 -24.50 17.04
N ASN C 97 -36.23 -23.69 16.56
CA ASN C 97 -35.09 -23.27 17.36
C ASN C 97 -34.88 -21.77 17.18
N TYR C 98 -34.01 -21.22 18.04
CA TYR C 98 -33.81 -19.77 18.08
C TYR C 98 -33.29 -19.24 16.75
N PHE C 99 -32.33 -19.93 16.14
CA PHE C 99 -31.67 -19.39 14.96
C PHE C 99 -32.63 -19.29 13.78
N ASP C 100 -33.33 -20.37 13.46
CA ASP C 100 -34.30 -20.33 12.36
C ASP C 100 -35.47 -19.39 12.66
N ALA C 101 -35.73 -19.10 13.93
CA ALA C 101 -36.85 -18.23 14.27
C ALA C 101 -36.54 -16.77 13.93
N ALA C 103 -34.19 -15.78 11.76
CA ALA C 103 -33.49 -15.66 10.49
C ALA C 103 -34.30 -14.83 9.50
N GLU C 104 -35.59 -15.10 9.39
CA GLU C 104 -36.39 -14.44 8.35
C GLU C 104 -36.47 -12.93 8.58
N SER C 105 -36.65 -12.50 9.83
CA SER C 105 -36.70 -11.07 10.09
C SER C 105 -35.34 -10.41 9.86
N GLU C 106 -34.26 -11.12 10.16
CA GLU C 106 -32.93 -10.60 9.84
C GLU C 106 -32.81 -10.36 8.34
N CYS C 107 -33.24 -11.33 7.53
CA CYS C 107 -33.18 -11.17 6.09
C CYS C 107 -34.03 -9.99 5.64
N GLN C 108 -35.23 -9.86 6.22
CA GLN C 108 -36.10 -8.75 5.84
C GLN C 108 -35.53 -7.41 6.25
N GLN C 109 -34.81 -7.37 7.38
CA GLN C 109 -34.17 -6.12 7.77
C GLN C 109 -33.06 -5.73 6.81
N ILE C 110 -32.39 -6.71 6.20
CA ILE C 110 -31.43 -6.41 5.15
C ILE C 110 -32.13 -5.85 3.93
N ARG C 111 -33.27 -6.45 3.56
CA ARG C 111 -34.02 -5.98 2.40
C ARG C 111 -34.46 -4.52 2.60
N LEU C 113 -33.20 -2.26 4.65
CA LEU C 113 -32.05 -1.38 4.66
C LEU C 113 -31.53 -1.13 3.25
N HIS C 114 -31.47 -2.19 2.44
CA HIS C 114 -31.14 -2.02 1.03
C HIS C 114 -32.14 -1.09 0.36
N PHE C 115 -33.42 -1.24 0.69
CA PHE C 115 -34.46 -0.38 0.14
C PHE C 115 -34.16 1.09 0.43
N LEU C 116 -33.87 1.41 1.70
CA LEU C 116 -33.65 2.80 2.08
C LEU C 116 -32.40 3.37 1.43
N PHE C 117 -31.29 2.63 1.48
CA PHE C 117 -30.00 3.17 1.05
C PHE C 117 -29.90 3.33 -0.46
N ILE C 118 -30.92 2.97 -1.23
CA ILE C 118 -30.93 3.21 -2.67
C ILE C 118 -32.06 4.15 -3.07
N SER C 119 -32.74 4.76 -2.10
CA SER C 119 -33.92 5.57 -2.42
C SER C 119 -34.14 6.75 -1.48
N CYS C 120 -33.20 7.11 -0.62
CA CYS C 120 -33.35 8.23 0.29
C CYS C 120 -32.27 9.27 0.04
N HIS C 121 -32.66 10.55 0.08
CA HIS C 121 -31.66 11.61 0.02
C HIS C 121 -30.79 11.59 1.27
N PHE C 122 -31.41 11.39 2.43
CA PHE C 122 -30.69 11.28 3.69
C PHE C 122 -31.25 10.10 4.48
N ILE C 123 -30.39 9.50 5.29
CA ILE C 123 -30.78 8.50 6.27
C ILE C 123 -30.24 8.95 7.62
N ILE C 124 -31.09 8.90 8.64
CA ILE C 124 -30.74 9.31 9.99
C ILE C 124 -30.74 8.08 10.88
N ILE C 125 -29.63 7.86 11.59
CA ILE C 125 -29.53 6.82 12.59
C ILE C 125 -29.70 7.47 13.95
N PHE C 126 -30.68 7.00 14.73
CA PHE C 126 -30.84 7.41 16.12
C PHE C 126 -30.25 6.33 17.02
N GLU C 127 -29.41 6.75 17.96
CA GLU C 127 -28.72 5.84 18.86
C GLU C 127 -28.74 6.43 20.27
N GLN C 128 -28.99 5.58 21.26
CA GLN C 128 -29.10 6.02 22.64
C GLN C 128 -27.96 5.56 23.54
N THR C 129 -27.13 4.62 23.08
CA THR C 129 -26.15 4.00 23.97
C THR C 129 -24.94 4.88 24.21
N SER C 130 -24.60 5.78 23.28
CA SER C 130 -23.42 6.65 23.26
C SER C 130 -22.25 6.03 22.50
N ARG C 131 -22.29 4.73 22.21
CA ARG C 131 -21.34 4.07 21.33
C ARG C 131 -22.04 3.68 20.04
N ILE C 132 -21.31 3.69 18.94
CA ILE C 132 -21.89 3.32 17.66
C ILE C 132 -22.15 1.82 17.62
N ASP C 133 -23.33 1.44 17.16
CA ASP C 133 -23.77 0.05 17.14
C ASP C 133 -23.01 -0.69 16.05
N LEU C 134 -22.09 -1.56 16.44
CA LEU C 134 -21.30 -2.30 15.46
C LEU C 134 -22.14 -3.38 14.78
N GLU C 135 -23.17 -3.89 15.45
CA GLU C 135 -24.05 -4.85 14.81
C GLU C 135 -24.75 -4.21 13.62
N LEU C 136 -25.13 -2.93 13.75
CA LEU C 136 -25.69 -2.19 12.62
C LEU C 136 -24.66 -2.05 11.51
N ARG C 138 -22.21 -4.03 10.89
CA ARG C 138 -22.14 -5.33 10.25
C ARG C 138 -23.36 -5.58 9.37
N PHE C 139 -24.53 -5.14 9.81
CA PHE C 139 -25.71 -5.21 8.94
C PHE C 139 -25.49 -4.40 7.68
N LEU C 140 -25.02 -3.15 7.83
CA LEU C 140 -24.81 -2.30 6.66
C LEU C 140 -23.83 -2.92 5.69
N LYS C 141 -22.82 -3.64 6.19
CA LYS C 141 -21.87 -4.29 5.30
C LYS C 141 -22.54 -5.45 4.55
N LYS C 142 -23.43 -6.19 5.23
CA LYS C 142 -24.21 -7.20 4.54
C LYS C 142 -25.18 -6.58 3.54
N VAL C 143 -25.75 -5.42 3.88
CA VAL C 143 -26.62 -4.73 2.94
C VAL C 143 -25.85 -4.31 1.70
N ASN C 144 -24.73 -3.61 1.91
CA ASN C 144 -23.93 -3.13 0.78
C ASN C 144 -23.49 -4.28 -0.11
N SER C 145 -23.24 -5.46 0.47
CA SER C 145 -22.87 -6.61 -0.33
C SER C 145 -24.05 -7.11 -1.15
N ALA C 146 -25.22 -7.24 -0.52
CA ALA C 146 -26.42 -7.64 -1.25
C ALA C 146 -26.72 -6.65 -2.36
N ARG C 147 -26.51 -5.37 -2.10
CA ARG C 147 -26.72 -4.35 -3.12
C ARG C 147 -25.86 -4.62 -4.35
N ILE C 148 -24.60 -5.00 -4.14
CA ILE C 148 -23.67 -5.17 -5.25
C ILE C 148 -24.08 -6.33 -6.15
N GLN C 149 -24.74 -7.34 -5.59
CA GLN C 149 -25.14 -8.51 -6.37
C GLN C 149 -26.50 -8.34 -7.05
N LEU C 150 -27.29 -7.36 -6.63
CA LEU C 150 -28.59 -7.08 -7.23
C LEU C 150 -28.59 -5.77 -8.00
N ARG C 151 -27.44 -5.11 -8.12
CA ARG C 151 -27.40 -3.82 -8.81
C ARG C 151 -27.96 -3.93 -10.23
N LYS C 152 -27.52 -4.95 -10.98
CA LYS C 152 -27.95 -5.02 -12.37
C LYS C 152 -29.44 -5.34 -12.49
N LYS C 153 -29.96 -6.24 -11.66
CA LYS C 153 -31.36 -6.58 -11.79
C LYS C 153 -32.27 -5.43 -11.38
N ILE C 154 -31.90 -4.72 -10.30
CA ILE C 154 -32.68 -3.57 -9.88
C ILE C 154 -32.62 -2.47 -10.93
N ASN C 155 -31.45 -2.27 -11.54
CA ASN C 155 -31.31 -1.23 -12.56
C ASN C 155 -32.20 -1.51 -13.76
N GLN C 156 -32.34 -2.79 -14.14
CA GLN C 156 -33.27 -3.14 -15.22
C GLN C 156 -34.70 -2.74 -14.88
N ARG C 157 -35.08 -2.82 -13.61
CA ARG C 157 -36.43 -2.43 -13.21
C ARG C 157 -36.58 -0.92 -13.14
N LEU C 158 -35.50 -0.20 -12.82
CA LEU C 158 -35.56 1.26 -12.91
C LEU C 158 -35.71 1.71 -14.35
N VAL C 159 -35.12 0.97 -15.29
CA VAL C 159 -35.29 1.28 -16.71
C VAL C 159 -36.68 0.89 -17.17
N ALA C 160 -37.16 -0.28 -16.74
CA ALA C 160 -38.48 -0.73 -17.16
C ALA C 160 -39.57 0.18 -16.60
N SER C 161 -39.44 0.60 -15.34
CA SER C 161 -40.36 1.54 -14.74
C SER C 161 -40.12 2.98 -15.21
N ASP C 162 -39.07 3.20 -16.02
CA ASP C 162 -38.80 4.50 -16.62
C ASP C 162 -38.42 5.53 -15.56
N LEU C 163 -37.52 5.13 -14.66
CA LEU C 163 -37.01 6.00 -13.61
C LEU C 163 -35.50 6.22 -13.71
N ARG C 164 -34.82 5.56 -14.65
CA ARG C 164 -33.37 5.56 -14.65
C ARG C 164 -32.79 6.93 -14.96
N ASP C 165 -33.49 7.74 -15.75
CA ASP C 165 -33.03 9.08 -16.12
C ASP C 165 -33.64 10.18 -15.26
N VAL C 166 -34.16 9.83 -14.08
CA VAL C 166 -34.77 10.80 -13.17
C VAL C 166 -33.76 11.15 -12.09
N SER C 167 -33.41 12.43 -12.01
CA SER C 167 -32.42 12.90 -11.04
C SER C 167 -33.04 13.02 -9.65
N PHE C 168 -32.24 12.68 -8.64
CA PHE C 168 -32.63 12.85 -7.26
C PHE C 168 -32.14 14.17 -6.69
N ASN C 169 -31.07 14.72 -7.24
CA ASN C 169 -30.52 16.02 -6.84
C ASN C 169 -29.50 16.43 -7.90
N ASN C 170 -28.72 17.48 -7.60
CA ASN C 170 -27.80 18.07 -8.58
C ASN C 170 -26.48 17.31 -8.73
N ARG C 171 -26.20 16.34 -7.87
CA ARG C 171 -24.90 15.67 -7.88
C ARG C 171 -24.75 14.73 -9.08
N ILE C 172 -23.51 14.60 -9.55
CA ILE C 172 -23.17 13.73 -10.67
C ILE C 172 -22.75 12.36 -10.15
N LEU C 173 -23.24 11.33 -10.84
CA LEU C 173 -22.86 9.96 -10.56
C LEU C 173 -22.50 9.30 -11.88
N SER C 174 -21.40 8.55 -11.89
CA SER C 174 -21.08 7.75 -13.06
C SER C 174 -22.09 6.63 -13.22
N SER C 175 -22.07 5.99 -14.39
CA SER C 175 -22.97 4.88 -14.63
C SER C 175 -22.75 3.76 -13.62
N ALA C 176 -21.52 3.62 -13.12
CA ALA C 176 -21.22 2.58 -12.14
C ALA C 176 -21.65 2.99 -10.73
N GLU C 177 -21.45 4.26 -10.38
CA GLU C 177 -21.89 4.74 -9.07
C GLU C 177 -23.41 4.68 -8.93
N SER C 178 -24.14 4.88 -10.03
CA SER C 178 -25.59 4.98 -9.98
C SER C 178 -26.29 3.66 -10.26
N GLU C 179 -25.56 2.62 -10.66
CA GLU C 179 -26.18 1.36 -11.01
C GLU C 179 -26.96 0.78 -9.83
N GLY C 180 -28.24 0.50 -10.05
CA GLY C 180 -29.08 -0.12 -9.06
C GLY C 180 -29.68 0.81 -8.02
N ARG C 181 -29.28 2.08 -7.98
CA ARG C 181 -29.83 3.01 -7.00
C ARG C 181 -30.17 4.33 -7.67
N VAL C 183 -29.65 7.36 -5.86
CA VAL C 183 -28.89 8.40 -5.15
C VAL C 183 -27.86 7.72 -4.27
N VAL C 184 -26.81 8.45 -3.93
CA VAL C 184 -25.87 8.07 -2.88
C VAL C 184 -26.34 8.80 -1.63
N PRO C 185 -27.07 8.14 -0.73
CA PRO C 185 -27.67 8.86 0.40
C PRO C 185 -26.60 9.40 1.35
N ARG C 186 -26.89 10.54 1.94
CA ARG C 186 -26.02 11.14 2.92
C ARG C 186 -26.46 10.71 4.31
N LEU C 187 -25.55 10.08 5.05
CA LEU C 187 -25.89 9.41 6.30
C LEU C 187 -25.66 10.35 7.48
N LEU C 188 -26.61 10.39 8.39
CA LEU C 188 -26.54 11.18 9.60
C LEU C 188 -26.76 10.28 10.81
N ILE C 189 -26.28 10.72 11.97
CA ILE C 189 -26.41 9.98 13.21
C ILE C 189 -26.62 10.95 14.35
N ALA C 190 -27.59 10.65 15.21
CA ALA C 190 -27.89 11.48 16.37
C ALA C 190 -27.75 10.63 17.62
N PHE C 191 -26.95 11.09 18.58
CA PHE C 191 -26.72 10.37 19.83
C PHE C 191 -27.55 10.99 20.94
N GLN C 192 -28.24 10.15 21.70
CA GLN C 192 -29.05 10.62 22.81
C GLN C 192 -28.19 10.80 24.06
N ARG C 193 -28.57 11.78 24.88
CA ARG C 193 -27.84 12.08 26.10
C ARG C 193 -28.79 12.34 27.26
N LEU C 210 -15.42 20.85 26.39
CA LEU C 210 -16.55 21.47 25.70
C LEU C 210 -17.28 20.43 24.85
N TYR C 211 -18.56 20.71 24.57
CA TYR C 211 -19.37 19.81 23.75
C TYR C 211 -18.82 19.70 22.34
N GLU C 212 -18.16 20.76 21.84
CA GLU C 212 -17.66 20.73 20.47
C GLU C 212 -16.51 19.75 20.31
N LYS C 213 -15.66 19.63 21.34
CA LYS C 213 -14.54 18.70 21.25
C LYS C 213 -15.02 17.25 21.15
N LEU C 214 -16.15 16.93 21.78
CA LEU C 214 -16.68 15.57 21.74
C LEU C 214 -17.37 15.27 20.41
N GLU C 215 -18.07 16.26 19.84
CA GLU C 215 -18.73 16.06 18.56
C GLU C 215 -17.72 15.78 17.46
N LYS C 216 -16.62 16.55 17.43
CA LYS C 216 -15.58 16.31 16.44
C LYS C 216 -14.97 14.93 16.58
N ASN C 217 -14.88 14.41 17.81
CA ASN C 217 -14.27 13.10 18.03
C ASN C 217 -15.12 11.99 17.42
N LEU C 218 -16.42 11.99 17.70
CA LEU C 218 -17.29 10.95 17.14
C LEU C 218 -17.48 11.10 15.64
N ASP C 219 -17.46 12.33 15.13
CA ASP C 219 -17.52 12.52 13.68
C ASP C 219 -16.36 11.81 13.01
N ASN C 220 -15.15 11.95 13.56
CA ASN C 220 -13.99 11.26 13.01
C ASN C 220 -14.14 9.75 13.14
N GLN C 221 -14.51 9.27 14.33
CA GLN C 221 -14.78 7.85 14.50
C GLN C 221 -15.84 7.38 13.51
N PHE C 222 -16.98 8.06 13.47
CA PHE C 222 -18.07 7.62 12.60
C PHE C 222 -17.54 7.38 11.18
N SER C 223 -16.81 8.36 10.64
CA SER C 223 -16.22 8.16 9.32
C SER C 223 -15.23 7.00 9.33
N ASP C 224 -14.40 6.91 10.37
CA ASP C 224 -13.40 5.85 10.42
C ASP C 224 -14.07 4.47 10.48
N ILE C 225 -15.09 4.31 11.32
CA ILE C 225 -15.77 3.02 11.40
C ILE C 225 -16.41 2.67 10.06
N LEU C 226 -17.11 3.65 9.46
CA LEU C 226 -17.71 3.41 8.15
C LEU C 226 -16.66 3.01 7.13
N LYS C 227 -15.46 3.60 7.21
CA LYS C 227 -14.41 3.24 6.27
C LYS C 227 -13.98 1.79 6.42
N LEU C 228 -13.85 1.30 7.65
CA LEU C 228 -13.35 -0.07 7.82
C LEU C 228 -14.33 -1.09 7.28
N TYR C 229 -15.62 -0.79 7.32
CA TYR C 229 -16.62 -1.66 6.72
C TYR C 229 -16.85 -1.32 5.25
N ASP C 230 -16.01 -0.47 4.67
CA ASP C 230 -16.05 -0.15 3.25
C ASP C 230 -17.42 0.37 2.84
N LEU C 231 -18.00 1.23 3.68
CA LEU C 231 -19.31 1.80 3.41
C LEU C 231 -19.24 3.21 2.81
N ILE C 232 -18.11 3.90 2.96
CA ILE C 232 -17.91 5.21 2.35
C ILE C 232 -16.51 5.27 1.75
N ASP C 233 -16.31 6.26 0.87
CA ASP C 233 -15.03 6.47 0.19
C ASP C 233 -14.55 5.22 -0.55
N CYS C 234 -15.48 4.57 -1.26
CA CYS C 234 -15.16 3.42 -2.09
C CYS C 234 -15.73 3.56 -3.49
N GLY C 235 -16.09 4.77 -3.89
CA GLY C 235 -16.60 4.99 -5.24
C GLY C 235 -17.93 4.27 -5.42
N ALA C 236 -18.07 3.55 -6.54
CA ALA C 236 -19.31 2.87 -6.85
C ALA C 236 -19.62 1.75 -5.86
N SER C 237 -18.63 1.27 -5.12
CA SER C 237 -18.85 0.22 -4.13
C SER C 237 -19.31 0.76 -2.78
N SER C 238 -19.35 2.07 -2.61
CA SER C 238 -19.80 2.64 -1.35
C SER C 238 -21.30 2.43 -1.17
N LEU C 239 -21.72 2.35 0.09
CA LEU C 239 -23.15 2.30 0.41
C LEU C 239 -23.73 3.70 0.58
N CYS C 240 -22.94 4.63 1.09
CA CYS C 240 -23.40 5.98 1.38
C CYS C 240 -22.20 6.91 1.38
N GLN C 241 -22.42 8.15 1.85
CA GLN C 241 -21.35 9.12 1.96
C GLN C 241 -21.70 10.06 3.11
N LEU C 242 -20.74 10.92 3.46
CA LEU C 242 -20.92 11.91 4.50
C LEU C 242 -20.78 13.30 3.92
N ASN C 243 -21.43 14.27 4.57
CA ASN C 243 -21.30 15.66 4.13
C ASN C 243 -19.84 16.07 4.15
N GLU C 244 -19.53 17.13 3.40
CA GLU C 244 -18.17 17.65 3.35
C GLU C 244 -17.89 18.60 4.51
N THR C 245 -18.87 19.43 4.87
CA THR C 245 -18.69 20.40 5.94
C THR C 245 -19.90 20.41 6.86
N ILE C 246 -21.08 20.14 6.33
CA ILE C 246 -22.30 20.23 7.13
C ILE C 246 -22.26 19.15 8.21
N PRO C 247 -22.62 19.46 9.46
CA PRO C 247 -22.52 18.45 10.53
C PRO C 247 -23.12 17.11 10.12
N VAL C 248 -22.46 16.04 10.55
CA VAL C 248 -22.98 14.69 10.34
C VAL C 248 -23.51 14.06 11.63
N VAL C 249 -22.91 14.37 12.77
CA VAL C 249 -23.31 13.79 14.05
C VAL C 249 -23.96 14.89 14.87
N HIS C 250 -24.99 14.51 15.64
CA HIS C 250 -25.68 15.42 16.53
C HIS C 250 -25.86 14.77 17.89
N LEU C 251 -25.72 15.58 18.94
CA LEU C 251 -25.91 15.13 20.31
C LEU C 251 -27.24 15.70 20.79
N LEU C 252 -28.23 14.83 20.93
CA LEU C 252 -29.55 15.26 21.36
C LEU C 252 -29.55 15.69 22.82
N ASN C 253 -30.31 16.74 23.11
CA ASN C 253 -30.47 17.22 24.47
C ASN C 253 -31.44 16.33 25.25
N PRO C 254 -31.39 16.39 26.58
CA PRO C 254 -32.18 15.68 27.60
C PRO C 254 -31.70 14.26 27.83
N ASN C 289 -34.39 25.08 18.65
CA ASN C 289 -34.15 23.67 18.91
C ASN C 289 -32.94 23.18 18.13
N SER C 290 -31.92 22.72 18.85
CA SER C 290 -30.65 22.35 18.22
C SER C 290 -30.85 21.27 17.18
N PHE C 291 -31.73 20.30 17.44
CA PHE C 291 -31.90 19.17 16.53
C PHE C 291 -32.67 19.55 15.27
N VAL C 292 -33.64 20.46 15.39
CA VAL C 292 -34.36 20.90 14.20
C VAL C 292 -33.40 21.63 13.26
N LYS C 293 -32.52 22.47 13.80
CA LYS C 293 -31.53 23.13 12.98
C LYS C 293 -30.56 22.13 12.37
N PHE C 294 -30.22 21.07 13.09
CA PHE C 294 -29.33 20.04 12.55
C PHE C 294 -29.91 19.44 11.29
N LEU C 295 -31.22 19.22 11.26
CA LEU C 295 -31.87 18.65 10.07
C LEU C 295 -32.07 19.70 8.98
N GLU C 296 -32.39 20.94 9.36
CA GLU C 296 -32.62 21.98 8.36
C GLU C 296 -31.34 22.33 7.61
N ASP C 297 -30.22 22.48 8.33
CA ASP C 297 -28.95 22.76 7.67
C ASP C 297 -28.62 21.68 6.65
N ASN C 298 -28.96 20.43 6.97
CA ASN C 298 -28.74 19.33 6.04
C ASN C 298 -29.75 19.36 4.90
N PHE C 299 -31.04 19.40 5.23
CA PHE C 299 -32.07 19.35 4.20
C PHE C 299 -31.99 20.55 3.27
N ARG C 300 -31.80 21.75 3.82
CA ARG C 300 -31.77 22.94 2.98
C ARG C 300 -30.44 23.12 2.24
N SER C 301 -29.50 22.19 2.38
CA SER C 301 -28.29 22.22 1.56
C SER C 301 -28.50 21.59 0.19
N GLU C 302 -29.70 21.11 -0.11
CA GLU C 302 -29.99 20.39 -1.33
C GLU C 302 -31.35 20.84 -1.84
N LYS C 303 -31.38 21.36 -3.07
CA LYS C 303 -32.62 21.83 -3.65
C LYS C 303 -33.48 20.65 -4.06
N ASN C 304 -34.74 20.64 -3.63
CA ASN C 304 -35.65 19.55 -4.00
C ASN C 304 -35.70 19.43 -5.51
N GLU C 305 -35.70 18.18 -5.98
CA GLU C 305 -35.51 17.88 -7.40
C GLU C 305 -36.56 16.88 -7.89
N ILE C 306 -36.64 15.73 -7.24
CA ILE C 306 -37.50 14.65 -7.72
C ILE C 306 -38.94 14.92 -7.31
N SER C 307 -39.87 14.68 -8.22
CA SER C 307 -41.27 14.93 -7.97
C SER C 307 -41.89 13.81 -7.13
N LEU C 308 -42.94 14.18 -6.39
CA LEU C 308 -43.69 13.18 -5.64
C LEU C 308 -44.18 12.07 -6.54
N GLU C 309 -44.54 12.39 -7.78
CA GLU C 309 -45.02 11.39 -8.71
C GLU C 309 -43.97 10.32 -8.98
N ASN C 310 -42.72 10.74 -9.17
CA ASN C 310 -41.66 9.76 -9.42
C ASN C 310 -41.27 9.02 -8.15
N VAL C 311 -41.32 9.68 -7.00
CA VAL C 311 -41.09 8.98 -5.74
C VAL C 311 -42.13 7.88 -5.55
N ILE C 312 -43.39 8.17 -5.85
CA ILE C 312 -44.44 7.16 -5.74
C ILE C 312 -44.11 5.96 -6.63
N GLU C 313 -43.78 6.23 -7.89
CA GLU C 313 -43.42 5.15 -8.81
C GLU C 313 -42.18 4.41 -8.34
N LEU C 314 -41.29 5.09 -7.62
CA LEU C 314 -40.09 4.44 -7.11
C LEU C 314 -40.41 3.49 -5.97
N ASN C 316 -43.24 1.98 -5.55
CA ASN C 316 -43.89 0.85 -6.20
C ASN C 316 -42.86 -0.03 -6.91
N CYS C 317 -41.91 0.58 -7.62
CA CYS C 317 -40.92 -0.19 -8.35
C CYS C 317 -40.05 -1.00 -7.41
N LEU C 318 -39.63 -0.40 -6.30
CA LEU C 318 -38.68 -1.04 -5.40
C LEU C 318 -39.34 -2.01 -4.43
N GLN C 319 -40.61 -2.34 -4.61
CA GLN C 319 -41.24 -3.34 -3.77
C GLN C 319 -40.65 -4.73 -4.00
N CYS C 320 -40.10 -4.97 -5.19
CA CYS C 320 -39.46 -6.25 -5.46
C CYS C 320 -38.26 -6.48 -4.55
N VAL C 321 -37.65 -5.41 -4.06
CA VAL C 321 -36.55 -5.55 -3.12
C VAL C 321 -37.06 -6.13 -1.80
N LEU C 322 -38.17 -5.59 -1.29
CA LEU C 322 -38.71 -6.06 -0.03
C LEU C 322 -39.31 -7.46 -0.15
N ASP C 323 -39.83 -7.80 -1.32
CA ASP C 323 -40.41 -9.13 -1.54
C ASP C 323 -39.37 -10.18 -1.89
N GLY C 324 -38.13 -9.79 -2.15
CA GLY C 324 -37.11 -10.74 -2.53
C GLY C 324 -37.35 -11.40 -3.87
N ASP C 325 -38.06 -10.73 -4.77
CA ASP C 325 -38.38 -11.31 -6.07
C ASP C 325 -37.15 -11.44 -6.95
N LEU C 326 -36.06 -10.77 -6.62
CA LEU C 326 -34.85 -10.78 -7.42
C LEU C 326 -33.75 -11.66 -6.84
N GLU C 327 -34.01 -12.33 -5.72
CA GLU C 327 -33.01 -13.13 -5.04
C GLU C 327 -33.02 -14.57 -5.54
N GLU C 328 -31.88 -15.23 -5.41
CA GLU C 328 -31.81 -16.65 -5.70
C GLU C 328 -32.55 -17.43 -4.62
N LYS C 329 -33.31 -18.44 -5.04
CA LYS C 329 -34.15 -19.17 -4.11
C LYS C 329 -33.31 -19.89 -3.06
N HIS C 330 -33.80 -19.91 -1.83
CA HIS C 330 -33.20 -20.69 -0.76
C HIS C 330 -31.84 -20.16 -0.33
N GLU C 331 -31.79 -18.92 0.15
CA GLU C 331 -30.59 -18.34 0.72
C GLU C 331 -30.72 -18.32 2.24
N LYS C 332 -29.67 -18.76 2.93
CA LYS C 332 -29.67 -18.83 4.39
C LYS C 332 -28.71 -17.79 4.96
N THR C 333 -28.96 -17.38 6.19
CA THR C 333 -28.08 -16.41 6.83
C THR C 333 -26.75 -17.08 7.19
N ALA C 334 -25.80 -16.25 7.64
CA ALA C 334 -24.48 -16.77 7.98
C ALA C 334 -24.55 -17.72 9.16
N ILE C 335 -25.35 -17.40 10.18
CA ILE C 335 -25.46 -18.26 11.35
C ILE C 335 -26.13 -19.58 10.97
N GLN C 336 -27.16 -19.53 10.13
CA GLN C 336 -27.78 -20.75 9.64
C GLN C 336 -26.78 -21.60 8.86
N THR C 337 -25.95 -20.94 8.03
CA THR C 337 -24.92 -21.67 7.28
C THR C 337 -23.88 -22.25 8.23
N PHE C 338 -23.55 -21.52 9.30
CA PHE C 338 -22.65 -22.06 10.31
C PHE C 338 -23.25 -23.30 10.96
N ILE C 339 -24.51 -23.20 11.38
CA ILE C 339 -25.19 -24.33 12.00
C ILE C 339 -25.21 -25.52 11.05
N LYS C 340 -25.71 -25.32 9.83
CA LYS C 340 -25.89 -26.45 8.93
C LYS C 340 -24.57 -27.16 8.63
N ARG C 341 -23.46 -26.43 8.61
CA ARG C 341 -22.18 -27.05 8.29
C ARG C 341 -21.66 -27.88 9.46
N ILE C 342 -21.65 -27.31 10.67
CA ILE C 342 -21.13 -28.02 11.82
C ILE C 342 -21.98 -29.22 12.17
N GLN C 343 -23.29 -29.13 11.92
CA GLN C 343 -24.17 -30.26 12.20
C GLN C 343 -23.92 -31.38 11.20
N ASN C 344 -23.59 -31.02 9.95
CA ASN C 344 -23.21 -32.02 8.96
C ASN C 344 -21.90 -32.71 9.33
N ASP C 345 -20.95 -31.95 9.90
CA ASP C 345 -19.69 -32.54 10.35
C ASP C 345 -19.90 -33.42 11.58
N HIS C 346 -20.66 -32.93 12.56
CA HIS C 346 -20.88 -33.71 13.78
C HIS C 346 -21.48 -35.08 13.44
N GLU C 348 -21.25 -36.56 10.53
CA GLU C 348 -20.22 -37.29 9.78
C GLU C 348 -19.21 -37.96 10.70
N GLU C 349 -18.94 -37.36 11.86
CA GLU C 349 -18.03 -38.00 12.82
C GLU C 349 -18.73 -39.14 13.54
N ALA C 350 -19.99 -38.95 13.94
CA ALA C 350 -20.72 -40.05 14.55
C ALA C 350 -20.85 -41.22 13.58
N ARG C 351 -20.96 -40.94 12.29
CA ARG C 351 -20.92 -42.00 11.28
C ARG C 351 -19.54 -42.64 11.21
N ARG C 352 -18.48 -41.86 11.44
CA ARG C 352 -17.14 -42.45 11.49
C ARG C 352 -16.97 -43.29 12.75
N LEU C 353 -17.54 -42.84 13.87
CA LEU C 353 -17.52 -43.64 15.09
C LEU C 353 -18.50 -44.80 14.94
N TYR C 354 -18.19 -45.90 15.63
CA TYR C 354 -18.96 -47.14 15.52
C TYR C 354 -18.50 -47.92 14.30
N THR C 355 -18.13 -47.20 13.24
CA THR C 355 -17.59 -47.84 12.05
C THR C 355 -16.20 -48.39 12.30
N ASN C 356 -15.31 -47.57 12.85
CA ASN C 356 -13.95 -47.99 13.14
C ASN C 356 -13.76 -48.19 14.64
N SER C 380 -18.91 -59.11 15.24
CA SER C 380 -19.31 -57.87 14.58
C SER C 380 -20.76 -57.54 14.93
N LYS C 381 -21.65 -58.51 14.69
CA LYS C 381 -23.04 -58.43 15.10
C LYS C 381 -23.18 -57.77 16.47
N GLU C 382 -22.70 -58.44 17.52
CA GLU C 382 -22.88 -57.95 18.88
C GLU C 382 -22.31 -56.55 19.05
N GLU C 383 -21.12 -56.28 18.48
CA GLU C 383 -20.52 -54.97 18.67
C GLU C 383 -21.16 -53.90 17.81
N HIS C 384 -22.29 -54.20 17.16
CA HIS C 384 -23.08 -53.18 16.48
C HIS C 384 -24.01 -52.45 17.44
N LEU C 385 -24.52 -53.15 18.45
CA LEU C 385 -25.41 -52.52 19.42
C LEU C 385 -24.68 -51.47 20.25
N ARG C 387 -21.69 -50.25 19.56
CA ARG C 387 -21.14 -49.28 18.62
C ARG C 387 -22.18 -48.23 18.24
N PHE C 388 -23.47 -48.51 18.45
CA PHE C 388 -24.48 -47.50 18.18
C PHE C 388 -24.58 -46.49 19.31
N ASN C 389 -24.34 -46.91 20.56
CA ASN C 389 -24.62 -46.06 21.71
C ASN C 389 -23.51 -45.01 21.95
N GLU C 390 -22.24 -45.37 21.77
CA GLU C 390 -21.18 -44.39 22.02
C GLU C 390 -21.31 -43.22 21.06
N ALA C 391 -21.78 -43.47 19.83
CA ALA C 391 -22.00 -42.38 18.89
C ALA C 391 -23.12 -41.47 19.36
N THR C 392 -24.21 -42.04 19.89
CA THR C 392 -25.27 -41.22 20.46
C THR C 392 -24.72 -40.37 21.60
N HIS C 393 -23.84 -40.94 22.43
CA HIS C 393 -23.23 -40.16 23.49
C HIS C 393 -22.44 -38.99 22.93
N TYR C 394 -21.87 -39.14 21.73
CA TYR C 394 -21.19 -38.02 21.08
C TYR C 394 -22.19 -36.96 20.65
N ILE C 395 -23.16 -37.34 19.81
CA ILE C 395 -24.12 -36.36 19.31
C ILE C 395 -24.97 -35.80 20.43
N ASP C 396 -25.25 -36.60 21.45
CA ASP C 396 -25.95 -36.08 22.62
C ASP C 396 -25.04 -35.20 23.47
N SER C 397 -23.73 -35.18 23.16
CA SER C 397 -22.74 -34.38 23.86
C SER C 397 -22.48 -33.03 23.20
N VAL C 398 -22.71 -32.93 21.90
CA VAL C 398 -22.24 -31.78 21.14
C VAL C 398 -23.34 -31.02 20.41
N VAL C 399 -24.49 -31.65 20.12
CA VAL C 399 -25.53 -30.99 19.32
C VAL C 399 -26.48 -30.23 20.24
N GLY C 400 -26.67 -28.95 19.93
CA GLY C 400 -27.50 -28.07 20.72
C GLY C 400 -28.89 -27.90 20.14
N VAL C 401 -28.96 -27.57 18.85
CA VAL C 401 -30.23 -27.39 18.16
C VAL C 401 -30.50 -28.62 17.31
N ASN C 402 -31.78 -28.93 17.12
CA ASN C 402 -32.21 -30.06 16.31
C ASN C 402 -31.64 -31.38 16.84
N SER C 403 -31.33 -31.43 18.15
CA SER C 403 -30.71 -32.63 18.71
C SER C 403 -31.64 -33.84 18.57
N ARG C 404 -32.93 -33.65 18.84
CA ARG C 404 -33.88 -34.76 18.72
C ARG C 404 -33.88 -35.31 17.30
N GLU C 405 -33.96 -34.43 16.30
CA GLU C 405 -33.93 -34.86 14.91
C GLU C 405 -32.56 -35.42 14.54
N ALA C 406 -31.50 -34.95 15.19
CA ALA C 406 -30.15 -35.39 14.85
C ALA C 406 -29.95 -36.87 15.16
N LEU C 407 -30.43 -37.31 16.32
CA LEU C 407 -30.26 -38.71 16.71
C LEU C 407 -31.00 -39.64 15.75
N SER C 408 -32.22 -39.27 15.36
CA SER C 408 -33.00 -40.13 14.48
C SER C 408 -32.35 -40.30 13.11
N GLN C 409 -31.71 -39.24 12.59
CA GLN C 409 -31.11 -39.33 11.26
C GLN C 409 -29.88 -40.22 11.25
N LEU C 410 -29.00 -40.08 12.25
CA LEU C 410 -27.77 -40.86 12.28
C LEU C 410 -28.07 -42.33 12.53
N GLN C 411 -28.85 -42.61 13.57
CA GLN C 411 -29.14 -43.99 13.95
C GLN C 411 -29.82 -44.75 12.83
N ALA C 412 -30.70 -44.09 12.07
CA ALA C 412 -31.25 -44.71 10.86
C ALA C 412 -30.16 -44.96 9.83
N GLN C 413 -29.19 -44.06 9.72
CA GLN C 413 -28.11 -44.24 8.76
C GLN C 413 -27.17 -45.36 9.18
N CYS C 414 -26.86 -45.45 10.48
CA CYS C 414 -25.93 -46.48 10.96
C CYS C 414 -26.55 -47.86 10.89
N ASN C 415 -27.82 -48.00 11.26
CA ASN C 415 -28.46 -49.31 11.15
C ASN C 415 -28.49 -49.78 9.70
N GLU C 416 -28.64 -48.84 8.76
CA GLU C 416 -28.51 -49.18 7.34
C GLU C 416 -27.08 -49.55 6.98
N TRP C 418 -24.28 -51.37 8.81
CA TRP C 418 -23.94 -52.79 8.95
C TRP C 418 -25.07 -53.71 8.48
N GLN C 419 -26.23 -53.16 8.16
CA GLN C 419 -27.26 -53.92 7.46
C GLN C 419 -26.93 -54.12 5.99
N SER C 420 -25.85 -53.51 5.50
CA SER C 420 -25.40 -53.70 4.13
C SER C 420 -23.95 -53.24 3.97
N LYS D 2 -4.10 -10.53 46.69
CA LYS D 2 -4.26 -9.08 46.80
C LYS D 2 -5.15 -8.54 45.69
N GLU D 3 -4.96 -9.03 44.47
CA GLU D 3 -5.71 -8.55 43.32
C GLU D 3 -5.85 -9.69 42.32
N SER D 4 -6.51 -9.40 41.20
CA SER D 4 -6.66 -10.40 40.15
C SER D 4 -5.32 -10.66 39.48
N VAL D 5 -5.25 -11.78 38.76
CA VAL D 5 -4.09 -12.17 37.98
C VAL D 5 -4.58 -12.66 36.63
N ARG D 6 -3.68 -12.66 35.65
CA ARG D 6 -4.02 -13.04 34.30
C ARG D 6 -4.20 -14.55 34.21
N PHE D 7 -5.35 -14.98 33.69
CA PHE D 7 -5.67 -16.41 33.59
C PHE D 7 -4.98 -17.05 32.41
N LEU D 8 -4.75 -16.30 31.34
CA LEU D 8 -4.10 -16.80 30.15
C LEU D 8 -2.76 -16.10 29.94
N THR D 9 -1.86 -16.77 29.24
CA THR D 9 -0.61 -16.19 28.76
C THR D 9 -0.70 -16.09 27.23
N ASP D 10 0.44 -16.06 26.56
CA ASP D 10 0.46 -15.83 25.13
C ASP D 10 -0.33 -16.90 24.38
N PHE D 11 -0.97 -16.49 23.29
CA PHE D 11 -1.68 -17.39 22.39
C PHE D 11 -2.81 -18.14 23.09
N GLY D 12 -3.42 -17.52 24.09
CA GLY D 12 -4.58 -18.11 24.72
C GLY D 12 -4.34 -19.36 25.51
N GLU D 13 -3.10 -19.61 25.93
CA GLU D 13 -2.81 -20.74 26.81
C GLU D 13 -3.09 -20.35 28.26
N ILE D 14 -3.56 -21.34 29.04
CA ILE D 14 -3.79 -21.10 30.46
C ILE D 14 -2.45 -20.77 31.11
N SER D 15 -2.43 -19.70 31.90
CA SER D 15 -1.20 -19.31 32.58
C SER D 15 -0.68 -20.45 33.44
N ASP D 16 0.64 -20.56 33.51
CA ASP D 16 1.29 -21.59 34.31
C ASP D 16 1.16 -21.31 35.81
N ALA D 17 0.77 -20.11 36.21
CA ALA D 17 0.76 -19.70 37.61
C ALA D 17 -0.56 -19.96 38.32
N ILE D 18 -1.57 -20.49 37.62
CA ILE D 18 -2.91 -20.58 38.21
C ILE D 18 -3.02 -21.81 39.11
N SER D 19 -2.43 -22.93 38.70
CA SER D 19 -2.58 -24.16 39.48
C SER D 19 -2.10 -23.98 40.90
N ASP D 20 -1.06 -23.17 41.11
CA ASP D 20 -0.55 -22.94 42.46
C ASP D 20 -1.49 -22.12 43.31
N LEU D 21 -2.47 -21.45 42.69
CA LEU D 21 -3.44 -20.63 43.42
C LEU D 21 -4.68 -21.41 43.83
N LEU D 22 -4.78 -22.69 43.45
CA LEU D 22 -5.96 -23.49 43.69
C LEU D 22 -5.72 -24.49 44.82
N THR D 23 -6.70 -24.58 45.73
CA THR D 23 -6.64 -25.54 46.82
C THR D 23 -7.18 -26.89 46.34
N SER D 24 -7.80 -27.67 47.24
CA SER D 24 -8.23 -29.01 46.88
C SER D 24 -9.62 -29.34 47.40
N SER D 25 -10.52 -28.31 47.56
CA SER D 25 -11.82 -28.61 48.12
C SER D 25 -12.83 -29.00 47.04
N PRO D 26 -13.79 -29.88 47.36
CA PRO D 26 -14.87 -30.17 46.41
C PRO D 26 -15.96 -29.12 46.37
N ASN D 27 -15.96 -28.17 47.29
CA ASN D 27 -16.97 -27.12 47.35
C ASN D 27 -16.33 -25.83 46.81
N PHE D 28 -16.52 -25.59 45.51
CA PHE D 28 -16.02 -24.38 44.89
C PHE D 28 -17.04 -23.88 43.88
N ASN D 29 -17.02 -22.57 43.64
CA ASN D 29 -18.01 -21.91 42.79
C ASN D 29 -17.29 -21.02 41.80
N VAL D 30 -17.61 -21.18 40.52
CA VAL D 30 -16.96 -20.45 39.43
C VAL D 30 -18.00 -19.50 38.83
N ILE D 31 -17.73 -18.20 38.92
CA ILE D 31 -18.61 -17.18 38.36
C ILE D 31 -17.80 -16.38 37.35
N SER D 32 -18.32 -16.26 36.13
CA SER D 32 -17.70 -15.48 35.07
C SER D 32 -18.58 -14.30 34.70
N ALA D 33 -17.95 -13.28 34.12
CA ALA D 33 -18.64 -12.07 33.70
C ALA D 33 -18.23 -11.73 32.28
N ILE D 34 -19.23 -11.45 31.43
CA ILE D 34 -19.00 -11.08 30.03
C ILE D 34 -19.88 -9.88 29.72
N GLY D 35 -19.48 -9.14 28.68
CA GLY D 35 -20.25 -8.01 28.23
C GLY D 35 -19.40 -6.95 27.56
N PRO D 36 -20.06 -5.92 26.99
CA PRO D 36 -19.32 -4.84 26.33
C PRO D 36 -18.41 -4.07 27.29
N GLN D 37 -17.66 -3.11 26.75
CA GLN D 37 -16.61 -2.46 27.51
C GLN D 37 -17.16 -1.52 28.57
N GLY D 38 -18.19 -0.74 28.22
CA GLY D 38 -18.62 0.36 29.06
C GLY D 38 -19.46 -0.04 30.26
N ALA D 39 -20.01 -1.24 30.27
CA ALA D 39 -20.97 -1.62 31.29
C ALA D 39 -20.37 -1.62 32.69
N GLY D 40 -19.06 -1.75 32.81
CA GLY D 40 -18.44 -1.74 34.11
C GLY D 40 -18.59 -3.05 34.87
N LYS D 41 -18.47 -4.18 34.18
CA LYS D 41 -18.55 -5.46 34.86
C LYS D 41 -17.37 -5.69 35.78
N SER D 42 -16.20 -5.17 35.42
CA SER D 42 -15.02 -5.35 36.25
C SER D 42 -15.25 -4.80 37.65
N THR D 43 -15.88 -3.63 37.75
CA THR D 43 -16.16 -3.07 39.07
C THR D 43 -17.22 -3.86 39.81
N LEU D 44 -18.26 -4.32 39.11
CA LEU D 44 -19.33 -5.06 39.78
C LEU D 44 -18.83 -6.43 40.24
N LEU D 45 -18.12 -7.15 39.37
CA LEU D 45 -17.63 -8.46 39.74
C LEU D 45 -16.65 -8.37 40.90
N SER D 46 -15.91 -7.25 41.00
CA SER D 46 -14.98 -7.05 42.09
C SER D 46 -15.71 -6.97 43.43
N LEU D 48 -18.60 -8.34 44.14
CA LEU D 48 -19.01 -9.70 44.47
C LEU D 48 -17.85 -10.52 44.99
N ALA D 49 -16.63 -10.14 44.64
CA ALA D 49 -15.45 -10.84 45.15
C ALA D 49 -15.14 -10.47 46.59
N GLY D 50 -15.43 -9.22 47.00
CA GLY D 50 -15.24 -8.84 48.38
C GLY D 50 -15.24 -7.35 48.68
N ASN D 51 -14.87 -6.51 47.71
CA ASN D 51 -14.81 -5.08 47.98
C ASN D 51 -16.21 -4.52 48.22
N ASN D 52 -16.27 -3.44 49.00
CA ASN D 52 -17.52 -3.01 49.61
C ASN D 52 -17.70 -1.50 49.50
N SER D 53 -18.75 -1.07 48.81
CA SER D 53 -19.22 0.33 48.83
C SER D 53 -18.11 1.26 48.34
N ARG D 54 -17.96 2.44 48.93
CA ARG D 54 -17.06 3.48 48.42
C ARG D 54 -15.62 3.16 48.84
N GLN D 55 -14.88 2.50 47.94
CA GLN D 55 -13.46 2.27 48.13
C GLN D 55 -12.74 2.64 46.85
N TYR D 57 -10.58 2.91 43.45
CA TYR D 57 -10.44 2.06 42.27
C TYR D 57 -9.13 1.30 42.29
N ARG D 58 -8.08 1.90 42.85
CA ARG D 58 -6.79 1.22 42.94
C ARG D 58 -6.88 -0.03 43.80
N GLU D 59 -7.84 -0.08 44.72
CA GLU D 59 -8.01 -1.23 45.60
C GLU D 59 -8.92 -2.30 45.04
N TYR D 60 -9.55 -2.04 43.89
CA TYR D 60 -10.41 -3.04 43.27
C TYR D 60 -9.59 -4.23 42.79
N VAL D 61 -10.21 -5.41 42.84
CA VAL D 61 -9.51 -6.63 42.49
C VAL D 61 -9.46 -6.81 40.97
N PHE D 62 -10.48 -6.36 40.24
CA PHE D 62 -10.50 -6.39 38.78
C PHE D 62 -10.41 -4.96 38.28
N ARG D 63 -9.27 -4.59 37.72
CA ARG D 63 -9.07 -3.27 37.11
C ARG D 63 -8.64 -3.45 35.66
N PRO D 64 -9.50 -3.19 34.67
CA PRO D 64 -9.06 -3.34 33.28
C PRO D 64 -7.95 -2.38 32.94
N VAL D 65 -7.04 -2.84 32.09
CA VAL D 65 -5.89 -2.03 31.68
C VAL D 65 -6.17 -1.39 30.32
N ARG D 74 3.87 -5.69 19.77
CA ARG D 74 3.08 -6.91 19.94
C ARG D 74 2.35 -6.90 21.28
N HIS D 75 1.18 -7.52 21.31
CA HIS D 75 0.35 -7.54 22.51
C HIS D 75 -0.53 -8.78 22.46
N GLN D 76 -1.18 -9.05 23.59
CA GLN D 76 -2.03 -10.24 23.69
C GLN D 76 -3.43 -9.96 23.16
N THR D 77 -3.94 -10.90 22.36
CA THR D 77 -5.24 -10.73 21.73
C THR D 77 -6.39 -10.98 22.72
N ILE D 78 -6.36 -12.12 23.40
CA ILE D 78 -7.44 -12.54 24.27
C ILE D 78 -6.91 -12.72 25.69
N GLN D 79 -7.76 -12.42 26.67
CA GLN D 79 -7.32 -12.50 28.06
C GLN D 79 -8.53 -12.66 28.98
N ILE D 80 -8.30 -13.38 30.08
CA ILE D 80 -9.28 -13.53 31.15
C ILE D 80 -8.55 -13.29 32.47
N ASP D 81 -9.20 -12.58 33.38
CA ASP D 81 -8.63 -12.32 34.70
C ASP D 81 -9.23 -13.27 35.73
N ILE D 82 -8.38 -13.79 36.61
CA ILE D 82 -8.74 -14.80 37.59
C ILE D 82 -8.51 -14.22 38.98
N TYR D 83 -9.46 -14.47 39.88
CA TYR D 83 -9.33 -14.06 41.26
C TYR D 83 -10.16 -15.00 42.12
N ILE D 84 -9.64 -15.37 43.29
CA ILE D 84 -10.23 -16.41 44.11
C ILE D 84 -10.18 -15.97 45.58
N VAL D 85 -11.31 -16.07 46.27
CA VAL D 85 -11.36 -15.93 47.73
C VAL D 85 -12.21 -17.06 48.26
N ASN D 86 -11.73 -17.71 49.31
CA ASN D 86 -12.48 -18.76 50.02
C ASN D 86 -13.17 -19.71 49.05
N HIS D 87 -12.37 -20.29 48.17
CA HIS D 87 -12.85 -21.28 47.20
C HIS D 87 -13.90 -20.72 46.26
N GLN D 88 -13.92 -19.40 46.04
CA GLN D 88 -14.82 -18.75 45.11
C GLN D 88 -13.99 -18.23 43.94
N ILE D 89 -14.23 -18.79 42.76
CA ILE D 89 -13.44 -18.47 41.57
C ILE D 89 -14.21 -17.46 40.74
N PHE D 90 -13.58 -16.32 40.46
CA PHE D 90 -14.17 -15.25 39.67
C PHE D 90 -13.35 -15.05 38.40
N LEU D 91 -14.02 -15.10 37.25
CA LEU D 91 -13.37 -14.95 35.95
C LEU D 91 -13.95 -13.73 35.25
N ASP D 92 -13.09 -12.79 34.89
CA ASP D 92 -13.50 -11.55 34.24
C ASP D 92 -13.02 -11.60 32.79
N CYS D 93 -13.94 -11.91 31.88
CA CYS D 93 -13.60 -11.98 30.47
C CYS D 93 -13.25 -10.60 29.95
N GLN D 94 -12.39 -10.56 28.95
CA GLN D 94 -12.12 -9.29 28.30
C GLN D 94 -13.41 -8.78 27.68
N PRO D 95 -13.64 -7.46 27.67
CA PRO D 95 -14.93 -6.95 27.18
C PRO D 95 -15.21 -7.40 25.76
N TYR D 97 -15.95 -7.17 22.03
CA TYR D 97 -15.68 -6.29 20.90
C TYR D 97 -16.39 -6.75 19.63
N SER D 98 -17.24 -7.78 19.73
CA SER D 98 -17.91 -8.32 18.56
C SER D 98 -18.94 -9.38 18.95
N PHE D 113 -10.39 -6.47 7.34
CA PHE D 113 -10.41 -7.92 7.41
C PHE D 113 -10.34 -8.41 8.85
N ASP D 114 -10.47 -7.48 9.80
CA ASP D 114 -10.32 -7.79 11.21
C ASP D 114 -11.65 -7.98 11.94
N ASP D 115 -12.79 -7.74 11.28
CA ASP D 115 -14.07 -7.96 11.92
C ASP D 115 -14.27 -9.43 12.29
N SER D 116 -13.84 -10.34 11.41
CA SER D 116 -14.06 -11.76 11.65
C SER D 116 -13.30 -12.26 12.87
N THR D 117 -12.04 -11.83 13.02
CA THR D 117 -11.23 -12.33 14.12
C THR D 117 -11.70 -11.80 15.47
N ALA D 118 -12.21 -10.58 15.52
CA ALA D 118 -12.74 -10.05 16.78
C ALA D 118 -13.97 -10.85 17.21
N SER D 120 -14.73 -14.11 16.31
CA SER D 120 -14.31 -15.45 16.69
C SER D 120 -13.65 -15.46 18.06
N ASP D 121 -12.90 -14.40 18.38
CA ASP D 121 -12.26 -14.33 19.70
C ASP D 121 -13.29 -14.12 20.79
N THR D 122 -14.25 -13.21 20.57
CA THR D 122 -15.33 -13.04 21.53
C THR D 122 -16.11 -14.33 21.71
N LEU D 123 -16.35 -15.05 20.61
CA LEU D 123 -17.13 -16.28 20.69
C LEU D 123 -16.34 -17.39 21.37
N ARG D 124 -15.03 -17.46 21.10
CA ARG D 124 -14.19 -18.48 21.71
C ARG D 124 -14.13 -18.32 23.21
N LEU D 125 -13.92 -17.09 23.70
CA LEU D 125 -13.87 -16.85 25.13
C LEU D 125 -15.22 -17.07 25.79
N THR D 126 -16.30 -16.66 25.11
CA THR D 126 -17.64 -16.82 25.68
C THR D 126 -17.99 -18.29 25.82
N ALA D 127 -17.79 -19.07 24.75
CA ALA D 127 -18.10 -20.50 24.82
C ALA D 127 -17.26 -21.19 25.88
N PHE D 128 -16.01 -20.77 26.07
CA PHE D 128 -15.16 -21.41 27.07
C PHE D 128 -15.67 -21.12 28.48
N LEU D 129 -16.05 -19.87 28.75
CA LEU D 129 -16.49 -19.53 30.09
C LEU D 129 -17.87 -20.11 30.40
N LEU D 130 -18.71 -20.30 29.38
CA LEU D 130 -19.99 -20.97 29.60
C LEU D 130 -19.77 -22.41 30.06
N TYR D 131 -18.76 -23.08 29.50
CA TYR D 131 -18.55 -24.49 29.80
C TYR D 131 -17.85 -24.71 31.14
N VAL D 132 -17.05 -23.76 31.61
CA VAL D 132 -16.24 -23.95 32.80
C VAL D 132 -16.81 -23.27 34.03
N SER D 133 -17.86 -22.46 33.87
CA SER D 133 -18.42 -21.70 34.98
C SER D 133 -19.72 -22.34 35.44
N HIS D 134 -20.04 -22.15 36.71
CA HIS D 134 -21.36 -22.51 37.20
C HIS D 134 -22.40 -21.51 36.71
N THR D 135 -22.13 -20.22 36.90
CA THR D 135 -23.02 -19.17 36.41
C THR D 135 -22.19 -18.08 35.74
N VAL D 136 -22.71 -17.54 34.65
CA VAL D 136 -22.09 -16.45 33.91
C VAL D 136 -22.97 -15.21 34.03
N LEU D 137 -22.38 -14.11 34.51
CA LEU D 137 -23.06 -12.83 34.56
C LEU D 137 -22.90 -12.12 33.23
N VAL D 138 -24.01 -11.73 32.63
CA VAL D 138 -24.02 -11.03 31.35
C VAL D 138 -24.32 -9.56 31.65
N VAL D 139 -23.27 -8.76 31.73
CA VAL D 139 -23.37 -7.37 32.18
C VAL D 139 -23.39 -6.46 30.95
N SER D 140 -24.38 -5.57 30.91
CA SER D 140 -24.54 -4.67 29.78
C SER D 140 -25.42 -3.51 30.20
N GLU D 141 -25.42 -2.47 29.38
CA GLU D 141 -26.35 -1.36 29.52
C GLU D 141 -27.54 -1.47 28.56
N THR D 142 -27.71 -2.61 27.89
CA THR D 142 -28.59 -2.69 26.74
C THR D 142 -29.54 -3.88 26.76
N HIS D 143 -29.65 -4.61 27.86
CA HIS D 143 -30.64 -5.67 27.95
C HIS D 143 -32.04 -5.08 27.82
N TYR D 144 -32.90 -5.68 26.99
CA TYR D 144 -32.64 -6.85 26.13
C TYR D 144 -31.82 -6.44 24.90
N ASP D 145 -30.77 -7.22 24.59
CA ASP D 145 -29.89 -6.93 23.45
C ASP D 145 -29.78 -8.19 22.60
N LYS D 146 -30.30 -8.13 21.37
CA LYS D 146 -30.34 -9.32 20.53
C LYS D 146 -28.94 -9.84 20.22
N VAL D 147 -27.99 -8.95 19.96
CA VAL D 147 -26.66 -9.39 19.57
C VAL D 147 -25.99 -10.18 20.70
N ILE D 148 -26.22 -9.75 21.95
CA ILE D 148 -25.68 -10.50 23.09
C ILE D 148 -26.30 -11.90 23.15
N ILE D 149 -27.61 -12.01 22.93
CA ILE D 149 -28.25 -13.33 22.91
C ILE D 149 -27.75 -14.15 21.74
N ASP D 150 -27.57 -13.52 20.57
CA ASP D 150 -26.98 -14.23 19.44
C ASP D 150 -25.63 -14.82 19.82
N THR D 151 -24.81 -14.05 20.54
CA THR D 151 -23.50 -14.52 20.94
C THR D 151 -23.61 -15.70 21.90
N LEU D 152 -24.54 -15.64 22.84
CA LEU D 152 -24.66 -16.70 23.84
C LEU D 152 -25.12 -18.01 23.21
N ARG D 153 -26.15 -17.94 22.35
CA ARG D 153 -26.68 -19.16 21.76
C ARG D 153 -25.75 -19.74 20.70
N VAL D 154 -24.92 -18.91 20.06
CA VAL D 154 -23.93 -19.45 19.13
C VAL D 154 -22.75 -20.04 19.91
N ALA D 155 -22.30 -19.35 20.95
CA ALA D 155 -21.25 -19.90 21.80
C ALA D 155 -21.68 -21.22 22.42
N GLU D 156 -22.99 -21.39 22.66
CA GLU D 156 -23.50 -22.63 23.20
C GLU D 156 -23.15 -23.80 22.30
N GLN D 157 -23.00 -23.56 20.99
CA GLN D 157 -22.75 -24.61 20.03
C GLN D 157 -21.27 -24.95 19.91
N ILE D 158 -20.38 -24.19 20.56
CA ILE D 158 -18.95 -24.45 20.51
C ILE D 158 -18.65 -25.41 21.67
N ARG D 159 -18.64 -26.71 21.37
CA ARG D 159 -18.60 -27.69 22.43
C ARG D 159 -17.36 -28.58 22.36
N PRO D 160 -16.80 -28.94 23.52
CA PRO D 160 -15.78 -30.00 23.55
C PRO D 160 -16.43 -31.37 23.69
N TYR D 161 -15.60 -32.42 23.77
CA TYR D 161 -16.11 -33.77 23.97
C TYR D 161 -15.88 -34.17 25.42
N LEU D 162 -14.67 -34.65 25.74
CA LEU D 162 -14.28 -34.95 27.11
C LEU D 162 -15.12 -36.08 27.71
N ALA D 163 -15.33 -37.16 26.95
CA ALA D 163 -15.98 -38.33 27.51
C ALA D 163 -15.00 -39.17 28.31
N ILE D 164 -13.72 -39.13 27.94
CA ILE D 164 -12.71 -39.90 28.64
C ILE D 164 -12.25 -39.19 29.90
N PHE D 165 -12.55 -37.91 30.05
CA PHE D 165 -12.16 -37.17 31.24
C PHE D 165 -12.84 -37.72 32.48
N ARG D 166 -12.08 -37.81 33.57
CA ARG D 166 -12.60 -38.28 34.85
C ARG D 166 -12.06 -37.36 35.94
N PRO D 167 -12.93 -36.87 36.85
CA PRO D 167 -14.24 -37.46 37.16
C PRO D 167 -15.31 -37.16 36.12
N LYS D 168 -16.09 -38.20 35.79
CA LYS D 168 -17.10 -38.14 34.76
C LYS D 168 -17.85 -36.81 34.80
N LEU D 169 -18.09 -36.25 33.63
CA LEU D 169 -18.66 -34.92 33.53
C LEU D 169 -20.14 -35.00 33.17
N ALA D 170 -20.91 -34.05 33.72
CA ALA D 170 -22.34 -33.99 33.48
C ALA D 170 -22.60 -33.60 32.03
N ILE D 171 -23.34 -34.44 31.31
CA ILE D 171 -23.57 -34.21 29.89
C ILE D 171 -24.77 -33.28 29.68
N ASP D 172 -25.76 -33.34 30.56
CA ASP D 172 -26.95 -32.49 30.49
C ASP D 172 -26.79 -31.23 31.34
N ARG D 173 -25.57 -30.91 31.76
CA ARG D 173 -25.33 -29.74 32.60
C ARG D 173 -25.81 -28.46 31.93
N LYS D 174 -26.45 -27.61 32.71
CA LYS D 174 -26.86 -26.28 32.27
C LYS D 174 -26.12 -25.23 33.08
N THR D 175 -25.58 -24.23 32.38
CA THR D 175 -24.91 -23.10 33.01
C THR D 175 -25.94 -22.01 33.27
N ASN D 176 -25.92 -21.46 34.49
CA ASN D 176 -26.88 -20.44 34.85
C ASN D 176 -26.42 -19.09 34.31
N LEU D 177 -27.37 -18.32 33.79
CA LEU D 177 -27.12 -16.98 33.27
C LEU D 177 -27.89 -15.99 34.11
N VAL D 178 -27.23 -14.93 34.54
CA VAL D 178 -27.85 -13.83 35.27
C VAL D 178 -27.58 -12.57 34.48
N PHE D 179 -28.62 -12.02 33.86
CA PHE D 179 -28.48 -10.80 33.09
C PHE D 179 -28.57 -9.61 34.02
N ILE D 180 -27.58 -8.72 33.94
CA ILE D 180 -27.47 -7.58 34.83
C ILE D 180 -27.36 -6.32 33.96
N LYS D 181 -28.33 -5.43 34.08
CA LYS D 181 -28.32 -4.16 33.37
C LYS D 181 -27.84 -3.08 34.33
N THR D 182 -26.64 -2.56 34.08
CA THR D 182 -26.01 -1.59 34.98
C THR D 182 -26.18 -0.17 34.45
N LYS D 183 -25.91 0.79 35.32
CA LYS D 183 -25.98 2.21 34.98
C LYS D 183 -27.31 2.54 34.29
N ALA D 184 -28.38 2.03 34.88
CA ALA D 184 -29.71 2.09 34.31
C ALA D 184 -30.46 3.33 34.81
N SER D 185 -31.54 3.68 34.10
CA SER D 185 -32.33 4.86 34.40
C SER D 185 -33.55 4.49 35.25
N SER D 186 -34.34 5.51 35.60
CA SER D 186 -35.49 5.29 36.47
C SER D 186 -36.52 4.38 35.81
N ILE D 187 -36.72 4.52 34.49
CA ILE D 187 -37.71 3.70 33.81
C ILE D 187 -37.21 2.27 33.57
N ASP D 188 -35.90 2.05 33.62
CA ASP D 188 -35.40 0.68 33.53
C ASP D 188 -35.80 -0.16 34.73
N LEU D 189 -36.12 0.47 35.86
CA LEU D 189 -36.56 -0.22 37.05
C LEU D 189 -38.06 -0.48 37.07
N ALA D 190 -38.81 0.07 36.12
CA ALA D 190 -40.25 -0.11 36.09
C ALA D 190 -40.59 -1.61 36.00
N PRO D 191 -41.37 -2.16 36.93
CA PRO D 191 -41.66 -3.61 36.86
C PRO D 191 -42.23 -4.07 35.53
N THR D 192 -43.06 -3.24 34.87
CA THR D 192 -43.69 -3.67 33.64
C THR D 192 -42.69 -3.83 32.50
N VAL D 193 -41.63 -3.02 32.47
CA VAL D 193 -40.62 -3.19 31.42
C VAL D 193 -39.68 -4.33 31.78
N ILE D 194 -39.35 -4.49 33.06
CA ILE D 194 -38.49 -5.60 33.47
C ILE D 194 -39.18 -6.92 33.14
N ARG D 195 -40.49 -7.01 33.40
CA ARG D 195 -41.22 -8.22 33.03
C ARG D 195 -41.23 -8.41 31.53
N GLU D 196 -41.47 -7.33 30.78
CA GLU D 196 -41.43 -7.42 29.31
C GLU D 196 -40.07 -7.90 28.83
N ARG D 197 -38.99 -7.36 29.40
CA ARG D 197 -37.65 -7.79 29.00
C ARG D 197 -37.35 -9.18 29.51
N GLU D 198 -37.76 -9.49 30.75
CA GLU D 198 -37.54 -10.83 31.29
C GLU D 198 -38.23 -11.87 30.43
N GLU D 199 -39.40 -11.55 29.89
CA GLU D 199 -40.12 -12.49 29.02
C GLU D 199 -39.28 -12.83 27.79
N LEU D 200 -38.72 -11.81 27.13
CA LEU D 200 -37.90 -12.05 25.95
C LEU D 200 -36.70 -12.93 26.28
N LEU D 201 -36.07 -12.70 27.43
CA LEU D 201 -34.93 -13.51 27.82
C LEU D 201 -35.32 -14.97 28.00
N ARG D 202 -36.46 -15.22 28.66
CA ARG D 202 -36.88 -16.59 28.86
C ARG D 202 -37.26 -17.28 27.54
N LEU D 203 -37.82 -16.54 26.58
CA LEU D 203 -38.06 -17.12 25.27
C LEU D 203 -36.75 -17.40 24.53
N SER D 204 -35.71 -16.60 24.80
CA SER D 204 -34.45 -16.75 24.09
C SER D 204 -33.68 -17.99 24.52
N PHE D 205 -34.01 -18.57 25.68
CA PHE D 205 -33.32 -19.75 26.17
C PHE D 205 -34.26 -20.90 26.47
N GLN D 206 -35.53 -20.82 26.05
CA GLN D 206 -36.47 -21.89 26.29
C GLN D 206 -36.08 -23.14 25.52
N ASP D 207 -35.37 -22.98 24.41
CA ASP D 207 -34.86 -24.09 23.62
C ASP D 207 -33.38 -24.35 23.87
N SER D 208 -32.75 -23.59 24.77
CA SER D 208 -31.34 -23.78 25.05
C SER D 208 -31.13 -25.12 25.75
N ARG D 209 -30.03 -25.78 25.41
CA ARG D 209 -29.70 -27.07 25.99
C ARG D 209 -28.74 -26.97 27.15
N TRP D 210 -27.76 -26.07 27.08
CA TRP D 210 -26.74 -25.97 28.12
C TRP D 210 -26.69 -24.60 28.80
N LEU D 211 -27.61 -23.69 28.49
CA LEU D 211 -27.80 -22.47 29.25
C LEU D 211 -29.22 -22.43 29.81
N LYS D 212 -29.41 -21.58 30.82
CA LYS D 212 -30.71 -21.41 31.44
C LYS D 212 -30.75 -20.07 32.15
N VAL D 213 -31.96 -19.54 32.31
CA VAL D 213 -32.21 -18.34 33.09
C VAL D 213 -33.31 -18.65 34.09
N SER D 214 -33.31 -17.90 35.19
CA SER D 214 -34.33 -18.08 36.20
C SER D 214 -35.71 -17.78 35.62
N GLN D 215 -36.70 -18.61 35.99
CA GLN D 215 -38.08 -18.40 35.57
C GLN D 215 -38.87 -17.58 36.57
N GLU D 216 -38.24 -17.10 37.65
CA GLU D 216 -38.92 -16.31 38.66
C GLU D 216 -38.81 -14.82 38.35
N PRO D 217 -39.91 -14.07 38.37
CA PRO D 217 -39.83 -12.64 38.06
C PRO D 217 -38.79 -11.94 38.94
N PHE D 218 -38.11 -10.96 38.36
CA PHE D 218 -37.11 -10.14 39.05
C PHE D 218 -35.87 -10.93 39.44
N LYS D 219 -35.76 -12.19 38.99
CA LYS D 219 -34.57 -12.99 39.18
C LYS D 219 -33.86 -13.28 37.87
N THR D 220 -34.46 -12.91 36.74
CA THR D 220 -33.88 -13.14 35.43
C THR D 220 -33.06 -11.93 34.95
N LEU D 221 -33.61 -10.74 35.10
CA LEU D 221 -32.92 -9.50 34.73
C LEU D 221 -32.81 -8.63 35.96
N ILE D 222 -31.58 -8.37 36.40
CA ILE D 222 -31.33 -7.51 37.54
C ILE D 222 -30.86 -6.15 37.03
N VAL D 223 -31.39 -5.09 37.61
CA VAL D 223 -31.16 -3.73 37.11
C VAL D 223 -30.45 -2.94 38.19
N LEU D 224 -29.31 -2.36 37.83
CA LEU D 224 -28.50 -1.55 38.74
C LEU D 224 -28.13 -0.25 38.06
N GLU D 225 -27.89 0.79 38.87
CA GLU D 225 -27.49 2.10 38.36
C GLU D 225 -26.15 2.48 38.97
N GLU D 226 -25.48 3.43 38.32
CA GLU D 226 -24.14 3.85 38.73
C GLU D 226 -24.13 4.41 40.15
N LEU D 247 -23.63 0.83 54.63
CA LEU D 247 -24.13 -0.27 53.83
C LEU D 247 -24.76 0.23 52.54
N ASN D 248 -25.78 1.08 52.68
CA ASN D 248 -26.46 1.65 51.52
C ASN D 248 -27.24 0.58 50.77
N GLU D 249 -28.20 1.00 49.94
CA GLU D 249 -28.95 0.05 49.13
C GLU D 249 -28.07 -0.69 48.14
N PHE D 250 -26.92 -0.12 47.75
CA PHE D 250 -26.07 -0.78 46.76
C PHE D 250 -25.46 -2.06 47.34
N ASP D 251 -24.87 -1.99 48.54
CA ASP D 251 -24.22 -3.18 49.09
C ASP D 251 -25.23 -4.21 49.55
N GLU D 252 -26.40 -3.79 50.04
CA GLU D 252 -27.44 -4.75 50.37
C GLU D 252 -27.84 -5.56 49.15
N GLN D 253 -27.87 -4.92 47.98
CA GLN D 253 -28.15 -5.63 46.74
C GLN D 253 -27.00 -6.56 46.39
N ILE D 254 -25.76 -6.09 46.55
CA ILE D 254 -24.60 -6.91 46.21
C ILE D 254 -24.53 -8.14 47.11
N ALA D 255 -24.79 -7.97 48.41
CA ALA D 255 -24.78 -9.11 49.32
C ALA D 255 -25.90 -10.09 49.00
N GLU D 256 -27.10 -9.58 48.73
CA GLU D 256 -28.21 -10.45 48.37
C GLU D 256 -27.97 -11.16 47.05
N LEU D 257 -27.44 -10.41 46.06
CA LEU D 257 -27.10 -11.04 44.79
C LEU D 257 -25.98 -12.06 44.96
N ARG D 258 -24.96 -11.72 45.74
CA ARG D 258 -23.86 -12.65 45.97
C ARG D 258 -24.37 -13.98 46.50
N GLU D 259 -25.35 -13.96 47.41
CA GLU D 259 -25.87 -15.20 47.96
C GLU D 259 -26.67 -15.99 46.93
N GLU D 260 -27.41 -15.31 46.06
CA GLU D 260 -28.21 -16.03 45.06
C GLU D 260 -27.33 -16.73 44.03
N LEU D 261 -26.12 -16.23 43.80
CA LEU D 261 -25.24 -16.83 42.81
C LEU D 261 -24.66 -18.18 43.25
N GLN D 262 -24.92 -18.63 44.47
CA GLN D 262 -24.56 -19.98 44.90
C GLN D 262 -25.73 -20.95 44.81
N LYS D 263 -26.94 -20.44 44.55
CA LYS D 263 -28.13 -21.29 44.58
C LYS D 263 -28.20 -22.17 43.33
N ASN D 264 -28.66 -21.61 42.21
CA ASN D 264 -28.95 -22.39 41.02
C ASN D 264 -27.65 -22.71 40.28
N ARG D 265 -26.88 -23.61 40.88
CA ARG D 265 -25.67 -24.14 40.28
C ARG D 265 -25.88 -25.62 39.95
N GLU D 266 -25.15 -26.09 38.94
CA GLU D 266 -25.16 -27.50 38.56
C GLU D 266 -23.73 -27.97 38.38
N ASP D 267 -23.36 -29.03 39.10
CA ASP D 267 -21.99 -29.51 39.12
C ASP D 267 -21.56 -29.99 37.74
N PHE D 268 -20.27 -29.86 37.46
CA PHE D 268 -19.72 -30.38 36.21
C PHE D 268 -19.68 -31.90 36.20
N THR D 269 -19.69 -32.53 37.38
CA THR D 269 -19.56 -33.97 37.51
C THR D 269 -20.93 -34.64 37.49
N VAL D 270 -20.93 -35.92 37.09
CA VAL D 270 -22.13 -36.74 37.21
C VAL D 270 -22.40 -37.03 38.68
N GLU D 271 -21.37 -37.40 39.42
CA GLU D 271 -21.47 -37.71 40.84
C GLU D 271 -21.12 -36.50 41.70
N THR D 272 -21.78 -36.41 42.85
CA THR D 272 -21.62 -35.29 43.76
C THR D 272 -20.20 -35.18 44.29
N ALA D 273 -19.68 -33.95 44.29
CA ALA D 273 -18.45 -33.57 44.99
C ALA D 273 -17.25 -34.40 44.55
N ALA D 274 -17.26 -34.89 43.30
CA ALA D 274 -16.15 -35.69 42.80
C ALA D 274 -15.06 -34.85 42.14
N ASP D 276 -12.28 -31.93 42.03
CA ASP D 276 -11.42 -31.09 42.86
C ASP D 276 -11.22 -29.73 42.19
N GLU D 277 -10.76 -28.77 42.98
CA GLU D 277 -10.49 -27.44 42.45
C GLU D 277 -9.38 -27.47 41.42
N LYS D 278 -8.40 -28.37 41.59
CA LYS D 278 -7.33 -28.55 40.62
C LYS D 278 -7.84 -29.29 39.38
N LYS D 279 -8.74 -30.25 39.58
CA LYS D 279 -9.37 -30.94 38.47
C LYS D 279 -10.22 -30.01 37.62
N TRP D 280 -10.69 -28.91 38.20
CA TRP D 280 -11.40 -27.91 37.40
C TRP D 280 -10.45 -27.23 36.42
N LEU D 281 -9.23 -26.90 36.88
CA LEU D 281 -8.25 -26.31 35.97
C LEU D 281 -7.80 -27.31 34.91
N ASP D 282 -7.73 -28.59 35.26
CA ASP D 282 -7.40 -29.60 34.26
C ASP D 282 -8.51 -29.74 33.22
N CYS D 284 -10.32 -27.21 32.29
CA CYS D 284 -10.14 -26.03 31.47
C CYS D 284 -9.06 -26.26 30.42
N ARG D 285 -8.00 -26.98 30.77
CA ARG D 285 -6.95 -27.28 29.79
C ARG D 285 -7.45 -28.24 28.73
N GLU D 286 -8.36 -29.15 29.10
CA GLU D 286 -8.88 -30.12 28.14
C GLU D 286 -9.90 -29.48 27.21
N VAL D 287 -10.59 -28.43 27.64
CA VAL D 287 -11.55 -27.75 26.78
C VAL D 287 -10.83 -27.00 25.67
N ILE D 288 -9.87 -26.14 26.04
CA ILE D 288 -9.19 -25.32 25.04
C ILE D 288 -8.36 -26.18 24.11
N ARG D 289 -8.10 -27.42 24.48
CA ARG D 289 -7.35 -28.36 23.65
C ARG D 289 -8.24 -29.23 22.77
N ASP D 290 -9.52 -29.34 23.10
CA ASP D 290 -10.38 -30.32 22.46
C ASP D 290 -10.43 -30.11 20.94
N LYS D 291 -10.32 -31.21 20.21
CA LYS D 291 -10.25 -31.14 18.75
C LYS D 291 -11.61 -30.81 18.15
N THR D 292 -12.69 -31.39 18.70
CA THR D 292 -14.02 -31.07 18.19
C THR D 292 -14.33 -29.60 18.38
N LEU D 293 -13.90 -29.02 19.51
CA LEU D 293 -14.10 -27.60 19.74
C LEU D 293 -13.36 -26.77 18.70
N HIS D 294 -12.12 -27.16 18.38
CA HIS D 294 -11.34 -26.41 17.39
C HIS D 294 -12.01 -26.44 16.02
N LYS D 295 -12.53 -27.60 15.61
CA LYS D 295 -13.13 -27.71 14.29
C LYS D 295 -14.33 -26.78 14.16
N THR D 296 -15.15 -26.68 15.21
CA THR D 296 -16.33 -25.83 15.13
C THR D 296 -15.97 -24.35 15.22
N LEU D 297 -14.95 -24.00 16.00
CA LEU D 297 -14.51 -22.60 16.06
C LEU D 297 -14.08 -22.10 14.68
N LYS D 298 -13.27 -22.90 13.97
CA LYS D 298 -12.81 -22.48 12.66
C LYS D 298 -13.97 -22.34 11.69
N GLU D 299 -14.92 -23.27 11.74
CA GLU D 299 -16.06 -23.21 10.85
C GLU D 299 -16.93 -21.98 11.11
N TYR D 300 -16.89 -21.44 12.33
CA TYR D 300 -17.62 -20.21 12.63
C TYR D 300 -16.98 -19.02 11.91
N GLN D 301 -15.67 -18.86 12.05
CA GLN D 301 -15.00 -17.75 11.37
C GLN D 301 -15.17 -17.84 9.85
N ARG D 302 -15.15 -19.06 9.31
CA ARG D 302 -15.38 -19.22 7.88
C ARG D 302 -16.80 -18.81 7.50
N ALA D 303 -17.79 -19.18 8.32
CA ALA D 303 -19.16 -18.81 8.04
C ALA D 303 -19.34 -17.29 8.09
N THR D 305 -17.02 -15.00 7.34
CA THR D 305 -16.39 -14.40 6.16
C THR D 305 -17.03 -14.95 4.89
N ASP E 2 23.47 -38.26 16.58
CA ASP E 2 22.74 -38.09 15.33
C ASP E 2 21.29 -38.49 15.51
N ILE E 3 20.37 -37.64 15.04
CA ILE E 3 18.95 -37.89 15.25
C ILE E 3 18.51 -39.17 14.55
N ALA E 4 19.16 -39.51 13.44
CA ALA E 4 18.84 -40.75 12.72
C ALA E 4 19.08 -41.97 13.60
N LYS E 5 20.17 -41.96 14.38
CA LYS E 5 20.45 -43.06 15.30
C LYS E 5 19.59 -42.97 16.56
N TRP E 6 19.18 -41.75 16.93
CA TRP E 6 18.43 -41.58 18.17
C TRP E 6 17.09 -42.29 18.12
N VAL E 7 16.42 -42.26 16.96
CA VAL E 7 15.11 -42.91 16.85
C VAL E 7 15.26 -44.41 17.04
N GLU E 8 16.28 -45.02 16.42
CA GLU E 8 16.51 -46.45 16.58
C GLU E 8 16.69 -46.83 18.04
N HIS E 9 17.17 -45.88 18.86
CA HIS E 9 17.50 -46.14 20.25
C HIS E 9 16.49 -45.55 21.24
N ALA E 10 15.61 -44.66 20.78
CA ALA E 10 14.62 -44.06 21.67
C ALA E 10 13.48 -45.00 22.01
N ARG E 11 13.10 -45.88 21.09
CA ARG E 11 11.87 -46.66 21.28
C ARG E 11 12.00 -47.61 22.46
N THR E 12 13.18 -48.20 22.64
CA THR E 12 13.40 -49.14 23.74
C THR E 12 14.05 -48.49 24.95
N CYS E 13 14.87 -47.45 24.74
CA CYS E 13 15.54 -46.80 25.86
C CYS E 13 14.55 -46.13 26.81
N TYR E 14 13.43 -45.62 26.28
CA TYR E 14 12.40 -44.99 27.08
C TYR E 14 11.09 -45.78 27.03
N SER E 15 11.23 -47.10 26.99
CA SER E 15 10.07 -47.99 26.85
C SER E 15 9.00 -47.73 27.90
N THR E 16 9.40 -47.27 29.09
CA THR E 16 8.46 -47.08 30.19
C THR E 16 7.85 -45.68 30.24
N GLN E 17 8.36 -44.73 29.47
CA GLN E 17 7.94 -43.34 29.56
C GLN E 17 7.48 -42.81 28.21
N LEU E 18 6.84 -43.67 27.41
CA LEU E 18 6.44 -43.30 26.05
C LEU E 18 5.27 -42.32 26.03
N ASP E 19 4.52 -42.19 27.13
CA ASP E 19 3.38 -41.28 27.18
C ASP E 19 3.74 -39.93 27.79
N THR E 20 4.98 -39.74 28.21
CA THR E 20 5.39 -38.45 28.76
C THR E 20 5.24 -37.36 27.72
N LYS E 21 4.70 -36.22 28.15
CA LYS E 21 4.56 -35.06 27.29
C LYS E 21 5.82 -34.21 27.36
N ILE E 22 6.33 -33.84 26.18
CA ILE E 22 7.62 -33.20 26.06
C ILE E 22 7.53 -32.06 25.05
N LYS E 23 8.60 -31.29 24.96
CA LYS E 23 8.80 -30.33 23.89
C LYS E 23 10.04 -30.68 23.11
N VAL E 24 10.07 -30.22 21.86
CA VAL E 24 11.22 -30.38 20.98
C VAL E 24 11.75 -28.99 20.67
N ILE E 25 13.02 -28.77 20.98
CA ILE E 25 13.64 -27.45 20.88
C ILE E 25 14.79 -27.53 19.88
N GLY E 26 14.73 -26.68 18.86
CA GLY E 26 15.79 -26.60 17.87
C GLY E 26 16.82 -25.54 18.26
N VAL E 27 18.05 -25.75 17.80
CA VAL E 27 19.16 -24.90 18.18
C VAL E 27 20.00 -24.60 16.95
N ILE E 28 20.21 -23.32 16.66
CA ILE E 28 21.01 -22.88 15.53
C ILE E 28 22.15 -22.01 16.06
N GLY E 29 23.38 -22.39 15.72
CA GLY E 29 24.54 -21.61 16.14
C GLY E 29 25.76 -22.06 15.37
N LYS E 30 26.86 -21.36 15.62
CA LYS E 30 28.14 -21.69 15.02
C LYS E 30 29.17 -21.96 16.11
N ASP E 31 30.14 -22.83 15.78
CA ASP E 31 31.23 -23.14 16.69
C ASP E 31 32.25 -22.02 16.75
N TYR E 32 32.87 -21.87 17.91
CA TYR E 32 33.95 -20.91 18.11
C TYR E 32 35.03 -21.52 18.99
N PRO E 33 36.22 -20.91 19.06
CA PRO E 33 37.28 -21.46 19.93
C PRO E 33 36.83 -21.46 21.38
N ASP E 34 36.87 -22.66 21.99
CA ASP E 34 36.49 -22.84 23.39
C ASP E 34 35.04 -22.46 23.64
N HIS E 35 34.18 -22.63 22.63
CA HIS E 35 32.76 -22.31 22.77
C HIS E 35 32.01 -22.98 21.62
N GLY E 36 31.35 -24.11 21.91
CA GLY E 36 30.53 -24.78 20.93
C GLY E 36 29.12 -24.21 20.87
N LYS E 37 28.38 -24.63 19.84
CA LYS E 37 27.01 -24.14 19.65
C LYS E 37 26.19 -24.31 20.92
N GLY E 38 26.15 -25.53 21.45
CA GLY E 38 25.26 -25.85 22.55
C GLY E 38 25.88 -25.70 23.92
N ASP E 39 26.94 -24.89 24.02
CA ASP E 39 27.56 -24.67 25.33
C ASP E 39 26.59 -23.97 26.27
N ASN E 40 25.69 -23.15 25.75
CA ASN E 40 24.68 -22.53 26.59
C ASN E 40 23.64 -23.55 27.01
N ILE E 41 23.41 -24.56 26.18
CA ILE E 41 22.46 -25.62 26.50
C ILE E 41 23.07 -26.61 27.48
N ASN E 42 24.36 -26.92 27.31
CA ASN E 42 25.02 -27.76 28.29
C ASN E 42 25.00 -27.11 29.67
N CYS E 43 25.08 -25.78 29.72
CA CYS E 43 24.95 -25.06 30.98
C CYS E 43 23.52 -25.14 31.53
N TYR E 44 22.53 -25.16 30.64
CA TYR E 44 21.14 -25.33 31.08
C TYR E 44 20.89 -26.74 31.58
N LEU E 45 21.49 -27.74 30.91
CA LEU E 45 21.38 -29.12 31.35
C LEU E 45 22.32 -29.46 32.50
N ARG E 46 23.26 -28.57 32.83
CA ARG E 46 24.29 -28.89 33.81
C ARG E 46 24.95 -30.23 33.45
N GLU E 47 25.15 -30.44 32.15
CA GLU E 47 25.75 -31.66 31.63
C GLU E 47 26.35 -31.36 30.27
N ASN E 48 27.67 -31.54 30.13
CA ASN E 48 28.35 -31.28 28.87
C ASN E 48 27.94 -32.30 27.81
N VAL E 49 26.82 -32.04 27.13
CA VAL E 49 26.27 -32.99 26.16
C VAL E 49 26.89 -32.81 24.78
N PHE E 50 26.94 -31.58 24.30
CA PHE E 50 27.40 -31.35 22.93
C PHE E 50 28.87 -30.94 22.91
N PRO E 51 29.58 -31.22 21.83
CA PRO E 51 31.03 -31.02 21.81
C PRO E 51 31.40 -29.56 21.65
N VAL E 52 32.65 -29.26 22.00
CA VAL E 52 33.20 -27.93 21.77
C VAL E 52 33.29 -27.66 20.28
N ALA E 53 33.53 -28.69 19.47
CA ALA E 53 33.63 -28.56 18.02
C ALA E 53 33.12 -29.84 17.39
N ALA E 54 32.28 -29.69 16.37
CA ALA E 54 31.74 -30.86 15.68
C ALA E 54 32.85 -31.59 14.94
N THR E 55 32.93 -32.90 15.11
CA THR E 55 33.92 -33.71 14.41
C THR E 55 33.43 -34.00 12.99
N GLU E 56 34.34 -34.56 12.18
CA GLU E 56 34.02 -34.84 10.79
C GLU E 56 32.83 -35.80 10.68
N ASP E 57 32.77 -36.81 11.54
CA ASP E 57 31.68 -37.77 11.51
C ASP E 57 30.35 -37.15 11.91
N GLU E 58 30.37 -36.00 12.60
CA GLU E 58 29.15 -35.36 13.08
C GLU E 58 28.70 -34.21 12.19
N THR E 59 29.43 -33.90 11.12
CA THR E 59 29.09 -32.75 10.29
C THR E 59 27.79 -32.96 9.53
N CYS E 60 27.08 -31.87 9.29
CA CYS E 60 25.85 -31.87 8.50
C CYS E 60 24.85 -32.89 9.05
N THR E 61 24.69 -32.89 10.37
CA THR E 61 23.72 -33.74 11.03
C THR E 61 23.05 -32.95 12.14
N ILE E 62 21.82 -33.32 12.46
CA ILE E 62 21.12 -32.80 13.62
C ILE E 62 21.47 -33.69 14.80
N ARG E 63 21.84 -33.07 15.93
CA ARG E 63 22.27 -33.79 17.12
C ARG E 63 21.18 -33.68 18.18
N GLY E 64 20.66 -34.84 18.60
CA GLY E 64 19.56 -34.90 19.55
C GLY E 64 20.02 -35.41 20.91
N HIS E 65 19.48 -34.80 21.96
CA HIS E 65 19.65 -35.28 23.33
C HIS E 65 18.34 -35.06 24.07
N PHE E 66 17.83 -36.11 24.72
CA PHE E 66 16.57 -36.03 25.45
C PHE E 66 16.90 -35.84 26.93
N SER E 67 16.57 -34.68 27.46
CA SER E 67 16.73 -34.40 28.89
C SER E 67 15.49 -34.88 29.63
N GLU E 68 15.67 -35.87 30.50
CA GLU E 68 14.54 -36.43 31.24
C GLU E 68 14.11 -35.50 32.37
N ASP E 69 15.03 -34.73 32.95
CA ASP E 69 14.67 -33.82 34.02
C ASP E 69 13.82 -32.67 33.51
N ASP E 70 14.12 -32.16 32.32
CA ASP E 70 13.39 -31.03 31.75
C ASP E 70 12.26 -31.45 30.82
N GLN E 71 12.18 -32.73 30.44
CA GLN E 71 11.19 -33.20 29.49
C GLN E 71 11.28 -32.41 28.18
N ILE E 72 12.51 -32.31 27.67
CA ILE E 72 12.80 -31.56 26.45
C ILE E 72 13.72 -32.40 25.59
N LEU E 73 13.38 -32.51 24.31
CA LEU E 73 14.28 -33.11 23.31
C LEU E 73 14.97 -31.96 22.57
N PHE E 74 16.27 -31.81 22.82
CA PHE E 74 17.04 -30.76 22.18
C PHE E 74 17.61 -31.24 20.86
N LEU E 75 17.57 -30.36 19.85
CA LEU E 75 18.12 -30.63 18.53
C LEU E 75 19.12 -29.53 18.21
N VAL E 76 20.40 -29.89 18.18
CA VAL E 76 21.47 -28.96 17.84
C VAL E 76 21.95 -29.30 16.44
N ASN E 78 24.47 -29.13 13.18
CA ASN E 78 25.82 -28.97 12.65
C ASN E 78 25.73 -28.55 11.18
N GLY E 79 26.01 -27.28 10.92
CA GLY E 79 25.78 -26.68 9.62
C GLY E 79 27.04 -26.56 8.79
N VAL E 80 26.96 -25.72 7.76
CA VAL E 80 28.05 -25.59 6.81
C VAL E 80 29.25 -24.87 7.41
N ASP E 81 29.05 -24.14 8.50
CA ASP E 81 30.10 -23.30 9.06
C ASP E 81 31.06 -24.05 9.97
N ASP E 82 30.78 -25.32 10.27
CA ASP E 82 31.69 -26.08 11.12
C ASP E 82 33.03 -26.23 10.43
N VAL E 83 34.12 -26.01 11.19
CA VAL E 83 35.46 -26.14 10.64
C VAL E 83 35.64 -27.52 10.02
N ALA E 84 35.12 -28.56 10.69
CA ALA E 84 35.32 -29.92 10.19
C ALA E 84 34.58 -30.13 8.87
N ASN E 85 33.47 -29.42 8.66
CA ASN E 85 32.75 -29.55 7.39
C ASN E 85 33.48 -28.83 6.27
N ILE E 86 34.01 -27.65 6.53
CA ILE E 86 34.75 -26.93 5.50
C ILE E 86 36.03 -27.70 5.15
N ARG E 87 36.71 -28.24 6.16
CA ARG E 87 37.87 -29.09 5.89
C ARG E 87 37.49 -30.29 5.03
N LYS E 88 36.43 -30.99 5.41
CA LYS E 88 36.02 -32.17 4.66
C LYS E 88 35.66 -31.81 3.23
N CYS E 89 34.94 -30.70 3.02
CA CYS E 89 34.46 -30.37 1.69
C CYS E 89 35.61 -30.03 0.75
N LEU E 90 36.53 -29.17 1.18
CA LEU E 90 37.58 -28.69 0.28
C LEU E 90 38.74 -29.67 0.16
N LYS E 91 38.69 -30.79 0.89
CA LYS E 91 39.69 -31.84 0.75
C LYS E 91 39.11 -33.15 0.20
N SER E 92 37.77 -33.26 0.15
CA SER E 92 37.16 -34.52 -0.27
C SER E 92 37.63 -34.95 -1.65
N ASN E 93 37.72 -34.01 -2.58
CA ASN E 93 38.17 -34.31 -3.94
C ASN E 93 38.79 -33.05 -4.54
N PRO E 94 40.13 -32.96 -4.56
CA PRO E 94 40.77 -31.79 -5.22
C PRO E 94 40.51 -31.72 -6.71
N LYS E 95 39.91 -32.76 -7.31
CA LYS E 95 39.51 -32.69 -8.71
C LYS E 95 38.21 -31.92 -8.91
N SER E 96 37.58 -31.46 -7.83
CA SER E 96 36.38 -30.63 -7.92
C SER E 96 36.77 -29.15 -7.83
N ASN E 97 35.83 -28.31 -7.44
CA ASN E 97 36.08 -26.88 -7.27
C ASN E 97 35.37 -26.40 -6.00
N TYR E 98 35.66 -25.16 -5.62
CA TYR E 98 35.13 -24.63 -4.37
C TYR E 98 33.61 -24.64 -4.35
N PHE E 99 32.97 -24.24 -5.47
CA PHE E 99 31.52 -24.10 -5.48
C PHE E 99 30.84 -25.46 -5.35
N ASP E 100 31.21 -26.42 -6.20
CA ASP E 100 30.62 -27.75 -6.13
C ASP E 100 30.99 -28.47 -4.85
N ALA E 101 32.09 -28.09 -4.19
CA ALA E 101 32.50 -28.76 -2.97
C ALA E 101 31.62 -28.38 -1.79
N ALA E 103 28.45 -27.20 -2.14
CA ALA E 103 27.05 -27.14 -2.54
C ALA E 103 26.20 -28.12 -1.75
N GLU E 104 26.66 -29.36 -1.62
CA GLU E 104 25.85 -30.38 -0.97
C GLU E 104 25.61 -30.05 0.50
N SER E 105 26.63 -29.53 1.19
CA SER E 105 26.46 -29.17 2.60
C SER E 105 25.50 -28.00 2.75
N GLU E 106 25.54 -27.04 1.81
CA GLU E 106 24.55 -25.98 1.82
C GLU E 106 23.14 -26.54 1.64
N CYS E 107 22.98 -27.48 0.72
CA CYS E 107 21.67 -28.10 0.51
C CYS E 107 21.23 -28.83 1.77
N GLN E 108 22.15 -29.53 2.43
CA GLN E 108 21.77 -30.27 3.63
C GLN E 108 21.37 -29.32 4.76
N GLN E 109 21.98 -28.13 4.82
CA GLN E 109 21.59 -27.14 5.81
C GLN E 109 20.19 -26.62 5.56
N ILE E 110 19.77 -26.59 4.29
CA ILE E 110 18.38 -26.25 3.99
C ILE E 110 17.45 -27.35 4.46
N ARG E 111 17.80 -28.61 4.21
CA ARG E 111 16.97 -29.72 4.65
C ARG E 111 16.83 -29.75 6.17
N LEU E 113 17.35 -27.35 8.46
CA LEU E 113 16.58 -26.23 8.96
C LEU E 113 15.09 -26.43 8.67
N HIS E 114 14.77 -26.91 7.47
CA HIS E 114 13.39 -27.29 7.15
C HIS E 114 12.89 -28.35 8.13
N PHE E 115 13.74 -29.32 8.47
CA PHE E 115 13.38 -30.33 9.45
C PHE E 115 12.99 -29.69 10.78
N LEU E 116 13.82 -28.77 11.28
CA LEU E 116 13.57 -28.17 12.59
C LEU E 116 12.32 -27.31 12.57
N PHE E 117 12.18 -26.44 11.58
CA PHE E 117 11.11 -25.44 11.59
C PHE E 117 9.73 -26.03 11.38
N ILE E 118 9.61 -27.35 11.19
CA ILE E 118 8.31 -28.01 11.10
C ILE E 118 8.09 -29.00 12.23
N SER E 119 8.98 -29.02 13.23
CA SER E 119 8.91 -30.05 14.27
C SER E 119 9.39 -29.60 15.64
N CYS E 120 9.59 -28.29 15.88
CA CYS E 120 10.05 -27.80 17.17
C CYS E 120 9.03 -26.81 17.73
N HIS E 121 8.78 -26.91 19.04
CA HIS E 121 7.95 -25.88 19.69
C HIS E 121 8.64 -24.53 19.68
N PHE E 122 9.94 -24.52 19.96
CA PHE E 122 10.75 -23.32 19.90
C PHE E 122 12.05 -23.62 19.18
N ILE E 123 12.57 -22.60 18.49
CA ILE E 123 13.90 -22.63 17.91
C ILE E 123 14.64 -21.40 18.41
N ILE E 124 15.86 -21.59 18.90
CA ILE E 124 16.66 -20.51 19.43
C ILE E 124 17.90 -20.34 18.57
N ILE E 125 18.16 -19.11 18.15
CA ILE E 125 19.37 -18.76 17.43
C ILE E 125 20.34 -18.16 18.43
N PHE E 126 21.56 -18.70 18.48
CA PHE E 126 22.64 -18.11 19.25
C PHE E 126 23.50 -17.29 18.31
N GLU E 127 23.79 -16.04 18.69
CA GLU E 127 24.55 -15.12 17.85
C GLU E 127 25.58 -14.39 18.69
N GLN E 128 26.80 -14.28 18.16
CA GLN E 128 27.90 -13.65 18.86
C GLN E 128 28.36 -12.35 18.22
N THR E 129 27.90 -12.03 17.01
CA THR E 129 28.47 -10.91 16.25
C THR E 129 28.00 -9.55 16.76
N SER E 130 26.80 -9.49 17.35
CA SER E 130 26.11 -8.28 17.78
C SER E 130 25.19 -7.75 16.67
N ARG E 131 25.35 -8.23 15.44
CA ARG E 131 24.44 -7.94 14.35
C ARG E 131 23.68 -9.21 13.96
N ILE E 132 22.46 -9.03 13.49
CA ILE E 132 21.64 -10.18 13.10
C ILE E 132 22.23 -10.79 11.83
N ASP E 133 22.38 -12.11 11.83
CA ASP E 133 23.04 -12.81 10.72
C ASP E 133 22.12 -12.83 9.52
N LEU E 134 22.43 -12.01 8.52
CA LEU E 134 21.60 -11.94 7.32
C LEU E 134 21.79 -13.15 6.41
N GLU E 135 22.96 -13.79 6.45
CA GLU E 135 23.13 -15.03 5.70
C GLU E 135 22.17 -16.11 6.19
N LEU E 136 21.97 -16.20 7.50
CA LEU E 136 20.98 -17.14 8.01
C LEU E 136 19.59 -16.77 7.54
N ARG E 138 18.92 -15.37 4.76
CA ARG E 138 18.87 -15.84 3.39
C ARG E 138 18.63 -17.34 3.35
N PHE E 139 19.27 -18.09 4.25
CA PHE E 139 19.02 -19.52 4.34
C PHE E 139 17.57 -19.79 4.71
N LEU E 140 17.07 -19.10 5.73
CA LEU E 140 15.69 -19.32 6.18
C LEU E 140 14.69 -19.03 5.07
N LYS E 141 14.96 -18.03 4.23
CA LYS E 141 14.06 -17.75 3.12
C LYS E 141 14.09 -18.87 2.09
N LYS E 142 15.27 -19.43 1.82
CA LYS E 142 15.36 -20.58 0.96
C LYS E 142 14.67 -21.78 1.59
N VAL E 143 14.78 -21.91 2.92
CA VAL E 143 14.09 -22.97 3.63
C VAL E 143 12.58 -22.80 3.51
N ASN E 144 12.08 -21.61 3.84
CA ASN E 144 10.63 -21.38 3.78
C ASN E 144 10.11 -21.61 2.38
N SER E 145 10.92 -21.34 1.35
CA SER E 145 10.50 -21.60 -0.01
C SER E 145 10.44 -23.10 -0.28
N ALA E 146 11.47 -23.84 0.10
CA ALA E 146 11.45 -25.29 -0.05
C ALA E 146 10.30 -25.90 0.74
N ARG E 147 10.02 -25.37 1.93
CA ARG E 147 8.92 -25.86 2.73
C ARG E 147 7.60 -25.78 1.96
N ILE E 148 7.38 -24.66 1.27
CA ILE E 148 6.12 -24.46 0.57
C ILE E 148 6.01 -25.42 -0.61
N GLN E 149 7.13 -25.84 -1.18
CA GLN E 149 7.12 -26.67 -2.38
C GLN E 149 7.03 -28.16 -2.07
N LEU E 150 7.34 -28.56 -0.84
CA LEU E 150 7.18 -29.95 -0.39
C LEU E 150 6.11 -30.07 0.70
N ARG E 151 5.41 -28.97 0.98
CA ARG E 151 4.44 -28.94 2.06
C ARG E 151 3.39 -30.03 1.90
N LYS E 152 2.85 -30.18 0.70
CA LYS E 152 1.80 -31.17 0.44
C LYS E 152 2.33 -32.59 0.53
N LYS E 153 3.51 -32.84 -0.03
CA LYS E 153 4.07 -34.18 -0.05
C LYS E 153 4.50 -34.62 1.35
N ILE E 154 5.06 -33.70 2.13
CA ILE E 154 5.40 -34.01 3.51
C ILE E 154 4.13 -34.31 4.29
N ASN E 155 3.06 -33.55 4.02
CA ASN E 155 1.80 -33.76 4.73
C ASN E 155 1.25 -35.17 4.46
N GLN E 156 1.44 -35.67 3.25
CA GLN E 156 1.05 -37.04 2.95
C GLN E 156 1.80 -38.04 3.83
N ARG E 157 3.06 -37.74 4.17
CA ARG E 157 3.83 -38.65 5.00
C ARG E 157 3.42 -38.56 6.47
N LEU E 158 2.97 -37.38 6.92
CA LEU E 158 2.40 -37.27 8.26
C LEU E 158 1.08 -38.01 8.37
N VAL E 159 0.31 -38.06 7.27
CA VAL E 159 -0.96 -38.79 7.28
C VAL E 159 -0.71 -40.29 7.30
N ALA E 160 0.25 -40.77 6.50
CA ALA E 160 0.53 -42.20 6.46
C ALA E 160 1.09 -42.69 7.78
N SER E 161 1.97 -41.90 8.40
CA SER E 161 2.51 -42.23 9.71
C SER E 161 1.51 -41.97 10.83
N ASP E 162 0.33 -41.44 10.52
CA ASP E 162 -0.73 -41.25 11.50
C ASP E 162 -0.32 -40.22 12.55
N LEU E 163 0.23 -39.10 12.07
CA LEU E 163 0.66 -38.00 12.93
C LEU E 163 -0.08 -36.72 12.63
N ARG E 164 -0.92 -36.67 11.60
CA ARG E 164 -1.51 -35.40 11.17
C ARG E 164 -2.50 -34.87 12.20
N ASP E 165 -3.16 -35.77 12.95
CA ASP E 165 -4.11 -35.35 13.96
C ASP E 165 -3.50 -35.31 15.36
N VAL E 166 -2.18 -35.25 15.46
CA VAL E 166 -1.50 -35.18 16.75
C VAL E 166 -1.12 -33.72 16.99
N SER E 167 -1.65 -33.17 18.07
CA SER E 167 -1.41 -31.78 18.43
C SER E 167 -0.04 -31.60 19.05
N PHE E 168 0.60 -30.47 18.74
CA PHE E 168 1.83 -30.07 19.40
C PHE E 168 1.56 -29.18 20.60
N ASN E 169 0.41 -28.51 20.60
CA ASN E 169 -0.07 -27.70 21.71
C ASN E 169 -1.54 -27.37 21.42
N ASN E 170 -2.12 -26.50 22.24
CA ASN E 170 -3.55 -26.20 22.13
C ASN E 170 -3.87 -25.11 21.10
N ARG E 171 -2.87 -24.50 20.48
CA ARG E 171 -3.11 -23.38 19.58
C ARG E 171 -3.81 -23.86 18.30
N ILE E 172 -4.63 -22.98 17.72
CA ILE E 172 -5.47 -23.32 16.57
C ILE E 172 -4.70 -23.04 15.29
N LEU E 173 -4.78 -23.97 14.35
CA LEU E 173 -4.20 -23.80 13.02
C LEU E 173 -5.21 -24.17 11.95
N SER E 174 -5.27 -23.36 10.90
CA SER E 174 -6.06 -23.70 9.74
C SER E 174 -5.44 -24.88 9.00
N SER E 175 -6.22 -25.48 8.10
CA SER E 175 -5.70 -26.58 7.31
C SER E 175 -4.50 -26.14 6.46
N ALA E 176 -4.47 -24.88 6.05
CA ALA E 176 -3.38 -24.37 5.23
C ALA E 176 -2.17 -24.01 6.07
N GLU E 177 -2.39 -23.42 7.25
CA GLU E 177 -1.28 -23.07 8.12
C GLU E 177 -0.51 -24.31 8.59
N SER E 178 -1.20 -25.43 8.76
CA SER E 178 -0.60 -26.63 9.33
C SER E 178 -0.08 -27.59 8.27
N GLU E 179 -0.36 -27.34 6.99
CA GLU E 179 0.02 -28.26 5.94
C GLU E 179 1.52 -28.47 5.94
N GLY E 180 1.93 -29.74 6.00
CA GLY E 180 3.33 -30.10 5.89
C GLY E 180 4.13 -29.97 7.17
N ARG E 181 3.59 -29.39 8.23
CA ARG E 181 4.31 -29.21 9.48
C ARG E 181 3.41 -29.60 10.64
N VAL E 183 3.84 -27.83 13.63
CA VAL E 183 3.80 -26.64 14.47
C VAL E 183 4.38 -25.49 13.67
N VAL E 184 3.97 -24.27 14.03
CA VAL E 184 4.69 -23.08 13.56
C VAL E 184 5.56 -22.66 14.74
N PRO E 185 6.85 -22.97 14.73
CA PRO E 185 7.68 -22.76 15.92
C PRO E 185 7.81 -21.30 16.31
N ARG E 186 8.02 -21.09 17.60
CA ARG E 186 8.28 -19.76 18.14
C ARG E 186 9.78 -19.53 18.21
N LEU E 187 10.24 -18.49 17.53
CA LEU E 187 11.67 -18.28 17.30
C LEU E 187 12.23 -17.34 18.37
N LEU E 188 13.38 -17.71 18.93
CA LEU E 188 14.08 -16.92 19.93
C LEU E 188 15.51 -16.68 19.45
N ILE E 189 16.13 -15.65 20.01
CA ILE E 189 17.50 -15.29 19.64
C ILE E 189 18.22 -14.79 20.89
N ALA E 190 19.45 -15.27 21.08
CA ALA E 190 20.28 -14.85 22.21
C ALA E 190 21.58 -14.26 21.67
N PHE E 191 21.87 -13.03 22.10
CA PHE E 191 23.07 -12.32 21.67
C PHE E 191 24.13 -12.38 22.77
N GLN E 192 25.36 -12.71 22.39
CA GLN E 192 26.46 -12.77 23.35
C GLN E 192 27.05 -11.38 23.52
N ARG E 193 27.57 -11.12 24.73
CA ARG E 193 28.11 -9.81 25.07
C ARG E 193 29.43 -10.00 25.81
N ASN E 194 30.27 -8.97 25.76
CA ASN E 194 31.58 -9.00 26.39
C ASN E 194 31.66 -7.98 27.53
N LYS E 205 21.03 1.56 38.59
CA LYS E 205 19.64 1.48 38.15
C LYS E 205 19.48 2.08 36.76
N LEU E 206 20.17 3.20 36.51
CA LEU E 206 20.11 3.83 35.20
C LEU E 206 20.67 2.92 34.12
N GLN E 207 21.71 2.15 34.45
CA GLN E 207 22.25 1.18 33.50
C GLN E 207 21.25 0.08 33.18
N ARG E 208 20.26 -0.14 34.05
CA ARG E 208 19.19 -1.09 33.76
C ARG E 208 18.16 -0.52 32.79
N GLU E 209 18.11 0.81 32.64
CA GLU E 209 17.26 1.42 31.63
C GLU E 209 17.89 1.37 30.25
N LEU E 210 19.22 1.41 30.17
CA LEU E 210 19.90 1.26 28.89
C LEU E 210 19.79 -0.16 28.36
N TYR E 211 19.90 -1.16 29.24
CA TYR E 211 19.77 -2.54 28.82
C TYR E 211 18.36 -2.82 28.30
N GLU E 212 17.36 -2.16 28.87
CA GLU E 212 15.99 -2.36 28.42
C GLU E 212 15.74 -1.68 27.08
N LYS E 213 16.33 -0.50 26.88
CA LYS E 213 16.15 0.22 25.63
C LYS E 213 16.80 -0.53 24.47
N LEU E 214 17.90 -1.23 24.72
CA LEU E 214 18.56 -1.98 23.66
C LEU E 214 17.84 -3.28 23.37
N GLU E 215 17.29 -3.92 24.41
CA GLU E 215 16.52 -5.15 24.20
C GLU E 215 15.28 -4.87 23.35
N LYS E 216 14.56 -3.80 23.68
CA LYS E 216 13.40 -3.42 22.87
C LYS E 216 13.81 -3.08 21.45
N ASN E 217 14.97 -2.45 21.28
CA ASN E 217 15.45 -2.08 19.95
C ASN E 217 15.82 -3.31 19.14
N LEU E 218 16.53 -4.27 19.75
CA LEU E 218 16.92 -5.47 19.04
C LEU E 218 15.71 -6.33 18.68
N ASP E 219 14.68 -6.32 19.53
CA ASP E 219 13.44 -7.00 19.20
C ASP E 219 12.79 -6.38 17.97
N ASN E 220 12.77 -5.05 17.89
CA ASN E 220 12.19 -4.38 16.73
C ASN E 220 12.96 -4.72 15.46
N GLN E 221 14.29 -4.62 15.51
CA GLN E 221 15.10 -5.05 14.37
C GLN E 221 14.79 -6.49 14.00
N PHE E 222 14.91 -7.40 14.96
CA PHE E 222 14.70 -8.82 14.67
C PHE E 222 13.37 -9.04 13.97
N SER E 223 12.29 -8.48 14.52
CA SER E 223 10.99 -8.62 13.88
C SER E 223 10.98 -8.01 12.49
N ASP E 224 11.60 -6.84 12.33
CA ASP E 224 11.62 -6.18 11.02
C ASP E 224 12.35 -7.02 9.99
N ILE E 225 13.50 -7.59 10.35
CA ILE E 225 14.24 -8.43 9.40
C ILE E 225 13.43 -9.65 9.00
N LEU E 226 12.84 -10.33 10.00
CA LEU E 226 12.01 -11.49 9.70
C LEU E 226 10.85 -11.12 8.77
N LYS E 227 10.25 -9.95 8.99
CA LYS E 227 9.19 -9.48 8.12
C LYS E 227 9.70 -9.25 6.71
N LEU E 228 10.90 -8.68 6.59
CA LEU E 228 11.45 -8.37 5.27
C LEU E 228 11.73 -9.62 4.46
N TYR E 229 12.11 -10.71 5.11
CA TYR E 229 12.33 -11.99 4.44
C TYR E 229 11.08 -12.86 4.41
N ASP E 230 9.91 -12.30 4.75
CA ASP E 230 8.65 -13.03 4.68
C ASP E 230 8.67 -14.29 5.53
N LEU E 231 9.28 -14.19 6.72
CA LEU E 231 9.38 -15.33 7.63
C LEU E 231 8.35 -15.30 8.75
N ILE E 232 7.76 -14.13 9.04
CA ILE E 232 6.71 -14.01 10.04
C ILE E 232 5.57 -13.21 9.43
N ASP E 233 4.43 -13.21 10.12
CA ASP E 233 3.19 -12.71 9.52
C ASP E 233 2.96 -13.59 8.29
N CYS E 234 2.51 -13.05 7.17
CA CYS E 234 2.37 -13.82 5.93
C CYS E 234 1.46 -15.04 6.07
N GLY E 235 0.69 -15.14 7.15
CA GLY E 235 -0.29 -16.21 7.26
C GLY E 235 0.33 -17.58 7.19
N ALA E 236 -0.29 -18.44 6.37
CA ALA E 236 0.16 -19.81 6.19
C ALA E 236 1.53 -19.89 5.53
N SER E 237 1.98 -18.80 4.90
CA SER E 237 3.29 -18.76 4.25
C SER E 237 4.42 -18.47 5.22
N SER E 238 4.12 -18.27 6.50
CA SER E 238 5.16 -18.02 7.49
C SER E 238 5.99 -19.27 7.73
N LEU E 239 7.26 -19.04 8.08
CA LEU E 239 8.12 -20.12 8.54
C LEU E 239 8.01 -20.32 10.04
N CYS E 240 7.79 -19.26 10.79
CA CYS E 240 7.73 -19.29 12.24
C CYS E 240 6.90 -18.10 12.72
N GLN E 241 6.93 -17.86 14.03
CA GLN E 241 6.21 -16.74 14.62
C GLN E 241 6.97 -16.28 15.87
N LEU E 242 6.55 -15.14 16.41
CA LEU E 242 7.15 -14.58 17.61
C LEU E 242 6.10 -14.50 18.72
N ASN E 243 6.58 -14.57 19.96
CA ASN E 243 5.71 -14.42 21.12
C ASN E 243 4.99 -13.08 21.07
N GLU E 244 3.87 -13.01 21.79
CA GLU E 244 3.09 -11.78 21.88
C GLU E 244 3.61 -10.84 22.95
N THR E 245 4.02 -11.38 24.10
CA THR E 245 4.50 -10.55 25.20
C THR E 245 5.78 -11.13 25.79
N ILE E 246 5.91 -12.45 25.77
CA ILE E 246 7.06 -13.11 26.38
C ILE E 246 8.32 -12.74 25.62
N PRO E 247 9.43 -12.40 26.28
CA PRO E 247 10.64 -11.97 25.57
C PRO E 247 11.02 -12.91 24.44
N VAL E 248 11.49 -12.31 23.35
CA VAL E 248 12.04 -13.06 22.23
C VAL E 248 13.56 -12.93 22.16
N VAL E 249 14.11 -11.81 22.60
CA VAL E 249 15.54 -11.53 22.54
C VAL E 249 16.11 -11.63 23.95
N HIS E 250 17.31 -12.19 24.04
CA HIS E 250 18.04 -12.25 25.31
C HIS E 250 19.48 -11.86 25.09
N LEU E 251 20.05 -11.17 26.07
CA LEU E 251 21.45 -10.78 26.06
C LEU E 251 22.18 -11.64 27.07
N LEU E 252 22.98 -12.59 26.59
CA LEU E 252 23.71 -13.50 27.46
C LEU E 252 24.82 -12.78 28.21
N ASN E 253 25.01 -13.16 29.47
CA ASN E 253 26.13 -12.66 30.23
C ASN E 253 27.39 -13.43 29.82
N PRO E 254 28.58 -12.86 30.04
CA PRO E 254 29.78 -13.62 29.67
C PRO E 254 30.01 -14.84 30.56
N ASN E 289 20.04 -17.56 37.37
CA ASN E 289 20.64 -17.40 36.06
C ASN E 289 19.68 -16.72 35.10
N SER E 290 20.08 -15.55 34.59
CA SER E 290 19.19 -14.77 33.74
C SER E 290 18.75 -15.55 32.53
N PHE E 291 19.65 -16.36 31.96
CA PHE E 291 19.33 -17.07 30.73
C PHE E 291 18.39 -18.23 30.95
N VAL E 292 18.51 -18.93 32.08
CA VAL E 292 17.58 -20.02 32.38
C VAL E 292 16.17 -19.48 32.53
N LYS E 293 16.02 -18.34 33.22
CA LYS E 293 14.71 -17.73 33.34
C LYS E 293 14.16 -17.34 31.98
N PHE E 294 15.03 -16.90 31.08
CA PHE E 294 14.60 -16.55 29.72
C PHE E 294 13.97 -17.75 29.03
N LEU E 295 14.58 -18.93 29.19
CA LEU E 295 14.05 -20.13 28.55
C LEU E 295 12.84 -20.67 29.30
N GLU E 296 12.86 -20.60 30.63
CA GLU E 296 11.73 -21.12 31.41
C GLU E 296 10.47 -20.31 31.14
N ASP E 297 10.60 -18.98 31.08
CA ASP E 297 9.44 -18.14 30.76
C ASP E 297 8.81 -18.55 29.43
N ASN E 298 9.63 -18.95 28.46
CA ASN E 298 9.08 -19.42 27.19
C ASN E 298 8.49 -20.82 27.33
N PHE E 299 9.28 -21.77 27.85
CA PHE E 299 8.84 -23.15 27.90
C PHE E 299 7.60 -23.29 28.78
N ARG E 300 7.61 -22.67 29.95
CA ARG E 300 6.48 -22.79 30.87
C ARG E 300 5.29 -21.93 30.46
N SER E 301 5.39 -21.20 29.34
CA SER E 301 4.24 -20.49 28.79
C SER E 301 3.38 -21.41 27.92
N GLU E 302 3.75 -22.67 27.80
CA GLU E 302 3.07 -23.62 26.93
C GLU E 302 2.99 -24.95 27.67
N LYS E 303 1.78 -25.48 27.83
CA LYS E 303 1.59 -26.73 28.53
C LYS E 303 2.03 -27.89 27.65
N ASN E 304 2.87 -28.76 28.20
CA ASN E 304 3.35 -29.91 27.45
C ASN E 304 2.18 -30.71 26.92
N GLU E 305 2.29 -31.17 25.68
CA GLU E 305 1.17 -31.79 24.98
C GLU E 305 1.52 -33.08 24.27
N ILE E 306 2.50 -33.04 23.38
CA ILE E 306 2.78 -34.18 22.52
C ILE E 306 3.59 -35.21 23.30
N SER E 307 3.25 -36.48 23.11
CA SER E 307 3.93 -37.56 23.82
C SER E 307 5.26 -37.88 23.14
N LEU E 308 6.20 -38.38 23.95
CA LEU E 308 7.49 -38.80 23.41
C LEU E 308 7.33 -39.84 22.31
N GLU E 309 6.35 -40.73 22.44
CA GLU E 309 6.14 -41.77 21.42
C GLU E 309 5.82 -41.15 20.07
N ASN E 310 4.96 -40.13 20.05
CA ASN E 310 4.63 -39.49 18.78
C ASN E 310 5.80 -38.66 18.26
N VAL E 311 6.57 -38.04 19.17
CA VAL E 311 7.77 -37.33 18.75
C VAL E 311 8.75 -38.28 18.09
N ILE E 312 8.93 -39.47 18.67
CA ILE E 312 9.83 -40.46 18.07
C ILE E 312 9.36 -40.82 16.66
N GLU E 313 8.08 -41.13 16.50
CA GLU E 313 7.55 -41.46 15.18
C GLU E 313 7.69 -40.28 14.23
N LEU E 314 7.67 -39.06 14.76
CA LEU E 314 7.80 -37.89 13.89
C LEU E 314 9.22 -37.76 13.36
N ASN E 316 11.32 -40.19 12.89
CA ASN E 316 11.45 -41.23 11.88
C ASN E 316 10.73 -40.85 10.61
N CYS E 317 9.52 -40.28 10.73
CA CYS E 317 8.74 -39.92 9.56
C CYS E 317 9.46 -38.86 8.72
N LEU E 318 10.02 -37.85 9.38
CA LEU E 318 10.64 -36.71 8.69
C LEU E 318 12.07 -36.98 8.26
N GLN E 319 12.55 -38.23 8.33
CA GLN E 319 13.87 -38.52 7.80
C GLN E 319 13.91 -38.33 6.29
N CYS E 320 12.77 -38.46 5.62
CA CYS E 320 12.71 -38.24 4.18
C CYS E 320 13.10 -36.81 3.83
N VAL E 321 12.88 -35.86 4.74
CA VAL E 321 13.33 -34.49 4.49
C VAL E 321 14.84 -34.41 4.47
N LEU E 322 15.50 -35.03 5.45
CA LEU E 322 16.96 -34.99 5.49
C LEU E 322 17.57 -35.80 4.35
N ASP E 323 16.89 -36.86 3.91
CA ASP E 323 17.37 -37.67 2.80
C ASP E 323 17.00 -37.11 1.44
N GLY E 324 16.12 -36.09 1.38
CA GLY E 324 15.70 -35.53 0.11
C GLY E 324 14.90 -36.49 -0.74
N ASP E 325 14.19 -37.44 -0.12
CA ASP E 325 13.46 -38.44 -0.88
C ASP E 325 12.28 -37.86 -1.64
N LEU E 326 11.85 -36.64 -1.31
CA LEU E 326 10.69 -36.02 -1.95
C LEU E 326 11.07 -34.94 -2.96
N GLU E 327 12.35 -34.72 -3.19
CA GLU E 327 12.81 -33.67 -4.09
C GLU E 327 13.00 -34.20 -5.50
N GLU E 328 12.93 -33.28 -6.46
CA GLU E 328 13.22 -33.63 -7.85
C GLU E 328 14.70 -33.94 -8.01
N LYS E 329 15.00 -35.01 -8.74
CA LYS E 329 16.36 -35.48 -8.88
C LYS E 329 17.23 -34.44 -9.58
N HIS E 330 18.48 -34.30 -9.10
CA HIS E 330 19.47 -33.47 -9.76
C HIS E 330 19.10 -31.99 -9.66
N GLU E 331 18.99 -31.47 -8.45
CA GLU E 331 18.75 -30.06 -8.21
C GLU E 331 20.05 -29.37 -7.80
N LYS E 332 20.32 -28.22 -8.40
CA LYS E 332 21.54 -27.46 -8.14
C LYS E 332 21.20 -26.18 -7.37
N THR E 333 22.19 -25.68 -6.62
CA THR E 333 22.00 -24.44 -5.88
C THR E 333 22.01 -23.26 -6.86
N ALA E 334 21.70 -22.07 -6.31
CA ALA E 334 21.65 -20.87 -7.14
C ALA E 334 23.03 -20.53 -7.70
N ILE E 335 24.08 -20.66 -6.88
CA ILE E 335 25.43 -20.33 -7.35
C ILE E 335 25.88 -21.30 -8.42
N GLN E 336 25.56 -22.60 -8.26
CA GLN E 336 25.91 -23.57 -9.29
C GLN E 336 25.22 -23.24 -10.60
N THR E 337 23.95 -22.81 -10.54
CA THR E 337 23.23 -22.43 -11.75
C THR E 337 23.85 -21.18 -12.37
N PHE E 338 24.32 -20.25 -11.54
CA PHE E 338 24.99 -19.07 -12.07
C PHE E 338 26.26 -19.45 -12.83
N ILE E 339 27.09 -20.32 -12.24
CA ILE E 339 28.30 -20.77 -12.91
C ILE E 339 27.96 -21.43 -14.24
N LYS E 340 27.04 -22.41 -14.21
CA LYS E 340 26.74 -23.17 -15.42
C LYS E 340 26.24 -22.28 -16.54
N ARG E 341 25.55 -21.18 -16.20
CA ARG E 341 24.99 -20.31 -17.24
C ARG E 341 26.08 -19.47 -17.90
N ILE E 342 26.93 -18.82 -17.11
CA ILE E 342 27.91 -17.91 -17.68
C ILE E 342 28.95 -18.68 -18.49
N GLN E 343 29.29 -19.91 -18.07
CA GLN E 343 30.25 -20.69 -18.85
C GLN E 343 29.63 -21.22 -20.13
N ASN E 344 28.33 -21.56 -20.11
CA ASN E 344 27.66 -21.93 -21.36
C ASN E 344 27.60 -20.73 -22.30
N ASP E 345 27.42 -19.53 -21.75
CA ASP E 345 27.44 -18.33 -22.58
C ASP E 345 28.84 -18.03 -23.09
N HIS E 346 29.84 -18.16 -22.22
CA HIS E 346 31.21 -17.89 -22.64
C HIS E 346 31.61 -18.77 -23.81
N GLU E 348 29.62 -20.46 -25.86
CA GLU E 348 28.81 -20.09 -27.02
C GLU E 348 29.35 -18.82 -27.68
N GLU E 349 29.91 -17.91 -26.88
CA GLU E 349 30.54 -16.72 -27.44
C GLU E 349 31.89 -17.06 -28.06
N ALA E 350 32.65 -17.94 -27.41
CA ALA E 350 33.93 -18.37 -27.96
C ALA E 350 33.76 -19.01 -29.33
N ARG E 351 32.65 -19.73 -29.54
CA ARG E 351 32.37 -20.26 -30.88
C ARG E 351 32.06 -19.14 -31.85
N ARG E 352 31.48 -18.03 -31.36
CA ARG E 352 31.23 -16.88 -32.21
C ARG E 352 32.53 -16.25 -32.68
N LEU E 353 33.58 -16.30 -31.87
CA LEU E 353 34.87 -15.76 -32.27
C LEU E 353 35.48 -16.59 -33.39
N TYR E 354 35.24 -17.90 -33.40
CA TYR E 354 35.82 -18.74 -34.44
C TYR E 354 35.23 -18.43 -35.81
N THR E 355 33.97 -18.02 -35.85
CA THR E 355 33.32 -17.66 -37.11
C THR E 355 33.90 -16.36 -37.67
N SER E 380 40.15 -22.28 -45.27
CA SER E 380 40.58 -22.17 -43.88
C SER E 380 42.10 -22.04 -43.80
N LYS E 381 42.78 -23.16 -43.53
CA LYS E 381 44.24 -23.17 -43.40
C LYS E 381 44.70 -22.14 -42.37
N GLU E 382 45.25 -21.02 -42.83
CA GLU E 382 45.76 -19.99 -41.91
C GLU E 382 44.65 -19.46 -41.03
N GLU E 383 43.45 -19.28 -41.59
CA GLU E 383 42.35 -18.68 -40.84
C GLU E 383 41.78 -19.62 -39.78
N HIS E 384 42.01 -20.93 -39.90
CA HIS E 384 41.63 -21.84 -38.83
C HIS E 384 42.62 -21.75 -37.67
N LEU E 385 43.90 -21.56 -37.98
CA LEU E 385 44.90 -21.34 -36.92
C LEU E 385 44.66 -20.00 -36.24
N ARG E 387 41.84 -18.19 -36.28
CA ARG E 387 40.54 -18.24 -35.62
C ARG E 387 40.53 -19.15 -34.41
N PHE E 388 41.51 -20.03 -34.29
CA PHE E 388 41.61 -20.93 -33.13
C PHE E 388 42.17 -20.22 -31.90
N ASN E 389 43.09 -19.27 -32.08
CA ASN E 389 43.83 -18.75 -30.94
C ASN E 389 43.02 -17.72 -30.13
N GLU E 390 42.32 -16.80 -30.80
CA GLU E 390 41.57 -15.80 -30.04
C GLU E 390 40.42 -16.43 -29.26
N ALA E 391 39.80 -17.49 -29.80
CA ALA E 391 38.73 -18.16 -29.06
C ALA E 391 39.28 -18.81 -27.79
N THR E 392 40.41 -19.50 -27.90
CA THR E 392 41.06 -20.01 -26.69
C THR E 392 41.45 -18.86 -25.77
N HIS E 393 41.94 -17.76 -26.35
CA HIS E 393 42.28 -16.60 -25.55
C HIS E 393 41.06 -16.03 -24.82
N TYR E 394 39.87 -16.16 -25.40
CA TYR E 394 38.67 -15.69 -24.71
C TYR E 394 38.39 -16.56 -23.49
N ILE E 395 38.27 -17.88 -23.70
CA ILE E 395 37.97 -18.78 -22.59
C ILE E 395 39.07 -18.74 -21.55
N ASP E 396 40.31 -18.52 -21.98
CA ASP E 396 41.40 -18.37 -21.04
C ASP E 396 41.38 -17.03 -20.31
N SER E 397 40.54 -16.09 -20.76
CA SER E 397 40.47 -14.78 -20.12
C SER E 397 39.36 -14.68 -19.08
N VAL E 398 38.30 -15.48 -19.22
CA VAL E 398 37.06 -15.21 -18.50
C VAL E 398 36.62 -16.38 -17.63
N VAL E 399 37.03 -17.59 -17.98
CA VAL E 399 36.54 -18.79 -17.29
C VAL E 399 37.47 -19.08 -16.11
N GLY E 400 36.90 -19.17 -14.92
CA GLY E 400 37.67 -19.38 -13.70
C GLY E 400 37.69 -20.82 -13.24
N VAL E 401 36.52 -21.42 -13.10
CA VAL E 401 36.38 -22.79 -12.64
C VAL E 401 36.14 -23.67 -13.85
N ASN E 402 36.56 -24.94 -13.75
CA ASN E 402 36.47 -25.88 -14.85
C ASN E 402 37.25 -25.41 -16.07
N SER E 403 38.26 -24.56 -15.85
CA SER E 403 38.99 -23.96 -16.95
C SER E 403 39.71 -25.01 -17.79
N ARG E 404 40.36 -25.98 -17.13
CA ARG E 404 41.06 -27.01 -17.88
C ARG E 404 40.11 -27.79 -18.77
N GLU E 405 39.00 -28.27 -18.20
CA GLU E 405 38.02 -29.01 -18.98
C GLU E 405 37.30 -28.11 -19.97
N ALA E 406 37.10 -26.84 -19.62
CA ALA E 406 36.37 -25.94 -20.51
C ALA E 406 37.14 -25.67 -21.78
N LEU E 407 38.42 -25.34 -21.66
CA LEU E 407 39.23 -25.07 -22.84
C LEU E 407 39.39 -26.32 -23.69
N SER E 408 39.61 -27.46 -23.04
CA SER E 408 39.76 -28.72 -23.77
C SER E 408 38.50 -29.05 -24.54
N GLN E 409 37.33 -28.69 -24.02
CA GLN E 409 36.08 -28.95 -24.72
C GLN E 409 35.96 -28.06 -25.96
N LEU E 410 36.34 -26.78 -25.83
CA LEU E 410 36.22 -25.86 -26.95
C LEU E 410 37.22 -26.21 -28.05
N GLN E 411 38.50 -26.37 -27.69
CA GLN E 411 39.51 -26.62 -28.71
C GLN E 411 39.22 -27.91 -29.45
N ALA E 412 38.70 -28.92 -28.75
CA ALA E 412 38.20 -30.12 -29.43
C ALA E 412 37.01 -29.79 -30.33
N GLN E 413 36.16 -28.85 -29.92
CA GLN E 413 35.01 -28.49 -30.73
C GLN E 413 35.42 -27.74 -31.98
N CYS E 414 36.40 -26.83 -31.87
CA CYS E 414 36.82 -26.06 -33.04
C CYS E 414 37.60 -26.93 -34.01
N ASN E 415 38.50 -27.78 -33.50
CA ASN E 415 39.23 -28.70 -34.36
C ASN E 415 38.31 -29.69 -35.04
N GLU E 416 37.20 -30.06 -34.39
CA GLU E 416 36.24 -30.97 -35.00
C GLU E 416 35.60 -30.37 -36.25
N TRP E 418 36.59 -28.12 -38.03
CA TRP E 418 37.62 -27.92 -39.05
C TRP E 418 37.94 -29.20 -39.81
N GLN E 419 37.41 -30.34 -39.37
CA GLN E 419 37.47 -31.57 -40.13
C GLN E 419 38.91 -31.97 -40.45
N LYS F 2 46.14 15.96 0.88
CA LYS F 2 45.79 16.11 2.29
C LYS F 2 44.92 14.98 2.79
N GLU F 3 43.93 14.55 2.01
CA GLU F 3 43.01 13.51 2.43
C GLU F 3 42.58 12.71 1.20
N SER F 4 41.72 11.72 1.43
CA SER F 4 41.18 10.93 0.34
C SER F 4 40.23 11.79 -0.50
N VAL F 5 39.98 11.32 -1.72
CA VAL F 5 39.03 11.94 -2.63
C VAL F 5 38.21 10.81 -3.24
N ARG F 6 37.02 11.16 -3.73
CA ARG F 6 36.15 10.13 -4.28
C ARG F 6 36.65 9.69 -5.65
N PHE F 7 36.79 8.38 -5.82
CA PHE F 7 37.31 7.82 -7.06
C PHE F 7 36.28 7.83 -8.17
N LEU F 8 35.00 7.71 -7.83
CA LEU F 8 33.91 7.69 -8.79
C LEU F 8 33.01 8.90 -8.59
N THR F 9 32.30 9.26 -9.66
CA THR F 9 31.21 10.22 -9.59
C THR F 9 29.90 9.46 -9.83
N ASP F 10 28.87 10.17 -10.26
CA ASP F 10 27.56 9.55 -10.40
C ASP F 10 27.59 8.42 -11.42
N PHE F 11 26.77 7.40 -11.18
CA PHE F 11 26.60 6.28 -12.10
C PHE F 11 27.90 5.51 -12.31
N GLY F 12 28.76 5.49 -11.29
CA GLY F 12 29.93 4.65 -11.31
C GLY F 12 31.00 5.01 -12.31
N GLU F 13 31.01 6.24 -12.81
CA GLU F 13 32.10 6.67 -13.69
C GLU F 13 33.28 7.15 -12.86
N ILE F 14 34.49 6.91 -13.37
CA ILE F 14 35.69 7.39 -12.72
C ILE F 14 35.65 8.91 -12.64
N SER F 15 35.93 9.45 -11.46
CA SER F 15 35.91 10.89 -11.27
C SER F 15 36.84 11.58 -12.28
N ASP F 16 36.43 12.77 -12.70
CA ASP F 16 37.20 13.55 -13.66
C ASP F 16 38.47 14.11 -13.04
N ALA F 17 38.60 14.08 -11.72
CA ALA F 17 39.72 14.70 -11.02
C ALA F 17 40.87 13.73 -10.75
N ILE F 18 40.74 12.47 -11.14
CA ILE F 18 41.73 11.47 -10.75
C ILE F 18 42.95 11.51 -11.66
N SER F 19 42.74 11.73 -12.96
CA SER F 19 43.86 11.71 -13.89
C SER F 19 44.92 12.73 -13.51
N ASP F 20 44.50 13.89 -12.99
CA ASP F 20 45.45 14.91 -12.59
C ASP F 20 46.22 14.51 -11.34
N LEU F 21 45.74 13.50 -10.62
CA LEU F 21 46.40 13.05 -9.40
C LEU F 21 47.41 11.94 -9.66
N LEU F 22 47.52 11.46 -10.91
CA LEU F 22 48.39 10.35 -11.25
C LEU F 22 49.62 10.84 -11.99
N THR F 23 50.79 10.36 -11.59
CA THR F 23 52.03 10.70 -12.25
C THR F 23 52.29 9.77 -13.42
N SER F 24 53.57 9.49 -13.73
CA SER F 24 53.89 8.71 -14.92
C SER F 24 54.92 7.61 -14.67
N SER F 25 55.06 7.12 -13.43
CA SER F 25 56.07 6.11 -13.26
C SER F 25 55.48 4.72 -13.50
N PRO F 26 56.27 3.77 -14.00
CA PRO F 26 55.80 2.38 -14.09
C PRO F 26 55.86 1.63 -12.76
N ASN F 27 56.45 2.23 -11.73
CA ASN F 27 56.59 1.58 -10.43
C ASN F 27 55.52 2.15 -9.51
N PHE F 28 54.38 1.47 -9.44
CA PHE F 28 53.28 1.88 -8.59
C PHE F 28 52.60 0.63 -8.02
N ASN F 29 51.96 0.80 -6.87
CA ASN F 29 51.37 -0.31 -6.12
C ASN F 29 49.94 0.02 -5.76
N VAL F 30 49.01 -0.86 -6.11
CA VAL F 30 47.57 -0.66 -5.88
C VAL F 30 47.11 -1.70 -4.87
N ILE F 31 46.70 -1.24 -3.69
CA ILE F 31 46.12 -2.11 -2.67
C ILE F 31 44.75 -1.55 -2.30
N SER F 32 43.74 -2.42 -2.30
CA SER F 32 42.37 -2.05 -1.97
C SER F 32 41.95 -2.71 -0.66
N ALA F 33 40.90 -2.15 -0.06
CA ALA F 33 40.37 -2.63 1.20
C ALA F 33 38.86 -2.85 1.05
N ILE F 34 38.41 -4.03 1.48
CA ILE F 34 37.00 -4.41 1.42
C ILE F 34 36.61 -5.04 2.75
N GLY F 35 35.31 -5.04 3.03
CA GLY F 35 34.80 -5.69 4.21
C GLY F 35 33.51 -5.08 4.74
N PRO F 36 32.91 -5.72 5.75
CA PRO F 36 31.68 -5.17 6.35
C PRO F 36 31.90 -3.81 6.99
N GLN F 37 30.82 -3.20 7.49
CA GLN F 37 30.86 -1.81 7.91
C GLN F 37 31.64 -1.63 9.21
N GLY F 38 31.49 -2.54 10.16
CA GLY F 38 32.01 -2.31 11.50
C GLY F 38 33.49 -2.56 11.67
N ALA F 39 34.13 -3.25 10.72
CA ALA F 39 35.49 -3.71 10.93
C ALA F 39 36.50 -2.57 11.05
N GLY F 40 36.19 -1.39 10.55
CA GLY F 40 37.12 -0.28 10.65
C GLY F 40 38.28 -0.34 9.68
N LYS F 41 38.02 -0.73 8.43
CA LYS F 41 39.08 -0.79 7.44
C LYS F 41 39.57 0.60 7.05
N SER F 42 38.68 1.60 7.07
CA SER F 42 39.09 2.96 6.72
C SER F 42 40.22 3.45 7.61
N THR F 43 40.13 3.18 8.92
CA THR F 43 41.19 3.56 9.84
C THR F 43 42.45 2.72 9.61
N LEU F 44 42.26 1.44 9.32
CA LEU F 44 43.41 0.55 9.10
C LEU F 44 44.12 0.92 7.81
N LEU F 45 43.36 1.15 6.73
CA LEU F 45 43.96 1.54 5.46
C LEU F 45 44.63 2.90 5.57
N SER F 46 44.12 3.79 6.42
CA SER F 46 44.72 5.10 6.58
C SER F 46 46.14 5.01 7.14
N LEU F 48 48.30 2.43 6.90
CA LEU F 48 49.14 1.98 5.80
C LEU F 48 49.42 3.11 4.83
N ALA F 49 48.56 4.13 4.78
CA ALA F 49 48.78 5.26 3.89
C ALA F 49 49.81 6.24 4.44
N GLY F 50 49.90 6.38 5.77
CA GLY F 50 50.89 7.27 6.34
C GLY F 50 50.62 7.63 7.78
N ASN F 51 49.35 7.56 8.19
CA ASN F 51 48.98 7.98 9.54
C ASN F 51 49.66 7.10 10.58
N ASN F 52 49.86 7.66 11.77
CA ASN F 52 50.78 7.11 12.75
C ASN F 52 50.18 7.09 14.15
N SER F 53 48.97 6.57 14.29
CA SER F 53 48.39 6.32 15.61
C SER F 53 48.23 7.59 16.45
N ARG F 54 49.22 8.50 16.41
CA ARG F 54 49.23 9.67 17.28
C ARG F 54 48.33 10.80 16.75
N GLN F 55 47.98 10.77 15.48
CA GLN F 55 47.10 11.76 14.89
C GLN F 55 45.65 11.58 15.35
N TYR F 57 41.38 11.82 14.53
CA TYR F 57 40.54 11.37 13.43
C TYR F 57 40.41 12.41 12.33
N ARG F 58 40.45 13.70 12.67
CA ARG F 58 40.37 14.74 11.65
C ARG F 58 41.56 14.69 10.70
N GLU F 59 42.70 14.15 11.16
CA GLU F 59 43.90 14.09 10.33
C GLU F 59 44.01 12.80 9.54
N TYR F 60 43.13 11.82 9.75
CA TYR F 60 43.17 10.60 8.99
C TYR F 60 42.82 10.86 7.53
N VAL F 61 43.43 10.09 6.64
CA VAL F 61 43.24 10.33 5.20
C VAL F 61 41.92 9.73 4.72
N PHE F 62 41.49 8.61 5.30
CA PHE F 62 40.22 7.97 4.96
C PHE F 62 39.27 8.13 6.15
N ARG F 63 38.24 8.95 5.98
CA ARG F 63 37.19 9.13 6.99
C ARG F 63 35.85 8.74 6.42
N PRO F 64 35.31 7.57 6.78
CA PRO F 64 33.98 7.21 6.31
C PRO F 64 32.93 8.17 6.87
N VAL F 65 31.91 8.43 6.07
CA VAL F 65 30.84 9.35 6.48
C VAL F 65 29.64 8.57 6.99
N HIS F 75 21.54 8.81 -2.71
CA HIS F 75 22.85 9.44 -2.76
C HIS F 75 23.66 8.90 -3.92
N GLN F 76 24.56 7.95 -3.65
CA GLN F 76 25.32 7.24 -4.67
C GLN F 76 25.27 5.76 -4.37
N THR F 77 25.13 4.94 -5.41
CA THR F 77 25.01 3.50 -5.21
C THR F 77 26.36 2.92 -4.82
N ILE F 78 27.41 3.19 -5.60
CA ILE F 78 28.73 2.65 -5.35
C ILE F 78 29.72 3.80 -5.24
N GLN F 79 30.73 3.63 -4.40
CA GLN F 79 31.73 4.67 -4.19
C GLN F 79 33.02 4.06 -3.69
N ILE F 80 34.13 4.64 -4.12
CA ILE F 80 35.46 4.26 -3.66
C ILE F 80 36.26 5.52 -3.38
N ASP F 81 37.04 5.50 -2.30
CA ASP F 81 37.92 6.62 -1.96
C ASP F 81 39.34 6.30 -2.42
N ILE F 82 40.01 7.30 -2.98
CA ILE F 82 41.32 7.15 -3.59
C ILE F 82 42.31 8.06 -2.86
N TYR F 83 43.51 7.54 -2.61
CA TYR F 83 44.59 8.30 -1.99
C TYR F 83 45.93 7.70 -2.44
N ILE F 84 46.91 8.56 -2.67
CA ILE F 84 48.17 8.15 -3.28
C ILE F 84 49.34 8.85 -2.60
N VAL F 85 50.37 8.07 -2.23
CA VAL F 85 51.66 8.59 -1.79
C VAL F 85 52.75 7.79 -2.49
N ASN F 86 53.76 8.49 -3.01
CA ASN F 86 54.97 7.87 -3.58
C ASN F 86 54.61 6.64 -4.41
N HIS F 87 53.76 6.88 -5.40
CA HIS F 87 53.31 5.87 -6.36
C HIS F 87 52.58 4.70 -5.69
N GLN F 88 52.00 4.93 -4.51
CA GLN F 88 51.23 3.91 -3.81
C GLN F 88 49.77 4.31 -3.87
N ILE F 89 48.96 3.52 -4.57
CA ILE F 89 47.55 3.81 -4.78
C ILE F 89 46.74 3.01 -3.77
N PHE F 90 45.94 3.72 -2.97
CA PHE F 90 45.12 3.11 -1.92
C PHE F 90 43.65 3.34 -2.23
N LEU F 91 42.87 2.27 -2.29
CA LEU F 91 41.45 2.33 -2.61
C LEU F 91 40.64 1.80 -1.45
N ASP F 92 39.70 2.62 -0.96
CA ASP F 92 38.84 2.26 0.17
C ASP F 92 37.42 2.03 -0.36
N CYS F 93 37.07 0.76 -0.53
CA CYS F 93 35.74 0.40 -1.02
C CYS F 93 34.68 0.67 0.04
N GLN F 94 33.47 0.96 -0.42
CA GLN F 94 32.34 1.08 0.49
C GLN F 94 32.07 -0.28 1.14
N PRO F 95 31.64 -0.31 2.40
CA PRO F 95 31.43 -1.59 3.09
C PRO F 95 30.46 -2.48 2.34
N TYR F 97 27.31 -5.65 2.47
CA TYR F 97 26.05 -5.86 3.18
C TYR F 97 25.55 -7.29 2.98
N ASP F 114 16.38 -3.82 -3.01
CA ASP F 114 16.23 -5.27 -2.86
C ASP F 114 17.52 -5.87 -2.33
N ASP F 115 17.41 -7.07 -1.74
CA ASP F 115 18.60 -7.78 -1.29
C ASP F 115 19.51 -8.08 -2.46
N SER F 116 18.94 -8.42 -3.62
CA SER F 116 19.73 -8.77 -4.78
C SER F 116 20.59 -7.61 -5.27
N THR F 117 20.01 -6.41 -5.30
CA THR F 117 20.75 -5.26 -5.82
C THR F 117 21.87 -4.83 -4.87
N ALA F 118 21.67 -4.97 -3.57
CA ALA F 118 22.74 -4.66 -2.62
C ALA F 118 23.89 -5.64 -2.77
N SER F 120 24.43 -7.35 -5.38
CA SER F 120 24.94 -7.16 -6.74
C SER F 120 25.91 -5.99 -6.79
N ASP F 121 25.64 -4.93 -6.03
CA ASP F 121 26.53 -3.78 -6.01
C ASP F 121 27.84 -4.11 -5.30
N THR F 122 27.76 -4.78 -4.14
CA THR F 122 28.98 -5.22 -3.46
C THR F 122 29.78 -6.15 -4.36
N LEU F 123 29.10 -6.99 -5.13
CA LEU F 123 29.80 -7.93 -5.99
C LEU F 123 30.48 -7.22 -7.15
N ARG F 124 29.83 -6.18 -7.68
CA ARG F 124 30.42 -5.40 -8.77
C ARG F 124 31.69 -4.71 -8.30
N LEU F 125 31.66 -4.09 -7.11
CA LEU F 125 32.84 -3.42 -6.59
C LEU F 125 33.95 -4.41 -6.27
N THR F 126 33.59 -5.59 -5.77
CA THR F 126 34.60 -6.58 -5.43
C THR F 126 35.32 -7.06 -6.67
N ALA F 127 34.58 -7.40 -7.73
CA ALA F 127 35.20 -7.84 -8.97
C ALA F 127 36.08 -6.76 -9.56
N PHE F 128 35.67 -5.49 -9.42
CA PHE F 128 36.45 -4.40 -9.98
C PHE F 128 37.79 -4.24 -9.27
N LEU F 129 37.79 -4.30 -7.94
CA LEU F 129 39.02 -4.11 -7.19
C LEU F 129 39.94 -5.33 -7.25
N LEU F 130 39.38 -6.53 -7.40
CA LEU F 130 40.22 -7.71 -7.58
C LEU F 130 41.02 -7.60 -8.87
N TYR F 131 40.40 -7.09 -9.93
CA TYR F 131 41.06 -6.99 -11.23
C TYR F 131 42.00 -5.80 -11.28
N VAL F 132 41.77 -4.79 -10.44
CA VAL F 132 42.49 -3.52 -10.51
C VAL F 132 43.59 -3.39 -9.46
N SER F 133 43.63 -4.27 -8.46
CA SER F 133 44.57 -4.16 -7.35
C SER F 133 45.67 -5.21 -7.46
N HIS F 134 46.84 -4.89 -6.89
CA HIS F 134 47.86 -5.90 -6.69
C HIS F 134 47.48 -6.83 -5.54
N THR F 135 47.11 -6.25 -4.39
CA THR F 135 46.62 -7.02 -3.26
C THR F 135 45.39 -6.34 -2.69
N VAL F 136 44.42 -7.14 -2.27
CA VAL F 136 43.19 -6.64 -1.66
C VAL F 136 43.20 -7.08 -0.20
N LEU F 137 43.05 -6.12 0.70
CA LEU F 137 42.92 -6.42 2.12
C LEU F 137 41.45 -6.73 2.41
N VAL F 138 41.20 -7.89 2.99
CA VAL F 138 39.84 -8.32 3.33
C VAL F 138 39.70 -8.12 4.84
N VAL F 139 39.11 -6.99 5.23
CA VAL F 139 39.06 -6.56 6.62
C VAL F 139 37.68 -6.90 7.19
N SER F 140 37.68 -7.55 8.34
CA SER F 140 36.42 -7.98 8.96
C SER F 140 36.70 -8.32 10.42
N GLU F 141 35.62 -8.46 11.18
CA GLU F 141 35.70 -9.00 12.53
C GLU F 141 35.35 -10.48 12.53
N THR F 142 35.18 -11.07 11.35
CA THR F 142 34.64 -12.41 11.21
C THR F 142 35.50 -13.16 10.19
N HIS F 143 36.51 -13.86 10.69
CA HIS F 143 37.29 -14.79 9.89
C HIS F 143 37.53 -16.01 10.76
N TYR F 144 37.33 -17.22 10.24
CA TYR F 144 36.88 -17.50 8.89
C TYR F 144 35.37 -17.26 8.71
N ASP F 145 34.99 -16.59 7.61
CA ASP F 145 33.59 -16.29 7.32
C ASP F 145 33.27 -16.81 5.92
N LYS F 146 32.38 -17.80 5.85
CA LYS F 146 32.07 -18.44 4.59
C LYS F 146 31.44 -17.46 3.58
N VAL F 147 30.55 -16.58 4.05
CA VAL F 147 29.88 -15.67 3.12
C VAL F 147 30.89 -14.74 2.47
N ILE F 148 31.85 -14.25 3.26
CA ILE F 148 32.90 -13.40 2.69
C ILE F 148 33.69 -14.16 1.64
N ILE F 149 34.00 -15.42 1.90
CA ILE F 149 34.71 -16.21 0.91
C ILE F 149 33.82 -16.47 -0.30
N ASP F 150 32.53 -16.71 -0.06
CA ASP F 150 31.59 -16.87 -1.17
C ASP F 150 31.61 -15.65 -2.07
N THR F 151 31.64 -14.45 -1.50
CA THR F 151 31.63 -13.25 -2.32
C THR F 151 32.91 -13.14 -3.15
N LEU F 152 34.05 -13.46 -2.56
CA LEU F 152 35.32 -13.33 -3.27
C LEU F 152 35.41 -14.31 -4.42
N ARG F 153 35.06 -15.58 -4.19
CA ARG F 153 35.18 -16.58 -5.24
C ARG F 153 34.13 -16.38 -6.33
N VAL F 154 33.00 -15.75 -6.00
CA VAL F 154 32.02 -15.39 -7.02
C VAL F 154 32.48 -14.15 -7.79
N ALA F 155 33.00 -13.15 -7.08
CA ALA F 155 33.51 -11.95 -7.75
C ALA F 155 34.66 -12.29 -8.70
N GLU F 156 35.44 -13.32 -8.38
CA GLU F 156 36.53 -13.73 -9.25
C GLU F 156 36.02 -14.10 -10.64
N GLN F 157 34.79 -14.61 -10.73
CA GLN F 157 34.24 -15.05 -12.00
C GLN F 157 33.62 -13.91 -12.80
N ILE F 158 33.52 -12.72 -12.22
CA ILE F 158 32.97 -11.55 -12.90
C ILE F 158 34.13 -10.90 -13.64
N ARG F 159 34.30 -11.26 -14.91
CA ARG F 159 35.52 -10.90 -15.61
C ARG F 159 35.23 -10.03 -16.83
N PRO F 160 36.11 -9.07 -17.13
CA PRO F 160 36.06 -8.39 -18.44
C PRO F 160 36.89 -9.16 -19.46
N TYR F 161 36.93 -8.68 -20.71
CA TYR F 161 37.78 -9.31 -21.71
C TYR F 161 39.02 -8.45 -21.95
N LEU F 162 38.86 -7.32 -22.65
CA LEU F 162 39.95 -6.37 -22.84
C LEU F 162 41.11 -6.99 -23.62
N ALA F 163 40.80 -7.65 -24.74
CA ALA F 163 41.86 -8.21 -25.57
C ALA F 163 42.55 -7.15 -26.41
N ILE F 164 41.84 -6.08 -26.76
CA ILE F 164 42.43 -5.01 -27.57
C ILE F 164 43.25 -4.01 -26.77
N PHE F 165 43.15 -4.01 -25.44
CA PHE F 165 43.90 -3.07 -24.63
C PHE F 165 45.39 -3.29 -24.84
N ARG F 166 46.17 -2.20 -24.90
CA ARG F 166 47.57 -2.29 -25.32
C ARG F 166 48.60 -1.53 -24.49
N PRO F 167 48.89 -2.00 -23.27
CA PRO F 167 50.27 -2.50 -23.28
C PRO F 167 50.22 -4.03 -23.30
N LYS F 168 49.00 -4.57 -23.42
CA LYS F 168 48.71 -5.99 -23.30
C LYS F 168 48.72 -6.36 -21.82
N LEU F 169 47.72 -7.09 -21.38
CA LEU F 169 47.52 -7.36 -19.96
C LEU F 169 47.87 -8.81 -19.63
N ALA F 170 48.36 -9.00 -18.41
CA ALA F 170 48.69 -10.33 -17.92
C ALA F 170 47.40 -11.14 -17.74
N ILE F 171 47.32 -12.27 -18.42
CA ILE F 171 46.08 -13.04 -18.44
C ILE F 171 45.96 -13.98 -17.24
N ASP F 172 47.06 -14.55 -16.77
CA ASP F 172 47.08 -15.43 -15.62
C ASP F 172 47.43 -14.71 -14.33
N ARG F 173 47.38 -13.38 -14.32
CA ARG F 173 47.75 -12.61 -13.14
C ARG F 173 46.88 -13.02 -11.96
N LYS F 174 47.49 -13.12 -10.79
CA LYS F 174 46.78 -13.42 -9.56
C LYS F 174 46.83 -12.21 -8.64
N THR F 175 45.67 -11.84 -8.09
CA THR F 175 45.58 -10.76 -7.12
C THR F 175 45.77 -11.34 -5.72
N ASN F 176 46.63 -10.71 -4.92
CA ASN F 176 46.92 -11.20 -3.58
C ASN F 176 45.86 -10.74 -2.60
N LEU F 177 45.48 -11.65 -1.69
CA LEU F 177 44.50 -11.37 -0.65
C LEU F 177 45.17 -11.50 0.71
N VAL F 178 44.96 -10.50 1.58
CA VAL F 178 45.44 -10.53 2.95
C VAL F 178 44.21 -10.34 3.84
N PHE F 179 43.82 -11.40 4.54
CA PHE F 179 42.69 -11.35 5.44
C PHE F 179 43.09 -10.79 6.79
N ILE F 180 42.35 -9.80 7.27
CA ILE F 180 42.66 -9.10 8.51
C ILE F 180 41.44 -9.18 9.42
N LYS F 181 41.61 -9.82 10.59
CA LYS F 181 40.55 -9.89 11.59
C LYS F 181 40.83 -8.81 12.63
N THR F 182 40.00 -7.76 12.61
CA THR F 182 40.22 -6.59 13.45
C THR F 182 39.33 -6.65 14.68
N LYS F 183 39.63 -5.77 15.64
CA LYS F 183 38.85 -5.69 16.88
C LYS F 183 38.72 -7.06 17.50
N ALA F 184 39.83 -7.80 17.49
CA ALA F 184 39.83 -9.21 17.88
C ALA F 184 40.12 -9.37 19.36
N SER F 185 39.82 -10.56 19.87
CA SER F 185 39.98 -10.88 21.28
C SER F 185 41.30 -11.61 21.50
N SER F 186 41.59 -11.92 22.78
CA SER F 186 42.84 -12.57 23.12
C SER F 186 42.91 -13.98 22.54
N ILE F 187 41.77 -14.71 22.52
CA ILE F 187 41.81 -16.08 22.03
C ILE F 187 41.89 -16.11 20.51
N ASP F 188 41.50 -15.02 19.83
CA ASP F 188 41.70 -14.93 18.39
C ASP F 188 43.18 -14.85 18.03
N LEU F 189 44.02 -14.42 18.96
CA LEU F 189 45.46 -14.33 18.73
C LEU F 189 46.18 -15.63 19.03
N ALA F 190 45.52 -16.61 19.61
CA ALA F 190 46.16 -17.88 19.93
C ALA F 190 46.74 -18.47 18.65
N PRO F 191 48.04 -18.77 18.59
CA PRO F 191 48.62 -19.29 17.34
C PRO F 191 47.88 -20.50 16.80
N THR F 192 47.35 -21.36 17.68
CA THR F 192 46.62 -22.54 17.21
C THR F 192 45.33 -22.15 16.51
N VAL F 193 44.71 -21.04 16.90
CA VAL F 193 43.47 -20.61 16.26
C VAL F 193 43.75 -19.93 14.92
N ILE F 194 44.82 -19.14 14.84
CA ILE F 194 45.17 -18.49 13.58
C ILE F 194 45.50 -19.53 12.51
N ARG F 195 46.25 -20.58 12.89
CA ARG F 195 46.57 -21.62 11.92
C ARG F 195 45.32 -22.35 11.43
N GLU F 196 44.41 -22.68 12.35
CA GLU F 196 43.19 -23.36 11.95
C GLU F 196 42.41 -22.51 10.94
N ARG F 197 42.31 -21.21 11.18
CA ARG F 197 41.59 -20.34 10.26
C ARG F 197 42.36 -20.14 8.96
N GLU F 198 43.68 -20.02 9.04
CA GLU F 198 44.48 -19.88 7.83
C GLU F 198 44.32 -21.10 6.92
N GLU F 199 44.23 -22.29 7.51
CA GLU F 199 44.07 -23.50 6.70
C GLU F 199 42.80 -23.42 5.86
N LEU F 200 41.69 -23.03 6.49
CA LEU F 200 40.45 -22.87 5.74
C LEU F 200 40.62 -21.85 4.62
N LEU F 201 41.32 -20.74 4.91
CA LEU F 201 41.54 -19.72 3.90
C LEU F 201 42.38 -20.25 2.75
N ARG F 202 43.44 -21.00 3.06
CA ARG F 202 44.27 -21.56 2.00
C ARG F 202 43.52 -22.63 1.22
N LEU F 203 42.64 -23.39 1.89
CA LEU F 203 41.79 -24.35 1.20
C LEU F 203 40.75 -23.66 0.32
N SER F 204 40.30 -22.46 0.72
CA SER F 204 39.26 -21.77 -0.02
C SER F 204 39.75 -21.20 -1.35
N PHE F 205 41.07 -21.07 -1.53
CA PHE F 205 41.62 -20.49 -2.75
C PHE F 205 42.62 -21.40 -3.44
N GLN F 206 42.73 -22.67 -3.03
CA GLN F 206 43.70 -23.56 -3.65
C GLN F 206 43.33 -23.85 -5.11
N ASP F 207 42.05 -23.74 -5.46
CA ASP F 207 41.61 -23.91 -6.83
C ASP F 207 41.34 -22.58 -7.52
N SER F 208 41.60 -21.45 -6.85
CA SER F 208 41.35 -20.15 -7.45
C SER F 208 42.31 -19.91 -8.60
N ARG F 209 41.81 -19.24 -9.64
CA ARG F 209 42.61 -18.96 -10.83
C ARG F 209 43.23 -17.57 -10.82
N TRP F 210 42.50 -16.56 -10.33
CA TRP F 210 42.98 -15.19 -10.35
C TRP F 210 43.10 -14.59 -8.95
N LEU F 211 42.88 -15.39 -7.91
CA LEU F 211 43.13 -14.95 -6.54
C LEU F 211 44.16 -15.90 -5.91
N LYS F 212 44.79 -15.42 -4.85
CA LYS F 212 45.78 -16.21 -4.13
C LYS F 212 45.93 -15.66 -2.73
N VAL F 213 46.37 -16.52 -1.82
CA VAL F 213 46.71 -16.12 -0.46
C VAL F 213 48.11 -16.62 -0.15
N SER F 214 48.79 -15.91 0.76
CA SER F 214 50.13 -16.31 1.13
C SER F 214 50.14 -17.69 1.77
N GLN F 215 51.14 -18.50 1.42
CA GLN F 215 51.30 -19.82 1.99
C GLN F 215 52.24 -19.84 3.19
N GLU F 216 52.72 -18.67 3.63
CA GLU F 216 53.62 -18.57 4.77
C GLU F 216 52.82 -18.40 6.06
N PRO F 217 53.10 -19.18 7.11
CA PRO F 217 52.29 -19.05 8.34
C PRO F 217 52.22 -17.62 8.83
N PHE F 218 51.04 -17.25 9.32
CA PHE F 218 50.78 -15.93 9.91
C PHE F 218 50.90 -14.80 8.90
N LYS F 219 50.94 -15.09 7.60
CA LYS F 219 50.91 -14.07 6.57
C LYS F 219 49.59 -14.05 5.81
N THR F 220 48.71 -15.02 6.05
CA THR F 220 47.41 -15.10 5.40
C THR F 220 46.31 -14.44 6.22
N LEU F 221 46.29 -14.69 7.53
CA LEU F 221 45.31 -14.11 8.44
C LEU F 221 46.05 -13.29 9.49
N ILE F 222 45.87 -11.97 9.45
CA ILE F 222 46.49 -11.06 10.40
C ILE F 222 45.45 -10.63 11.41
N VAL F 223 45.82 -10.68 12.69
CA VAL F 223 44.91 -10.40 13.80
C VAL F 223 45.44 -9.21 14.58
N LEU F 224 44.59 -8.23 14.81
CA LEU F 224 44.97 -7.02 15.52
C LEU F 224 43.98 -6.74 16.64
N GLU F 225 44.47 -6.07 17.68
CA GLU F 225 43.66 -5.75 18.86
C GLU F 225 43.08 -7.03 19.45
N ASN F 248 54.14 2.05 20.99
CA ASN F 248 54.19 2.11 19.54
C ASN F 248 54.35 0.72 18.93
N GLU F 249 54.14 -0.31 19.75
CA GLU F 249 54.16 -1.67 19.23
C GLU F 249 53.07 -1.87 18.19
N PHE F 250 52.01 -1.07 18.26
CA PHE F 250 50.93 -1.16 17.29
C PHE F 250 51.39 -0.71 15.92
N ASP F 251 52.11 0.42 15.85
CA ASP F 251 52.55 0.94 14.55
C ASP F 251 53.63 0.06 13.93
N GLU F 252 54.46 -0.58 14.76
CA GLU F 252 55.48 -1.49 14.24
C GLU F 252 54.85 -2.61 13.43
N GLN F 253 53.67 -3.08 13.84
CA GLN F 253 53.00 -4.14 13.09
C GLN F 253 52.52 -3.64 11.73
N ILE F 254 51.94 -2.45 11.68
CA ILE F 254 51.51 -1.90 10.38
C ILE F 254 52.72 -1.65 9.50
N ALA F 255 53.82 -1.18 10.09
CA ALA F 255 55.04 -0.97 9.30
C ALA F 255 55.54 -2.30 8.73
N GLU F 256 55.48 -3.37 9.53
CA GLU F 256 55.88 -4.68 9.03
C GLU F 256 54.92 -5.16 7.96
N LEU F 257 53.62 -4.99 8.18
CA LEU F 257 52.62 -5.37 7.18
C LEU F 257 52.78 -4.53 5.92
N ARG F 258 52.96 -3.21 6.08
CA ARG F 258 53.16 -2.34 4.93
C ARG F 258 54.31 -2.83 4.05
N GLU F 259 55.39 -3.32 4.68
CA GLU F 259 56.50 -3.85 3.91
C GLU F 259 56.13 -5.15 3.22
N GLU F 260 55.32 -5.98 3.87
CA GLU F 260 54.94 -7.26 3.28
C GLU F 260 54.05 -7.08 2.05
N LEU F 261 53.31 -5.97 1.98
CA LEU F 261 52.41 -5.73 0.85
C LEU F 261 53.14 -5.37 -0.44
N GLN F 262 54.47 -5.26 -0.43
CA GLN F 262 55.24 -5.08 -1.64
C GLN F 262 55.82 -6.38 -2.18
N LYS F 263 55.70 -7.48 -1.45
CA LYS F 263 56.32 -8.74 -1.85
C LYS F 263 55.56 -9.36 -3.02
N ASN F 264 54.45 -10.02 -2.72
CA ASN F 264 53.72 -10.80 -3.72
C ASN F 264 52.88 -9.86 -4.59
N ARG F 265 53.59 -9.16 -5.48
CA ARG F 265 52.95 -8.34 -6.50
C ARG F 265 53.17 -9.00 -7.85
N GLU F 266 52.20 -8.83 -8.74
CA GLU F 266 52.29 -9.31 -10.11
C GLU F 266 51.80 -8.21 -11.03
N ASP F 267 52.64 -7.82 -11.99
CA ASP F 267 52.31 -6.68 -12.83
C ASP F 267 51.07 -6.98 -13.67
N PHE F 268 50.30 -5.93 -13.95
CA PHE F 268 49.15 -6.07 -14.83
C PHE F 268 49.55 -6.30 -16.27
N THR F 269 50.75 -5.88 -16.65
CA THR F 269 51.20 -5.96 -18.03
C THR F 269 51.93 -7.28 -18.26
N VAL F 270 51.88 -7.77 -19.49
CA VAL F 270 52.72 -8.90 -19.87
C VAL F 270 54.17 -8.48 -19.93
N GLU F 271 54.45 -7.30 -20.50
CA GLU F 271 55.80 -6.80 -20.57
C GLU F 271 56.10 -5.92 -19.37
N THR F 272 57.33 -6.00 -18.88
CA THR F 272 57.73 -5.27 -17.69
C THR F 272 57.69 -3.77 -17.93
N ALA F 273 57.15 -3.04 -16.94
CA ALA F 273 57.19 -1.58 -16.93
C ALA F 273 56.50 -0.98 -18.14
N ALA F 274 55.50 -1.68 -18.67
CA ALA F 274 54.76 -1.22 -19.84
C ALA F 274 53.58 -0.33 -19.48
N ASP F 276 52.45 2.83 -17.15
CA ASP F 276 52.46 3.95 -16.22
C ASP F 276 51.14 3.99 -15.45
N GLU F 277 51.12 4.80 -14.38
CA GLU F 277 49.93 4.91 -13.55
C GLU F 277 48.73 5.41 -14.34
N LYS F 278 48.94 6.23 -15.37
CA LYS F 278 47.83 6.73 -16.16
C LYS F 278 47.24 5.63 -17.04
N LYS F 279 48.08 4.75 -17.59
CA LYS F 279 47.55 3.63 -18.34
C LYS F 279 46.77 2.68 -17.43
N TRP F 280 47.09 2.65 -16.14
CA TRP F 280 46.32 1.87 -15.19
C TRP F 280 44.92 2.46 -15.00
N LEU F 281 44.82 3.78 -14.91
CA LEU F 281 43.51 4.40 -14.77
C LEU F 281 42.69 4.21 -16.05
N ASP F 282 43.35 4.20 -17.21
CA ASP F 282 42.63 3.89 -18.44
C ASP F 282 42.15 2.44 -18.47
N CYS F 284 41.18 0.99 -15.77
CA CYS F 284 40.04 1.04 -14.87
C CYS F 284 38.78 1.49 -15.60
N ARG F 285 38.91 2.42 -16.56
CA ARG F 285 37.73 2.84 -17.31
C ARG F 285 37.24 1.75 -18.25
N GLU F 286 38.13 0.91 -18.75
CA GLU F 286 37.71 -0.13 -19.68
C GLU F 286 37.04 -1.31 -18.99
N VAL F 287 37.40 -1.57 -17.73
CA VAL F 287 36.73 -2.64 -16.98
C VAL F 287 35.30 -2.24 -16.67
N ILE F 288 35.11 -1.01 -16.18
CA ILE F 288 33.77 -0.55 -15.82
C ILE F 288 32.85 -0.46 -17.03
N ARG F 289 33.42 -0.39 -18.24
CA ARG F 289 32.64 -0.32 -19.47
C ARG F 289 32.44 -1.68 -20.12
N ASP F 290 33.24 -2.68 -19.75
CA ASP F 290 33.26 -3.94 -20.48
C ASP F 290 31.87 -4.58 -20.53
N LYS F 291 31.50 -5.05 -21.71
CA LYS F 291 30.17 -5.64 -21.90
C LYS F 291 30.11 -7.04 -21.32
N THR F 292 31.18 -7.82 -21.48
CA THR F 292 31.20 -9.17 -20.93
C THR F 292 31.07 -9.15 -19.41
N LEU F 293 31.71 -8.19 -18.76
CA LEU F 293 31.61 -8.09 -17.30
C LEU F 293 30.18 -7.81 -16.87
N HIS F 294 29.52 -6.85 -17.54
CA HIS F 294 28.14 -6.53 -17.18
C HIS F 294 27.20 -7.70 -17.46
N LYS F 295 27.39 -8.38 -18.59
CA LYS F 295 26.52 -9.50 -18.92
C LYS F 295 26.62 -10.59 -17.85
N THR F 296 27.82 -10.83 -17.34
CA THR F 296 27.99 -11.84 -16.29
C THR F 296 27.39 -11.38 -14.98
N LEU F 297 27.49 -10.08 -14.68
CA LEU F 297 26.86 -9.54 -13.48
C LEU F 297 25.35 -9.74 -13.50
N LYS F 298 24.71 -9.47 -14.65
CA LYS F 298 23.26 -9.60 -14.72
C LYS F 298 22.84 -11.04 -14.48
N GLU F 299 23.59 -12.00 -15.02
CA GLU F 299 23.25 -13.40 -14.81
C GLU F 299 23.36 -13.79 -13.34
N TYR F 300 24.21 -13.10 -12.58
CA TYR F 300 24.30 -13.35 -11.14
C TYR F 300 23.05 -12.82 -10.43
N GLN F 301 22.71 -11.55 -10.67
CA GLN F 301 21.55 -10.97 -10.03
C GLN F 301 20.28 -11.75 -10.37
N ARG F 302 20.18 -12.21 -11.62
CA ARG F 302 19.04 -13.04 -12.00
C ARG F 302 19.07 -14.38 -11.28
N ALA F 303 20.24 -14.99 -11.14
CA ALA F 303 20.35 -16.27 -10.46
C ALA F 303 19.95 -16.19 -8.99
N THR F 305 17.60 -14.69 -7.89
CA THR F 305 16.15 -14.73 -7.90
C THR F 305 15.64 -15.86 -8.77
#